data_5LRB
#
_entry.id   5LRB
#
_cell.length_a   230.330
_cell.length_b   63.680
_cell.length_c   149.330
_cell.angle_alpha   90.00
_cell.angle_beta   115.07
_cell.angle_gamma   90.00
#
_symmetry.space_group_name_H-M   'C 1 2 1'
#
loop_
_entity.id
_entity.type
_entity.pdbx_description
1 polymer 'Alpha-1,4 glucan phosphorylase'
2 branched 4,6-dideoxy-4-{[(1S,4R,5S,6S)-4,5,6-trihydroxy-3-(hydroxymethyl)cyclohex-2-en-1-yl]amino}-alpha-D-glucopyranose-(1-4)-alpha-D-glucopyranose-(1-4)-alpha-D-glucopyranose
3 non-polymer alpha-D-glucopyranose
4 non-polymer "PYRIDOXAL-5'-PHOSPHATE"
5 water water
#
_entity_poly.entity_id   1
_entity_poly.type   'polypeptide(L)'
_entity_poly.pdbx_seq_one_letter_code
;MRSVASDREVRGPASTEEELSAVLTSIDSSAIASNIQHHADFTPLFSPEHSSPLKAYHATAKSVFDSLIMNWNATYDYYN
KVNAKQAYYLSMEFLQGRALTNAIGNLELTGQYAEALKQLGHNLEDVASQEPDPALGNGGLGRLASCFLDSLATLNYPAW
GYGLRYRYGLFKQIITKDGQEEVAENWLEMGNPWEIVRNDVSYPVKFYGKVVEGTDGRKHWIGGENIKAVAHDVPIPGYK
TKTTNNLRLWSTTVPSQNFDLGAFNAGDHAKANEAHLNAEKICHVLYPGDESSEGKILRLKQQYTLCSASLQDIISRFES
RAGDSLNWEDFPSKVAVQMNDTHPTLCIPELMRILMDIKGLSWNEAWSITERTVAYTNHTVLPEALEKWSLDIMQKLLPR
HVEIIETIDEELMNNIVSKYGTADISLLKQKLKDMRILDNVDLPASVAKLFIKPKEKRGKLLVESLESIAEADEKTESQE
VENILSETTEKKAESDSEEAPDAEKEDPEYELDPFAKYDPQFPRVVRMANLCVVGGHSVNGVAEIHSEIVKQDVFNSFYE
MWPTKFQNKTNGVTPRRWIRFCNPELSTIISKWIGSDDWILNTDKLAGLKKFADDEDLQSEWRTAKRNNKMKVVSLIRDK
TGYIVSPDAMFDVQVKRIHEYKRQLLNILGIVYRYKKMKEMSAKDRRKSFVPRVCIFGGKAFATYVQAKRIVKFITDVAA
TVNYDPDIGDLLKVVFVPDYNVSVAETLIPASELSQHISTAGMEASGTSNMKFAMNGCLLIGTLDGANVEIREEVGEENF
FLFGAHAPEIAGLRQERAEGKFVPDLRFEEVKEYVRSGVFGTSNYDELMGSLEGNEGYGRADYFLVGKDFPSYIECQEKV
DEAYRDQKLWTRMSILNTAGSPKFSSDRTIHEYAKDIWDISPVIMPTFPDIENLYFQG
;
_entity_poly.pdbx_strand_id   A,B
#
# COMPACT_ATOMS: atom_id res chain seq x y z
N ILE A 27 46.55 1.36 -28.69
CA ILE A 27 45.59 1.78 -29.77
C ILE A 27 45.33 3.30 -29.68
N ASP A 28 46.05 4.07 -30.50
CA ASP A 28 45.99 5.54 -30.50
C ASP A 28 45.15 6.09 -31.67
N SER A 29 44.88 7.40 -31.64
CA SER A 29 43.90 8.00 -32.56
C SER A 29 44.39 8.05 -34.01
N SER A 30 45.70 8.12 -34.19
CA SER A 30 46.32 8.17 -35.51
C SER A 30 46.01 6.89 -36.34
N ALA A 31 45.96 5.74 -35.67
CA ALA A 31 45.69 4.46 -36.33
C ALA A 31 44.20 4.29 -36.65
N ILE A 32 43.33 4.74 -35.75
CA ILE A 32 41.89 4.69 -35.95
C ILE A 32 41.50 5.53 -37.17
N ALA A 33 42.12 6.71 -37.30
CA ALA A 33 41.88 7.57 -38.44
C ALA A 33 42.20 6.86 -39.76
N SER A 34 43.24 6.01 -39.76
CA SER A 34 43.57 5.20 -40.93
C SER A 34 42.52 4.13 -41.19
N ASN A 35 42.06 3.47 -40.13
CA ASN A 35 41.10 2.38 -40.27
C ASN A 35 39.73 2.91 -40.67
N ILE A 36 39.39 4.12 -40.26
CA ILE A 36 38.18 4.78 -40.74
C ILE A 36 38.30 5.02 -42.25
N GLN A 37 39.42 5.61 -42.65
CA GLN A 37 39.68 5.89 -44.07
C GLN A 37 39.64 4.59 -44.88
N HIS A 38 40.30 3.57 -44.36
CA HIS A 38 40.33 2.26 -45.00
C HIS A 38 38.90 1.74 -45.27
N HIS A 39 38.04 1.78 -44.26
CA HIS A 39 36.69 1.27 -44.43
C HIS A 39 35.85 2.11 -45.40
N ALA A 40 36.14 3.41 -45.48
CA ALA A 40 35.47 4.29 -46.44
C ALA A 40 35.81 3.87 -47.87
N ASP A 41 37.05 3.45 -48.08
CA ASP A 41 37.54 3.17 -49.44
C ASP A 41 37.54 1.69 -49.81
N PHE A 42 37.73 0.80 -48.83
CA PHE A 42 37.88 -0.64 -49.12
C PHE A 42 36.75 -1.55 -48.64
N THR A 43 35.78 -1.00 -47.91
CA THR A 43 34.45 -1.65 -47.80
C THR A 43 33.37 -0.60 -48.14
N PRO A 44 33.49 0.03 -49.33
CA PRO A 44 32.72 1.23 -49.71
C PRO A 44 31.23 1.02 -50.03
N LEU A 45 30.44 2.08 -49.81
CA LEU A 45 28.99 2.14 -50.11
C LEU A 45 28.63 3.31 -51.03
N PHE A 46 29.61 4.13 -51.40
CA PHE A 46 29.38 5.35 -52.15
C PHE A 46 30.49 5.53 -53.19
N SER A 47 30.33 6.52 -54.06
CA SER A 47 31.39 6.89 -54.99
C SER A 47 32.59 7.38 -54.16
N PRO A 48 33.81 7.31 -54.73
CA PRO A 48 34.99 7.69 -53.96
C PRO A 48 35.08 9.19 -53.70
N GLU A 49 34.72 10.01 -54.70
CA GLU A 49 34.79 11.46 -54.58
C GLU A 49 33.67 12.05 -53.71
N HIS A 50 32.64 11.25 -53.44
CA HIS A 50 31.51 11.69 -52.60
C HIS A 50 31.93 11.95 -51.15
N SER A 51 31.41 13.00 -50.55
CA SER A 51 31.79 13.40 -49.18
C SER A 51 30.57 13.75 -48.33
N SER A 52 30.29 12.91 -47.34
CA SER A 52 29.07 13.00 -46.53
C SER A 52 29.37 12.72 -45.09
N PRO A 53 28.67 13.40 -44.16
CA PRO A 53 28.70 12.97 -42.78
C PRO A 53 28.21 11.53 -42.68
N LEU A 54 27.21 11.18 -43.48
CA LEU A 54 26.68 9.83 -43.53
C LEU A 54 27.75 8.83 -43.94
N LYS A 55 28.48 9.14 -44.99
CA LYS A 55 29.54 8.27 -45.48
C LYS A 55 30.58 8.06 -44.39
N ALA A 56 30.91 9.14 -43.68
CA ALA A 56 31.82 9.06 -42.54
C ALA A 56 31.27 8.14 -41.45
N TYR A 57 29.95 8.14 -41.28
CA TYR A 57 29.32 7.27 -40.29
C TYR A 57 29.52 5.79 -40.62
N HIS A 58 29.12 5.37 -41.81
CA HIS A 58 29.26 3.96 -42.20
C HIS A 58 30.71 3.47 -42.07
N ALA A 59 31.67 4.34 -42.37
CA ALA A 59 33.07 4.02 -42.23
C ALA A 59 33.47 3.91 -40.75
N THR A 60 33.04 4.87 -39.96
CA THR A 60 33.34 4.90 -38.53
C THR A 60 32.69 3.72 -37.83
N ALA A 61 31.45 3.41 -38.22
CA ALA A 61 30.72 2.26 -37.68
C ALA A 61 31.54 0.99 -37.91
N LYS A 62 32.01 0.82 -39.14
CA LYS A 62 32.76 -0.39 -39.49
C LYS A 62 34.12 -0.49 -38.80
N SER A 63 34.72 0.65 -38.46
CA SER A 63 36.02 0.65 -37.81
C SER A 63 35.86 0.19 -36.36
N VAL A 64 34.81 0.66 -35.70
CA VAL A 64 34.48 0.22 -34.34
C VAL A 64 34.15 -1.26 -34.39
N PHE A 65 33.40 -1.65 -35.41
CA PHE A 65 32.94 -3.03 -35.56
C PHE A 65 34.06 -4.03 -35.59
N ASP A 66 35.21 -3.66 -36.16
CA ASP A 66 36.40 -4.52 -36.14
C ASP A 66 36.74 -5.00 -34.74
N SER A 67 36.61 -4.09 -33.77
CA SER A 67 36.84 -4.42 -32.36
C SER A 67 35.80 -5.43 -31.86
N LEU A 68 34.54 -5.23 -32.23
CA LEU A 68 33.46 -6.10 -31.78
C LEU A 68 33.58 -7.51 -32.34
N ILE A 69 34.03 -7.62 -33.57
CA ILE A 69 34.25 -8.92 -34.19
C ILE A 69 35.30 -9.70 -33.40
N MET A 70 36.49 -9.11 -33.23
CA MET A 70 37.55 -9.73 -32.44
C MET A 70 37.02 -10.25 -31.12
N ASN A 71 36.33 -9.37 -30.40
CA ASN A 71 35.81 -9.67 -29.07
C ASN A 71 34.64 -10.66 -29.09
N TRP A 72 33.80 -10.55 -30.11
CA TRP A 72 32.68 -11.48 -30.29
C TRP A 72 33.18 -12.89 -30.53
N ASN A 73 34.20 -13.02 -31.38
CA ASN A 73 34.74 -14.34 -31.70
C ASN A 73 35.44 -14.96 -30.52
N ALA A 74 36.08 -14.13 -29.72
CA ALA A 74 36.75 -14.60 -28.50
C ALA A 74 35.74 -15.06 -27.46
N THR A 75 34.67 -14.30 -27.29
CA THR A 75 33.60 -14.65 -26.36
C THR A 75 32.92 -15.94 -26.82
N TYR A 76 32.65 -16.04 -28.12
CA TYR A 76 31.99 -17.22 -28.71
C TYR A 76 32.80 -18.48 -28.47
N ASP A 77 34.09 -18.40 -28.80
CA ASP A 77 35.02 -19.50 -28.69
C ASP A 77 35.20 -19.97 -27.23
N TYR A 78 35.27 -19.04 -26.28
CA TYR A 78 35.55 -19.41 -24.89
C TYR A 78 34.32 -20.01 -24.21
N TYR A 79 33.14 -19.56 -24.60
CA TYR A 79 31.88 -20.14 -24.15
C TYR A 79 31.76 -21.60 -24.57
N ASN A 80 32.22 -21.92 -25.78
CA ASN A 80 32.24 -23.30 -26.25
C ASN A 80 33.20 -24.16 -25.41
N LYS A 81 34.36 -23.62 -25.08
CA LYS A 81 35.34 -24.35 -24.26
C LYS A 81 34.76 -24.71 -22.90
N VAL A 82 34.21 -23.71 -22.22
CA VAL A 82 33.77 -23.84 -20.84
C VAL A 82 32.42 -24.57 -20.76
N ASN A 83 31.61 -24.42 -21.80
CA ASN A 83 30.31 -25.09 -21.86
C ASN A 83 29.46 -24.86 -20.61
N ALA A 84 29.51 -23.63 -20.09
CA ALA A 84 28.67 -23.26 -18.96
C ALA A 84 27.24 -23.07 -19.44
N LYS A 85 26.31 -23.09 -18.50
CA LYS A 85 24.90 -22.87 -18.79
C LYS A 85 24.78 -21.48 -19.42
N GLN A 86 24.05 -21.40 -20.53
CA GLN A 86 23.89 -20.16 -21.27
C GLN A 86 22.43 -19.74 -21.13
N ALA A 87 22.20 -18.44 -20.99
CA ALA A 87 20.84 -17.93 -20.86
C ALA A 87 20.40 -17.34 -22.19
N TYR A 88 19.10 -17.43 -22.48
CA TYR A 88 18.58 -16.99 -23.76
C TYR A 88 17.30 -16.20 -23.58
N TYR A 89 17.35 -14.94 -24.00
CA TYR A 89 16.26 -13.99 -23.79
C TYR A 89 15.49 -13.77 -25.08
N LEU A 90 14.28 -14.33 -25.15
CA LEU A 90 13.44 -14.19 -26.34
C LEU A 90 12.49 -13.03 -26.15
N SER A 91 12.40 -12.18 -27.16
CA SER A 91 11.44 -11.07 -27.17
C SER A 91 11.02 -10.74 -28.59
N MET A 92 9.81 -10.26 -28.76
CA MET A 92 9.37 -9.73 -30.05
C MET A 92 9.91 -8.33 -30.31
N GLU A 93 10.42 -7.67 -29.26
CA GLU A 93 10.96 -6.32 -29.39
C GLU A 93 12.41 -6.29 -28.92
N PHE A 94 13.24 -5.53 -29.64
CA PHE A 94 14.51 -5.04 -29.10
C PHE A 94 14.70 -3.58 -29.50
N LEU A 95 14.44 -2.65 -28.57
CA LEU A 95 14.67 -1.22 -28.85
C LEU A 95 16.16 -0.91 -28.68
N GLN A 96 16.97 -1.38 -29.61
CA GLN A 96 18.43 -1.25 -29.50
C GLN A 96 18.95 0.18 -29.46
N GLY A 97 18.39 1.04 -30.30
CA GLY A 97 18.88 2.41 -30.38
C GLY A 97 20.16 2.46 -31.19
N ARG A 98 20.71 3.67 -31.34
CA ARG A 98 21.97 3.86 -32.06
C ARG A 98 23.11 3.16 -31.34
N ALA A 99 23.93 2.43 -32.09
CA ALA A 99 24.99 1.62 -31.49
C ALA A 99 26.33 2.35 -31.35
N LEU A 100 26.58 3.35 -32.20
CA LEU A 100 27.88 3.98 -32.30
C LEU A 100 28.40 4.58 -30.99
N THR A 101 27.67 5.53 -30.42
CA THR A 101 28.12 6.20 -29.19
C THR A 101 28.36 5.23 -28.03
N ASN A 102 27.52 4.18 -27.92
CA ASN A 102 27.67 3.20 -26.83
C ASN A 102 28.74 2.14 -27.05
N ALA A 103 29.01 1.81 -28.31
CA ALA A 103 30.08 0.88 -28.64
C ALA A 103 31.42 1.51 -28.28
N ILE A 104 31.64 2.69 -28.84
CA ILE A 104 32.87 3.45 -28.62
C ILE A 104 33.08 3.74 -27.13
N GLY A 105 31.99 4.03 -26.44
CA GLY A 105 32.02 4.27 -25.01
C GLY A 105 32.45 3.04 -24.24
N ASN A 106 31.79 1.91 -24.49
CA ASN A 106 32.12 0.67 -23.79
C ASN A 106 33.56 0.20 -24.06
N LEU A 107 34.11 0.52 -25.22
CA LEU A 107 35.52 0.24 -25.53
C LEU A 107 36.50 1.25 -24.93
N GLU A 108 35.96 2.34 -24.39
CA GLU A 108 36.75 3.46 -23.86
C GLU A 108 37.70 4.05 -24.92
N LEU A 109 37.22 4.17 -26.15
CA LEU A 109 37.97 4.81 -27.21
C LEU A 109 37.26 6.09 -27.63
N THR A 110 36.44 6.60 -26.71
CA THR A 110 35.54 7.69 -26.99
C THR A 110 36.28 9.01 -27.24
N GLY A 111 37.37 9.23 -26.50
CA GLY A 111 38.23 10.38 -26.71
C GLY A 111 39.00 10.30 -28.01
N GLN A 112 39.59 9.14 -28.29
CA GLN A 112 40.46 9.00 -29.46
C GLN A 112 39.70 8.92 -30.78
N TYR A 113 38.50 8.34 -30.78
CA TYR A 113 37.65 8.36 -31.97
C TYR A 113 37.26 9.78 -32.35
N ALA A 114 37.01 10.59 -31.33
CA ALA A 114 36.64 11.98 -31.55
C ALA A 114 37.75 12.71 -32.27
N GLU A 115 38.99 12.53 -31.81
CA GLU A 115 40.14 13.17 -32.44
C GLU A 115 40.42 12.59 -33.82
N ALA A 116 40.35 11.26 -33.93
CA ALA A 116 40.50 10.59 -35.23
C ALA A 116 39.56 11.18 -36.28
N LEU A 117 38.37 11.59 -35.84
CA LEU A 117 37.40 12.21 -36.75
C LEU A 117 37.69 13.69 -37.04
N LYS A 118 38.34 14.39 -36.11
CA LYS A 118 38.79 15.76 -36.39
C LYS A 118 39.80 15.76 -37.55
N GLN A 119 40.74 14.83 -37.51
CA GLN A 119 41.75 14.65 -38.57
C GLN A 119 41.10 14.55 -39.95
N LEU A 120 39.98 13.83 -40.03
CA LEU A 120 39.30 13.60 -41.30
C LEU A 120 38.26 14.69 -41.63
N GLY A 121 38.19 15.73 -40.81
CA GLY A 121 37.32 16.89 -41.07
C GLY A 121 35.87 16.65 -40.65
N HIS A 122 35.71 15.84 -39.61
CA HIS A 122 34.40 15.48 -39.10
C HIS A 122 34.30 15.66 -37.59
N ASN A 123 33.07 15.53 -37.10
CA ASN A 123 32.74 15.78 -35.73
C ASN A 123 31.91 14.60 -35.20
N LEU A 124 32.45 13.87 -34.25
CA LEU A 124 31.82 12.64 -33.76
C LEU A 124 30.33 12.85 -33.50
N GLU A 125 30.00 13.85 -32.71
CA GLU A 125 28.60 14.15 -32.38
C GLU A 125 27.74 14.25 -33.66
N ASP A 126 28.22 15.05 -34.61
CA ASP A 126 27.58 15.27 -35.92
C ASP A 126 27.48 13.98 -36.77
N VAL A 127 28.53 13.14 -36.71
CA VAL A 127 28.56 11.85 -37.42
C VAL A 127 27.57 10.85 -36.80
N ALA A 128 27.61 10.77 -35.48
CA ALA A 128 26.74 9.88 -34.70
C ALA A 128 25.26 10.12 -35.02
N SER A 129 24.90 11.38 -35.23
CA SER A 129 23.50 11.77 -35.46
C SER A 129 23.01 11.41 -36.87
N GLN A 130 23.86 10.81 -37.69
CA GLN A 130 23.48 10.34 -39.01
C GLN A 130 23.00 8.89 -38.97
N GLU A 131 23.26 8.21 -37.85
CA GLU A 131 22.87 6.80 -37.69
C GLU A 131 21.36 6.71 -37.49
N PRO A 132 20.71 5.82 -38.24
CA PRO A 132 19.29 5.64 -38.01
C PRO A 132 19.04 4.68 -36.84
N ASP A 133 17.94 4.89 -36.14
CA ASP A 133 17.53 4.00 -35.07
C ASP A 133 17.03 2.71 -35.67
N PRO A 134 17.60 1.56 -35.24
CA PRO A 134 17.06 0.30 -35.73
C PRO A 134 15.61 0.20 -35.33
N ALA A 135 14.76 -0.17 -36.28
CA ALA A 135 13.32 -0.28 -36.02
C ALA A 135 12.99 -1.68 -35.58
N LEU A 136 13.67 -2.15 -34.52
CA LEU A 136 13.55 -3.53 -34.04
C LEU A 136 12.66 -3.66 -32.81
N GLY A 137 12.04 -2.55 -32.39
CA GLY A 137 11.21 -2.55 -31.19
C GLY A 137 10.28 -1.37 -31.15
N ASN A 138 9.73 -1.07 -29.98
CA ASN A 138 8.73 -0.03 -29.87
C ASN A 138 8.75 0.63 -28.49
N GLY A 139 8.34 -0.11 -27.48
CA GLY A 139 8.15 0.43 -26.13
C GLY A 139 9.01 -0.26 -25.09
N GLY A 140 8.56 -0.17 -23.83
CA GLY A 140 9.31 -0.66 -22.68
C GLY A 140 9.81 -2.09 -22.80
N LEU A 141 8.94 -2.97 -23.28
CA LEU A 141 9.24 -4.39 -23.43
C LEU A 141 10.56 -4.61 -24.13
N GLY A 142 10.78 -3.83 -25.18
CA GLY A 142 11.97 -3.96 -26.01
C GLY A 142 13.18 -3.26 -25.44
N ARG A 143 12.96 -2.10 -24.82
CA ARG A 143 14.07 -1.33 -24.28
C ARG A 143 14.60 -2.02 -23.04
N LEU A 144 13.72 -2.61 -22.24
CA LEU A 144 14.15 -3.46 -21.14
C LEU A 144 15.08 -4.54 -21.64
N ALA A 145 14.62 -5.25 -22.68
CA ALA A 145 15.38 -6.36 -23.24
C ALA A 145 16.76 -5.89 -23.63
N SER A 146 16.84 -4.74 -24.30
CA SER A 146 18.11 -4.19 -24.77
C SER A 146 19.04 -3.81 -23.61
N CYS A 147 18.50 -3.09 -22.63
CA CYS A 147 19.20 -2.77 -21.39
C CYS A 147 19.69 -4.08 -20.74
N PHE A 148 18.84 -5.10 -20.69
CA PHE A 148 19.23 -6.41 -20.14
C PHE A 148 20.43 -7.06 -20.86
N LEU A 149 20.57 -6.81 -22.16
CA LEU A 149 21.67 -7.37 -22.93
C LEU A 149 22.97 -6.64 -22.64
N ASP A 150 22.88 -5.34 -22.37
CA ASP A 150 24.05 -4.54 -22.01
C ASP A 150 24.60 -5.02 -20.67
N SER A 151 23.70 -5.20 -19.70
CA SER A 151 24.07 -5.58 -18.35
C SER A 151 24.61 -7.02 -18.30
N LEU A 152 24.00 -7.91 -19.08
CA LEU A 152 24.49 -9.29 -19.20
C LEU A 152 25.94 -9.35 -19.71
N ALA A 153 26.26 -8.52 -20.71
CA ALA A 153 27.61 -8.47 -21.28
C ALA A 153 28.57 -7.84 -20.30
N THR A 154 28.18 -6.67 -19.80
CA THR A 154 29.00 -5.91 -18.86
C THR A 154 29.38 -6.75 -17.65
N LEU A 155 28.45 -7.55 -17.13
CA LEU A 155 28.71 -8.43 -15.98
C LEU A 155 29.21 -9.84 -16.35
N ASN A 156 29.60 -10.04 -17.61
CA ASN A 156 30.22 -11.29 -18.07
C ASN A 156 29.31 -12.53 -17.99
N TYR A 157 28.01 -12.35 -18.08
CA TYR A 157 27.08 -13.47 -18.10
C TYR A 157 27.00 -14.04 -19.52
N PRO A 158 27.01 -15.39 -19.66
CA PRO A 158 26.84 -15.98 -20.97
C PRO A 158 25.37 -15.99 -21.37
N ALA A 159 24.99 -15.10 -22.27
CA ALA A 159 23.59 -14.86 -22.58
C ALA A 159 23.38 -14.25 -23.96
N TRP A 160 22.46 -14.83 -24.74
CA TRP A 160 22.09 -14.24 -26.02
C TRP A 160 20.65 -13.73 -25.97
N GLY A 161 20.36 -12.80 -26.86
CA GLY A 161 18.98 -12.41 -27.19
C GLY A 161 18.61 -13.00 -28.53
N TYR A 162 17.39 -13.52 -28.64
CA TYR A 162 16.84 -13.98 -29.91
C TYR A 162 15.66 -13.12 -30.26
N GLY A 163 15.68 -12.58 -31.46
CA GLY A 163 14.55 -11.79 -31.97
C GLY A 163 14.37 -12.00 -33.45
N LEU A 164 13.56 -11.12 -34.05
CA LEU A 164 13.28 -11.11 -35.47
C LEU A 164 13.82 -9.80 -36.04
N ARG A 165 14.21 -9.83 -37.31
CA ARG A 165 14.82 -8.67 -37.95
C ARG A 165 13.84 -7.84 -38.76
N TYR A 166 13.10 -6.95 -38.10
CA TYR A 166 12.04 -6.17 -38.77
C TYR A 166 12.62 -5.18 -39.78
N ARG A 167 12.05 -5.15 -40.98
CA ARG A 167 12.50 -4.27 -42.05
C ARG A 167 11.96 -2.87 -41.79
N TYR A 168 10.63 -2.73 -41.77
CA TYR A 168 9.99 -1.41 -41.67
C TYR A 168 9.62 -1.02 -40.24
N GLY A 169 9.69 -1.98 -39.31
CA GLY A 169 9.41 -1.71 -37.91
C GLY A 169 7.96 -1.41 -37.68
N LEU A 170 7.68 -0.63 -36.64
CA LEU A 170 6.30 -0.26 -36.34
C LEU A 170 5.86 0.85 -37.28
N PHE A 171 6.37 2.07 -37.09
CA PHE A 171 6.26 3.17 -38.05
C PHE A 171 7.04 4.41 -37.63
N LYS A 172 7.46 5.19 -38.63
CA LYS A 172 8.07 6.50 -38.42
C LYS A 172 6.95 7.50 -38.23
N GLN A 173 6.90 8.19 -37.10
CA GLN A 173 5.79 9.12 -36.83
C GLN A 173 6.09 10.49 -37.41
N ILE A 174 5.17 11.03 -38.20
CA ILE A 174 5.27 12.43 -38.62
C ILE A 174 4.05 13.20 -38.14
N ILE A 175 4.28 14.46 -37.79
CA ILE A 175 3.22 15.36 -37.33
C ILE A 175 2.93 16.35 -38.44
N THR A 176 1.69 16.34 -38.92
CA THR A 176 1.23 17.32 -39.91
C THR A 176 0.29 18.27 -39.19
N LYS A 177 -0.50 19.03 -39.93
CA LYS A 177 -1.57 19.81 -39.29
C LYS A 177 -2.82 18.96 -39.06
N ASP A 178 -2.80 17.69 -39.47
CA ASP A 178 -3.93 16.78 -39.23
C ASP A 178 -3.73 15.87 -38.01
N GLY A 179 -2.57 15.93 -37.37
CA GLY A 179 -2.26 15.05 -36.26
C GLY A 179 -1.13 14.13 -36.65
N GLN A 180 -1.18 12.89 -36.21
CA GLN A 180 -0.11 11.97 -36.54
C GLN A 180 -0.42 11.23 -37.84
N GLU A 181 0.61 11.02 -38.63
CA GLU A 181 0.56 10.06 -39.74
C GLU A 181 1.72 9.08 -39.59
N GLU A 182 1.57 7.93 -40.24
CA GLU A 182 2.52 6.82 -40.12
C GLU A 182 3.22 6.52 -41.46
N VAL A 183 4.53 6.43 -41.41
CA VAL A 183 5.39 6.17 -42.57
C VAL A 183 6.26 4.98 -42.22
N ALA A 184 6.40 4.01 -43.13
CA ALA A 184 7.26 2.85 -42.87
C ALA A 184 8.74 3.26 -42.81
N GLU A 185 9.49 2.62 -41.92
CA GLU A 185 10.87 3.05 -41.61
C GLU A 185 11.87 2.63 -42.67
N ASN A 186 12.96 3.37 -42.77
CA ASN A 186 13.96 3.14 -43.81
C ASN A 186 15.34 2.72 -43.28
N TRP A 187 15.39 2.15 -42.07
CA TRP A 187 16.67 1.92 -41.37
C TRP A 187 17.60 0.89 -42.03
N LEU A 188 17.04 0.03 -42.89
CA LEU A 188 17.84 -0.96 -43.63
C LEU A 188 18.16 -0.58 -45.07
N GLU A 189 17.69 0.58 -45.52
CA GLU A 189 17.82 0.97 -46.94
C GLU A 189 19.27 0.86 -47.47
N MET A 190 20.25 1.20 -46.64
CA MET A 190 21.66 1.07 -47.03
C MET A 190 22.37 -0.09 -46.33
N GLY A 191 21.63 -0.87 -45.57
CA GLY A 191 22.20 -1.99 -44.84
C GLY A 191 22.63 -1.58 -43.45
N ASN A 192 22.66 -2.55 -42.55
CA ASN A 192 23.02 -2.32 -41.16
C ASN A 192 24.48 -2.68 -40.96
N PRO A 193 25.34 -1.69 -40.67
CA PRO A 193 26.76 -2.02 -40.46
C PRO A 193 27.04 -2.81 -39.20
N TRP A 194 26.05 -2.89 -38.31
CA TRP A 194 26.22 -3.46 -36.98
C TRP A 194 25.86 -4.93 -36.85
N GLU A 195 25.67 -5.59 -37.99
CA GLU A 195 25.28 -6.99 -38.00
C GLU A 195 26.18 -7.80 -38.92
N ILE A 196 26.18 -9.10 -38.71
CA ILE A 196 26.91 -10.04 -39.54
C ILE A 196 25.92 -11.10 -39.99
N VAL A 197 25.81 -11.30 -41.29
CA VAL A 197 24.92 -12.34 -41.81
C VAL A 197 25.65 -13.67 -41.60
N ARG A 198 24.96 -14.68 -41.07
CA ARG A 198 25.59 -16.00 -40.92
C ARG A 198 24.91 -16.98 -41.86
N ASN A 199 25.45 -17.06 -43.07
CA ASN A 199 24.83 -17.87 -44.12
C ASN A 199 24.79 -19.37 -43.83
N ASP A 200 25.72 -19.88 -43.04
CA ASP A 200 25.67 -21.29 -42.62
C ASP A 200 24.57 -21.55 -41.59
N VAL A 201 24.09 -20.50 -40.96
CA VAL A 201 23.04 -20.63 -39.96
C VAL A 201 21.69 -20.33 -40.58
N SER A 202 21.04 -21.39 -41.07
CA SER A 202 19.71 -21.32 -41.64
C SER A 202 18.89 -22.48 -41.06
N TYR A 203 17.70 -22.20 -40.54
CA TYR A 203 16.80 -23.27 -40.04
C TYR A 203 15.43 -23.30 -40.72
N PRO A 204 14.95 -24.51 -41.08
CA PRO A 204 13.62 -24.64 -41.68
C PRO A 204 12.49 -24.51 -40.66
N VAL A 205 11.44 -23.82 -41.07
CA VAL A 205 10.25 -23.59 -40.27
C VAL A 205 9.03 -23.94 -41.12
N LYS A 206 8.04 -24.55 -40.50
CA LYS A 206 6.95 -25.16 -41.22
C LYS A 206 5.62 -24.55 -40.80
N PHE A 207 4.72 -24.34 -41.76
CA PHE A 207 3.38 -23.79 -41.49
C PHE A 207 2.32 -24.69 -42.10
N TYR A 208 1.17 -24.77 -41.41
CA TYR A 208 0.06 -25.65 -41.77
C TYR A 208 0.49 -27.13 -41.72
N GLY A 209 0.18 -27.91 -42.75
CA GLY A 209 0.55 -29.33 -42.81
C GLY A 209 -0.42 -30.21 -42.07
N LYS A 210 -0.05 -31.48 -41.86
CA LYS A 210 -0.81 -32.37 -41.00
C LYS A 210 0.08 -33.39 -40.34
N VAL A 211 -0.44 -34.04 -39.30
CA VAL A 211 0.32 -35.02 -38.53
C VAL A 211 -0.11 -36.42 -38.92
N VAL A 212 0.85 -37.34 -38.96
CA VAL A 212 0.58 -38.75 -39.21
C VAL A 212 1.49 -39.61 -38.36
N GLU A 213 1.05 -40.83 -38.07
CA GLU A 213 1.82 -41.74 -37.24
C GLU A 213 2.56 -42.74 -38.12
N GLY A 214 3.88 -42.56 -38.22
CA GLY A 214 4.74 -43.45 -39.00
C GLY A 214 4.97 -44.82 -38.37
N THR A 215 5.70 -45.68 -39.07
CA THR A 215 5.95 -47.07 -38.64
C THR A 215 6.48 -47.17 -37.21
N ASP A 216 7.42 -46.27 -36.89
CA ASP A 216 8.16 -46.30 -35.63
C ASP A 216 7.39 -45.70 -34.44
N GLY A 217 6.08 -45.94 -34.38
CA GLY A 217 5.21 -45.37 -33.33
C GLY A 217 5.23 -43.86 -33.18
N ARG A 218 6.14 -43.18 -33.88
CA ARG A 218 6.39 -41.78 -33.67
C ARG A 218 5.56 -40.88 -34.60
N LYS A 219 5.25 -39.70 -34.08
CA LYS A 219 4.51 -38.67 -34.81
C LYS A 219 5.43 -38.01 -35.83
N HIS A 220 4.86 -37.65 -36.99
CA HIS A 220 5.61 -36.95 -38.03
C HIS A 220 4.75 -35.82 -38.61
N TRP A 221 5.26 -34.59 -38.56
CA TRP A 221 4.58 -33.41 -39.09
C TRP A 221 5.03 -33.15 -40.54
N ILE A 222 4.14 -33.41 -41.49
CA ILE A 222 4.50 -33.32 -42.92
C ILE A 222 3.69 -32.27 -43.66
N GLY A 223 4.15 -31.97 -44.87
CA GLY A 223 3.38 -31.13 -45.78
C GLY A 223 3.44 -29.68 -45.38
N GLY A 224 2.37 -28.95 -45.67
CA GLY A 224 2.28 -27.53 -45.35
C GLY A 224 3.21 -26.66 -46.18
N GLU A 225 3.58 -25.51 -45.61
CA GLU A 225 4.37 -24.47 -46.25
C GLU A 225 5.72 -24.43 -45.50
N ASN A 226 6.83 -24.21 -46.20
CA ASN A 226 8.16 -24.21 -45.57
C ASN A 226 9.01 -22.98 -45.91
N ILE A 227 9.51 -22.31 -44.87
CA ILE A 227 10.35 -21.14 -45.06
C ILE A 227 11.69 -21.39 -44.38
N LYS A 228 12.62 -20.44 -44.49
CA LYS A 228 13.88 -20.58 -43.77
C LYS A 228 14.20 -19.31 -43.03
N ALA A 229 14.66 -19.48 -41.80
CA ALA A 229 15.07 -18.40 -40.96
C ALA A 229 16.59 -18.35 -41.00
N VAL A 230 17.15 -17.20 -41.37
CA VAL A 230 18.59 -17.03 -41.46
C VAL A 230 19.04 -16.10 -40.35
N ALA A 231 20.24 -16.33 -39.83
CA ALA A 231 20.74 -15.58 -38.68
C ALA A 231 21.51 -14.32 -39.08
N HIS A 232 21.16 -13.23 -38.40
CA HIS A 232 21.85 -11.95 -38.52
C HIS A 232 22.29 -11.57 -37.12
N ASP A 233 23.58 -11.66 -36.84
CA ASP A 233 24.08 -11.41 -35.49
C ASP A 233 24.40 -9.95 -35.24
N VAL A 234 23.96 -9.42 -34.10
CA VAL A 234 24.33 -8.10 -33.64
C VAL A 234 25.09 -8.22 -32.31
N PRO A 235 26.42 -8.04 -32.34
CA PRO A 235 27.24 -8.11 -31.14
C PRO A 235 26.82 -7.08 -30.10
N ILE A 236 26.88 -7.47 -28.84
CA ILE A 236 26.58 -6.60 -27.71
C ILE A 236 27.83 -6.45 -26.86
N PRO A 237 28.61 -5.39 -27.07
CA PRO A 237 29.82 -5.23 -26.27
C PRO A 237 29.50 -4.78 -24.86
N GLY A 238 30.18 -5.34 -23.88
CA GLY A 238 30.04 -4.91 -22.48
C GLY A 238 30.97 -3.75 -22.17
N TYR A 239 30.73 -3.07 -21.05
CA TYR A 239 31.53 -1.92 -20.62
C TYR A 239 32.74 -2.36 -19.79
N LYS A 240 33.93 -1.90 -20.19
CA LYS A 240 35.20 -2.28 -19.57
C LYS A 240 35.32 -3.80 -19.39
N THR A 241 35.11 -4.52 -20.48
CA THR A 241 35.29 -5.96 -20.54
C THR A 241 35.41 -6.36 -22.01
N LYS A 242 36.11 -7.46 -22.27
CA LYS A 242 36.17 -8.00 -23.62
C LYS A 242 34.89 -8.75 -23.94
N THR A 243 34.18 -9.25 -22.92
CA THR A 243 32.93 -9.98 -23.13
C THR A 243 32.06 -9.25 -24.15
N THR A 244 31.82 -9.88 -25.30
CA THR A 244 30.86 -9.37 -26.27
C THR A 244 29.81 -10.45 -26.57
N ASN A 245 28.63 -10.29 -25.99
CA ASN A 245 27.54 -11.24 -26.18
C ASN A 245 26.85 -10.96 -27.52
N ASN A 246 25.64 -11.47 -27.74
CA ASN A 246 25.04 -11.51 -29.08
C ASN A 246 23.52 -11.37 -29.07
N LEU A 247 23.03 -10.69 -30.10
CA LEU A 247 21.61 -10.66 -30.40
C LEU A 247 21.44 -11.30 -31.76
N ARG A 248 20.95 -12.54 -31.77
CA ARG A 248 20.70 -13.27 -33.01
C ARG A 248 19.31 -12.94 -33.56
N LEU A 249 19.29 -12.39 -34.77
CA LEU A 249 18.04 -11.89 -35.38
C LEU A 249 17.70 -12.70 -36.61
N TRP A 250 16.49 -13.26 -36.62
CA TRP A 250 16.02 -14.08 -37.72
C TRP A 250 15.43 -13.21 -38.81
N SER A 251 15.89 -13.46 -40.05
CA SER A 251 15.30 -12.90 -41.26
C SER A 251 14.72 -14.06 -42.08
N THR A 252 13.42 -14.01 -42.35
CA THR A 252 12.75 -15.05 -43.11
C THR A 252 12.87 -14.88 -44.64
N THR A 253 13.00 -16.00 -45.35
CA THR A 253 13.02 -16.01 -46.82
C THR A 253 12.68 -17.40 -47.33
N VAL A 254 12.66 -17.56 -48.65
CA VAL A 254 12.59 -18.89 -49.30
C VAL A 254 13.64 -18.92 -50.40
N PRO A 255 14.11 -20.12 -50.78
CA PRO A 255 15.18 -20.16 -51.78
C PRO A 255 14.70 -19.71 -53.16
N SER A 256 15.58 -19.02 -53.89
CA SER A 256 15.22 -18.45 -55.18
C SER A 256 14.41 -19.39 -56.06
N GLN A 257 14.67 -20.69 -55.99
CA GLN A 257 13.94 -21.67 -56.79
C GLN A 257 12.42 -21.66 -56.63
N ASN A 258 11.92 -21.17 -55.50
CA ASN A 258 10.47 -21.05 -55.29
C ASN A 258 9.83 -19.91 -56.07
N PHE A 259 10.65 -19.10 -56.72
CA PHE A 259 10.17 -18.09 -57.66
C PHE A 259 9.60 -18.77 -58.91
N ASP A 260 8.36 -18.45 -59.26
CA ASP A 260 7.66 -19.15 -60.35
C ASP A 260 7.83 -18.42 -61.68
N LEU A 261 8.76 -18.91 -62.49
CA LEU A 261 9.03 -18.30 -63.80
C LEU A 261 7.85 -18.35 -64.77
N GLY A 262 7.10 -19.45 -64.72
CA GLY A 262 5.90 -19.63 -65.53
C GLY A 262 4.90 -18.53 -65.26
N ALA A 263 4.67 -18.27 -63.97
CA ALA A 263 3.80 -17.19 -63.56
C ALA A 263 4.34 -15.85 -64.05
N PHE A 264 5.64 -15.62 -63.86
CA PHE A 264 6.26 -14.36 -64.25
C PHE A 264 6.20 -14.12 -65.76
N ASN A 265 6.57 -15.11 -66.56
CA ASN A 265 6.62 -14.92 -68.02
C ASN A 265 5.24 -14.81 -68.66
N ALA A 266 4.25 -15.43 -68.02
CA ALA A 266 2.85 -15.33 -68.39
C ALA A 266 2.27 -13.94 -68.11
N GLY A 267 2.94 -13.19 -67.24
CA GLY A 267 2.61 -11.79 -66.99
C GLY A 267 2.26 -11.52 -65.54
N ASP A 268 1.84 -12.57 -64.83
CA ASP A 268 1.36 -12.47 -63.46
C ASP A 268 2.57 -12.35 -62.54
N HIS A 269 3.07 -11.12 -62.39
CA HIS A 269 4.35 -10.89 -61.73
C HIS A 269 4.21 -11.01 -60.22
N ALA A 270 3.02 -10.72 -59.69
CA ALA A 270 2.75 -10.86 -58.26
C ALA A 270 2.69 -12.33 -57.86
N LYS A 271 2.08 -13.15 -58.71
CA LYS A 271 1.97 -14.58 -58.46
C LYS A 271 3.36 -15.18 -58.43
N ALA A 272 4.18 -14.81 -59.39
CA ALA A 272 5.53 -15.32 -59.44
C ALA A 272 6.27 -15.03 -58.14
N ASN A 273 5.90 -13.92 -57.51
CA ASN A 273 6.58 -13.42 -56.31
C ASN A 273 5.91 -13.79 -54.99
N GLU A 274 4.74 -14.41 -55.08
CA GLU A 274 3.89 -14.74 -53.95
C GLU A 274 4.63 -15.52 -52.84
N ALA A 275 5.42 -16.52 -53.25
CA ALA A 275 6.10 -17.40 -52.31
C ALA A 275 7.10 -16.63 -51.46
N HIS A 276 7.84 -15.73 -52.12
CA HIS A 276 8.80 -14.86 -51.48
C HIS A 276 8.10 -13.86 -50.56
N LEU A 277 6.97 -13.33 -50.98
CA LEU A 277 6.24 -12.37 -50.16
C LEU A 277 5.80 -13.00 -48.83
N ASN A 278 5.25 -14.22 -48.91
CA ASN A 278 4.77 -14.95 -47.73
C ASN A 278 5.85 -15.13 -46.67
N ALA A 279 7.04 -15.48 -47.13
CA ALA A 279 8.15 -15.69 -46.24
C ALA A 279 8.65 -14.36 -45.70
N GLU A 280 8.86 -13.42 -46.61
CA GLU A 280 9.52 -12.15 -46.27
C GLU A 280 8.66 -11.27 -45.35
N LYS A 281 7.33 -11.30 -45.52
CA LYS A 281 6.42 -10.44 -44.74
C LYS A 281 6.41 -10.73 -43.23
N ILE A 282 6.82 -11.93 -42.83
CA ILE A 282 6.98 -12.27 -41.41
C ILE A 282 7.92 -11.27 -40.70
N CYS A 283 8.86 -10.70 -41.46
CA CYS A 283 9.79 -9.70 -40.91
C CYS A 283 9.54 -8.28 -41.42
N HIS A 284 8.35 -7.99 -41.94
CA HIS A 284 8.13 -6.64 -42.48
C HIS A 284 7.77 -5.61 -41.41
N VAL A 285 6.73 -5.92 -40.63
CA VAL A 285 6.16 -4.96 -39.69
C VAL A 285 6.08 -5.54 -38.27
N LEU A 286 6.44 -4.72 -37.29
CA LEU A 286 6.31 -5.07 -35.88
C LEU A 286 4.85 -4.95 -35.46
N TYR A 287 4.34 -5.96 -34.76
CA TYR A 287 2.95 -5.96 -34.32
C TYR A 287 1.99 -5.65 -35.45
N PRO A 288 1.91 -6.51 -36.47
CA PRO A 288 1.01 -6.24 -37.59
C PRO A 288 -0.44 -6.28 -37.15
N GLY A 289 -1.24 -5.38 -37.72
CA GLY A 289 -2.64 -5.26 -37.38
C GLY A 289 -3.33 -6.58 -37.57
N ASP A 290 -4.10 -6.98 -36.54
CA ASP A 290 -4.67 -8.33 -36.42
C ASP A 290 -6.19 -8.34 -36.30
N GLU A 291 -6.86 -7.32 -36.82
CA GLU A 291 -8.32 -7.32 -36.89
C GLU A 291 -8.81 -8.06 -38.13
N SER A 292 -7.94 -8.85 -38.74
CA SER A 292 -8.24 -9.61 -39.93
C SER A 292 -7.66 -11.00 -39.74
N SER A 293 -8.34 -12.02 -40.21
CA SER A 293 -7.88 -13.39 -39.99
C SER A 293 -6.46 -13.58 -40.59
N GLU A 294 -6.16 -12.86 -41.67
CA GLU A 294 -4.84 -12.95 -42.27
CA GLU A 294 -4.84 -12.89 -42.31
C GLU A 294 -3.78 -12.23 -41.43
N GLY A 295 -4.19 -11.22 -40.66
CA GLY A 295 -3.28 -10.51 -39.76
C GLY A 295 -2.98 -11.31 -38.50
N LYS A 296 -3.98 -12.05 -38.03
CA LYS A 296 -3.81 -12.92 -36.87
C LYS A 296 -2.88 -14.07 -37.24
N ILE A 297 -3.10 -14.66 -38.41
CA ILE A 297 -2.24 -15.74 -38.86
C ILE A 297 -0.79 -15.28 -38.99
N LEU A 298 -0.58 -14.04 -39.43
CA LEU A 298 0.78 -13.53 -39.59
C LEU A 298 1.42 -13.28 -38.26
N ARG A 299 0.64 -12.65 -37.38
CA ARG A 299 1.07 -12.39 -36.00
C ARG A 299 1.47 -13.69 -35.30
N LEU A 300 0.73 -14.76 -35.59
CA LEU A 300 1.02 -16.09 -35.04
C LEU A 300 2.26 -16.75 -35.66
N LYS A 301 2.43 -16.59 -36.98
CA LYS A 301 3.62 -17.06 -37.70
C LYS A 301 4.90 -16.37 -37.25
N GLN A 302 4.79 -15.07 -36.99
CA GLN A 302 5.90 -14.33 -36.42
C GLN A 302 6.40 -14.99 -35.14
N GLN A 303 5.46 -15.39 -34.28
CA GLN A 303 5.83 -15.94 -32.98
C GLN A 303 6.42 -17.33 -33.14
N TYR A 304 5.74 -18.21 -33.89
CA TYR A 304 6.24 -19.56 -34.09
C TYR A 304 7.62 -19.57 -34.73
N THR A 305 7.81 -18.72 -35.73
CA THR A 305 9.10 -18.58 -36.39
C THR A 305 10.19 -18.25 -35.38
N LEU A 306 9.95 -17.24 -34.56
CA LEU A 306 10.92 -16.82 -33.54
C LEU A 306 11.25 -17.96 -32.59
N CYS A 307 10.22 -18.67 -32.16
CA CYS A 307 10.37 -19.75 -31.19
C CYS A 307 11.07 -20.94 -31.78
N SER A 308 10.61 -21.35 -32.96
CA SER A 308 11.14 -22.53 -33.62
C SER A 308 12.59 -22.36 -34.04
N ALA A 309 12.86 -21.29 -34.78
CA ALA A 309 14.21 -21.03 -35.27
C ALA A 309 15.17 -20.97 -34.09
N SER A 310 14.82 -20.15 -33.09
CA SER A 310 15.64 -20.00 -31.89
C SER A 310 15.87 -21.32 -31.12
N LEU A 311 14.82 -22.10 -30.88
CA LEU A 311 15.01 -23.36 -30.17
C LEU A 311 15.86 -24.34 -30.97
N GLN A 312 15.66 -24.39 -32.28
CA GLN A 312 16.45 -25.28 -33.14
C GLN A 312 17.93 -24.95 -33.05
N ASP A 313 18.23 -23.65 -32.99
CA ASP A 313 19.61 -23.13 -32.84
C ASP A 313 20.20 -23.48 -31.46
N ILE A 314 19.41 -23.28 -30.40
CA ILE A 314 19.82 -23.60 -29.02
C ILE A 314 20.10 -25.09 -28.87
N ILE A 315 19.18 -25.90 -29.40
CA ILE A 315 19.33 -27.36 -29.43
C ILE A 315 20.63 -27.74 -30.13
N SER A 316 20.90 -27.11 -31.26
CA SER A 316 22.11 -27.37 -32.04
C SER A 316 23.40 -27.07 -31.25
N ARG A 317 23.39 -25.97 -30.50
CA ARG A 317 24.55 -25.55 -29.70
C ARG A 317 24.83 -26.53 -28.55
N PHE A 318 23.76 -26.93 -27.87
CA PHE A 318 23.86 -27.93 -26.80
C PHE A 318 24.50 -29.23 -27.31
N GLU A 319 24.05 -29.69 -28.47
CA GLU A 319 24.54 -30.93 -29.07
C GLU A 319 26.02 -30.88 -29.47
N SER A 320 26.41 -29.83 -30.19
CA SER A 320 27.79 -29.71 -30.67
C SER A 320 28.77 -29.59 -29.52
N ARG A 321 28.36 -28.90 -28.46
CA ARG A 321 29.19 -28.77 -27.27
C ARG A 321 29.32 -30.06 -26.46
N ALA A 322 28.20 -30.72 -26.24
CA ALA A 322 28.19 -31.98 -25.50
C ALA A 322 28.99 -33.06 -26.23
N GLY A 323 28.88 -33.07 -27.56
CA GLY A 323 29.62 -34.02 -28.37
C GLY A 323 29.19 -35.44 -28.08
N ASP A 324 30.17 -36.28 -27.80
CA ASP A 324 29.92 -37.70 -27.58
C ASP A 324 29.12 -37.97 -26.31
N SER A 325 29.55 -37.37 -25.19
CA SER A 325 28.83 -37.51 -23.91
C SER A 325 27.60 -36.62 -23.90
N LEU A 326 26.54 -37.07 -24.54
CA LEU A 326 25.33 -36.29 -24.71
C LEU A 326 24.22 -36.94 -23.89
N ASN A 327 23.70 -36.18 -22.93
CA ASN A 327 22.60 -36.66 -22.08
C ASN A 327 21.56 -35.55 -22.01
N TRP A 328 20.36 -35.81 -22.50
CA TRP A 328 19.33 -34.76 -22.53
C TRP A 328 18.85 -34.32 -21.15
N GLU A 329 19.08 -35.15 -20.14
CA GLU A 329 18.75 -34.76 -18.77
C GLU A 329 19.63 -33.57 -18.36
N ASP A 330 20.78 -33.38 -19.01
CA ASP A 330 21.64 -32.21 -18.75
C ASP A 330 21.10 -30.92 -19.36
N PHE A 331 20.09 -31.01 -20.24
CA PHE A 331 19.65 -29.85 -21.02
C PHE A 331 19.31 -28.64 -20.16
N PRO A 332 18.46 -28.79 -19.12
CA PRO A 332 18.14 -27.61 -18.33
C PRO A 332 19.26 -27.13 -17.40
N SER A 333 20.35 -27.89 -17.25
CA SER A 333 21.51 -27.39 -16.50
C SER A 333 22.53 -26.77 -17.45
N LYS A 334 22.25 -26.82 -18.75
CA LYS A 334 23.06 -26.14 -19.77
C LYS A 334 22.29 -25.07 -20.57
N VAL A 335 20.97 -24.99 -20.37
CA VAL A 335 20.13 -24.06 -21.13
C VAL A 335 19.06 -23.45 -20.25
N ALA A 336 18.89 -22.13 -20.39
CA ALA A 336 17.76 -21.42 -19.80
C ALA A 336 17.12 -20.55 -20.88
N VAL A 337 15.85 -20.80 -21.16
CA VAL A 337 15.07 -19.92 -22.02
C VAL A 337 14.20 -19.01 -21.16
N GLN A 338 14.15 -17.72 -21.52
CA GLN A 338 13.28 -16.74 -20.85
C GLN A 338 12.29 -16.12 -21.83
N MET A 339 11.00 -16.43 -21.65
CA MET A 339 9.94 -15.91 -22.49
C MET A 339 9.53 -14.57 -21.93
N ASN A 340 9.82 -13.53 -22.71
CA ASN A 340 9.44 -12.17 -22.37
C ASN A 340 7.99 -11.94 -22.83
N ASP A 341 7.09 -11.80 -21.87
CA ASP A 341 5.65 -11.70 -22.15
C ASP A 341 5.14 -12.99 -22.78
N THR A 342 3.89 -13.00 -23.24
CA THR A 342 3.28 -14.24 -23.77
C THR A 342 3.61 -14.49 -25.26
N HIS A 343 4.26 -13.54 -25.93
CA HIS A 343 4.53 -13.69 -27.36
C HIS A 343 5.34 -14.95 -27.69
N PRO A 344 6.35 -15.31 -26.86
CA PRO A 344 7.13 -16.54 -27.11
C PRO A 344 6.60 -17.85 -26.47
N THR A 345 5.34 -17.89 -26.05
CA THR A 345 4.73 -19.05 -25.37
C THR A 345 4.93 -20.39 -26.09
N LEU A 346 4.80 -20.35 -27.42
CA LEU A 346 4.95 -21.53 -28.27
C LEU A 346 6.28 -22.27 -28.08
N CYS A 347 7.27 -21.63 -27.48
CA CYS A 347 8.49 -22.31 -27.05
C CYS A 347 8.18 -23.59 -26.30
N ILE A 348 7.19 -23.53 -25.42
CA ILE A 348 6.84 -24.66 -24.57
C ILE A 348 6.52 -25.89 -25.42
N PRO A 349 5.41 -25.86 -26.18
CA PRO A 349 5.06 -27.05 -26.98
C PRO A 349 6.10 -27.37 -28.07
N GLU A 350 6.73 -26.33 -28.64
CA GLU A 350 7.81 -26.50 -29.64
C GLU A 350 8.99 -27.29 -29.09
N LEU A 351 9.39 -26.99 -27.85
CA LEU A 351 10.48 -27.74 -27.25
C LEU A 351 10.04 -29.19 -27.07
N MET A 352 8.81 -29.40 -26.60
CA MET A 352 8.25 -30.73 -26.46
C MET A 352 8.25 -31.45 -27.81
N ARG A 353 7.90 -30.72 -28.86
CA ARG A 353 7.85 -31.29 -30.20
C ARG A 353 9.19 -31.89 -30.60
N ILE A 354 10.24 -31.08 -30.51
CA ILE A 354 11.56 -31.48 -30.96
C ILE A 354 12.08 -32.65 -30.12
N LEU A 355 11.97 -32.56 -28.80
CA LEU A 355 12.48 -33.61 -27.92
C LEU A 355 11.83 -34.97 -28.22
N MET A 356 10.51 -35.01 -28.32
CA MET A 356 9.82 -36.27 -28.58
C MET A 356 9.95 -36.70 -30.04
N ASP A 357 9.46 -35.87 -30.97
CA ASP A 357 9.41 -36.24 -32.38
C ASP A 357 10.78 -36.37 -33.04
N ILE A 358 11.70 -35.48 -32.70
CA ILE A 358 13.02 -35.45 -33.36
C ILE A 358 14.08 -36.27 -32.61
N LYS A 359 14.16 -36.09 -31.28
CA LYS A 359 15.21 -36.74 -30.48
C LYS A 359 14.77 -38.04 -29.84
N GLY A 360 13.47 -38.35 -29.90
CA GLY A 360 12.95 -39.63 -29.41
C GLY A 360 12.79 -39.79 -27.91
N LEU A 361 12.59 -38.68 -27.20
CA LEU A 361 12.33 -38.75 -25.75
C LEU A 361 10.88 -39.11 -25.48
N SER A 362 10.62 -39.66 -24.28
CA SER A 362 9.26 -39.89 -23.82
C SER A 362 8.63 -38.57 -23.39
N TRP A 363 7.32 -38.59 -23.15
CA TRP A 363 6.62 -37.39 -22.73
C TRP A 363 7.15 -36.84 -21.40
N ASN A 364 7.21 -37.68 -20.37
CA ASN A 364 7.62 -37.21 -19.04
C ASN A 364 9.06 -36.73 -19.02
N GLU A 365 9.92 -37.41 -19.77
CA GLU A 365 11.33 -37.05 -19.90
C GLU A 365 11.45 -35.71 -20.64
N ALA A 366 10.65 -35.51 -21.67
CA ALA A 366 10.62 -34.25 -22.40
C ALA A 366 10.04 -33.11 -21.55
N TRP A 367 8.93 -33.39 -20.89
CA TRP A 367 8.20 -32.38 -20.11
C TRP A 367 9.03 -31.89 -18.92
N SER A 368 9.68 -32.81 -18.23
CA SER A 368 10.54 -32.46 -17.09
C SER A 368 11.64 -31.49 -17.50
N ILE A 369 12.24 -31.75 -18.66
CA ILE A 369 13.29 -30.90 -19.22
C ILE A 369 12.70 -29.53 -19.63
N THR A 370 11.52 -29.55 -20.22
CA THR A 370 10.87 -28.33 -20.65
C THR A 370 10.52 -27.44 -19.47
N GLU A 371 9.84 -28.01 -18.47
CA GLU A 371 9.42 -27.24 -17.31
C GLU A 371 10.62 -26.57 -16.60
N ARG A 372 11.78 -27.22 -16.62
CA ARG A 372 12.98 -26.69 -15.97
C ARG A 372 13.83 -25.78 -16.85
N THR A 373 13.56 -25.79 -18.16
CA THR A 373 14.30 -24.94 -19.10
C THR A 373 13.67 -23.57 -19.24
N VAL A 374 12.34 -23.55 -19.28
CA VAL A 374 11.58 -22.36 -19.65
C VAL A 374 11.16 -21.56 -18.41
N ALA A 375 11.07 -20.24 -18.57
CA ALA A 375 10.52 -19.37 -17.53
C ALA A 375 9.80 -18.18 -18.17
N TYR A 376 8.91 -17.56 -17.41
CA TYR A 376 8.01 -16.55 -17.94
C TYR A 376 8.07 -15.24 -17.14
N THR A 377 8.20 -14.13 -17.86
CA THR A 377 8.08 -12.81 -17.26
C THR A 377 6.83 -12.15 -17.80
N ASN A 378 6.00 -11.65 -16.90
CA ASN A 378 4.74 -11.05 -17.22
C ASN A 378 4.86 -9.53 -17.01
N HIS A 379 4.35 -8.74 -17.96
CA HIS A 379 4.40 -7.26 -17.89
C HIS A 379 3.04 -6.56 -17.83
N THR A 380 1.97 -7.32 -17.63
CA THR A 380 0.62 -6.74 -17.59
C THR A 380 -0.03 -6.92 -16.23
N VAL A 381 -0.78 -5.91 -15.82
CA VAL A 381 -1.50 -5.93 -14.55
C VAL A 381 -2.97 -6.37 -14.75
N LEU A 382 -3.50 -6.14 -15.97
CA LEU A 382 -4.87 -6.54 -16.31
C LEU A 382 -4.93 -8.03 -16.74
N PRO A 383 -5.87 -8.81 -16.17
CA PRO A 383 -6.06 -10.20 -16.61
C PRO A 383 -6.78 -10.38 -17.97
N GLU A 384 -7.37 -9.29 -18.51
CA GLU A 384 -7.94 -9.32 -19.86
C GLU A 384 -7.07 -8.58 -20.89
N ALA A 385 -5.77 -8.45 -20.62
CA ALA A 385 -4.80 -7.98 -21.62
C ALA A 385 -3.83 -9.12 -21.98
N LEU A 386 -4.22 -10.34 -21.63
CA LEU A 386 -3.37 -11.53 -21.79
C LEU A 386 -3.71 -12.23 -23.08
N GLU A 387 -2.68 -12.69 -23.79
CA GLU A 387 -2.86 -13.15 -25.17
C GLU A 387 -3.77 -14.40 -25.29
N LYS A 388 -4.77 -14.29 -26.17
CA LYS A 388 -5.66 -15.39 -26.48
C LYS A 388 -5.66 -15.64 -27.97
N TRP A 389 -5.77 -16.90 -28.37
CA TRP A 389 -5.83 -17.26 -29.77
C TRP A 389 -6.99 -18.22 -30.02
N SER A 390 -7.62 -18.07 -31.18
CA SER A 390 -8.63 -19.01 -31.63
C SER A 390 -7.98 -20.37 -31.82
N LEU A 391 -8.60 -21.40 -31.25
CA LEU A 391 -8.12 -22.77 -31.39
C LEU A 391 -8.14 -23.16 -32.87
N ASP A 392 -9.21 -22.83 -33.57
CA ASP A 392 -9.37 -23.20 -34.98
C ASP A 392 -8.20 -22.69 -35.80
N ILE A 393 -7.83 -21.43 -35.62
CA ILE A 393 -6.70 -20.84 -36.36
C ILE A 393 -5.39 -21.56 -36.04
N MET A 394 -5.15 -21.79 -34.75
CA MET A 394 -3.93 -22.47 -34.31
C MET A 394 -3.90 -23.93 -34.78
N GLN A 395 -5.06 -24.59 -34.70
CA GLN A 395 -5.23 -25.99 -35.08
C GLN A 395 -4.90 -26.19 -36.57
N LYS A 396 -5.22 -25.17 -37.38
CA LYS A 396 -4.91 -25.18 -38.80
C LYS A 396 -3.42 -24.93 -39.08
N LEU A 397 -2.84 -23.93 -38.44
CA LEU A 397 -1.45 -23.51 -38.71
C LEU A 397 -0.38 -24.42 -38.07
N LEU A 398 -0.61 -24.78 -36.82
CA LEU A 398 0.32 -25.60 -36.05
C LEU A 398 -0.47 -26.73 -35.39
N PRO A 399 -0.88 -27.73 -36.17
CA PRO A 399 -1.72 -28.79 -35.64
C PRO A 399 -1.00 -29.70 -34.64
N ARG A 400 0.30 -29.87 -34.83
CA ARG A 400 1.08 -30.74 -33.96
C ARG A 400 1.24 -30.10 -32.60
N HIS A 401 1.30 -28.77 -32.57
CA HIS A 401 1.43 -28.02 -31.32
C HIS A 401 0.14 -28.03 -30.54
N VAL A 402 -1.00 -28.09 -31.22
CA VAL A 402 -2.28 -28.19 -30.51
C VAL A 402 -2.42 -29.56 -29.87
N GLU A 403 -2.05 -30.62 -30.60
CA GLU A 403 -2.02 -31.97 -30.03
C GLU A 403 -1.27 -31.91 -28.72
N ILE A 404 -0.09 -31.30 -28.74
CA ILE A 404 0.76 -31.24 -27.55
C ILE A 404 0.13 -30.41 -26.43
N ILE A 405 -0.39 -29.23 -26.77
CA ILE A 405 -1.11 -28.37 -25.81
C ILE A 405 -2.29 -29.12 -25.18
N GLU A 406 -3.05 -29.83 -26.00
CA GLU A 406 -4.17 -30.66 -25.53
C GLU A 406 -3.72 -31.59 -24.42
N THR A 407 -2.60 -32.28 -24.66
CA THR A 407 -2.05 -33.23 -23.68
C THR A 407 -1.65 -32.51 -22.41
N ILE A 408 -0.97 -31.39 -22.55
CA ILE A 408 -0.57 -30.56 -21.41
C ILE A 408 -1.76 -30.11 -20.57
N ASP A 409 -2.85 -29.70 -21.22
CA ASP A 409 -4.07 -29.25 -20.54
C ASP A 409 -4.73 -30.42 -19.81
N GLU A 410 -4.64 -31.62 -20.37
CA GLU A 410 -5.25 -32.79 -19.73
C GLU A 410 -4.48 -33.15 -18.46
N GLU A 411 -3.16 -33.16 -18.54
CA GLU A 411 -2.33 -33.35 -17.35
C GLU A 411 -2.68 -32.30 -16.29
N LEU A 412 -2.63 -31.03 -16.69
CA LEU A 412 -2.91 -29.92 -15.79
C LEU A 412 -4.20 -30.15 -14.99
N MET A 413 -5.22 -30.66 -15.68
CA MET A 413 -6.53 -30.87 -15.09
C MET A 413 -6.59 -32.09 -14.17
N ASN A 414 -5.83 -33.12 -14.49
CA ASN A 414 -5.68 -34.27 -13.60
C ASN A 414 -4.88 -33.92 -12.34
N ASN A 415 -4.00 -32.92 -12.44
CA ASN A 415 -3.30 -32.39 -11.26
C ASN A 415 -4.19 -31.52 -10.38
N ILE A 416 -5.12 -30.80 -11.00
CA ILE A 416 -6.14 -30.05 -10.25
C ILE A 416 -7.10 -31.03 -9.55
N VAL A 417 -7.44 -32.11 -10.24
CA VAL A 417 -8.28 -33.18 -9.68
C VAL A 417 -7.63 -33.78 -8.42
N SER A 418 -6.34 -34.07 -8.51
CA SER A 418 -5.59 -34.58 -7.37
C SER A 418 -5.60 -33.61 -6.20
N LYS A 419 -5.46 -32.32 -6.50
CA LYS A 419 -5.23 -31.31 -5.46
C LYS A 419 -6.48 -30.70 -4.84
N TYR A 420 -7.67 -31.17 -5.19
CA TYR A 420 -8.89 -30.47 -4.77
C TYR A 420 -10.14 -31.31 -4.55
N GLY A 421 -10.60 -31.98 -5.60
CA GLY A 421 -12.01 -32.30 -5.71
C GLY A 421 -12.43 -33.71 -5.99
N THR A 422 -13.54 -33.82 -6.73
CA THR A 422 -14.51 -34.92 -6.68
C THR A 422 -15.51 -34.60 -5.57
N ALA A 423 -15.02 -34.48 -4.34
CA ALA A 423 -15.86 -34.18 -3.16
C ALA A 423 -16.63 -32.87 -3.37
N ASP A 424 -15.91 -31.75 -3.43
CA ASP A 424 -16.53 -30.45 -3.71
C ASP A 424 -16.39 -30.17 -5.20
N ILE A 425 -17.52 -30.15 -5.93
CA ILE A 425 -17.46 -30.07 -7.39
C ILE A 425 -17.54 -28.63 -7.90
N SER A 426 -18.47 -27.84 -7.38
CA SER A 426 -18.60 -26.45 -7.80
C SER A 426 -17.29 -25.70 -7.52
N LEU A 427 -16.59 -26.10 -6.45
CA LEU A 427 -15.23 -25.62 -6.20
C LEU A 427 -14.33 -26.01 -7.36
N LEU A 428 -14.31 -27.29 -7.67
CA LEU A 428 -13.48 -27.86 -8.74
C LEU A 428 -13.77 -27.17 -10.09
N LYS A 429 -15.05 -26.91 -10.33
CA LYS A 429 -15.54 -26.16 -11.49
C LYS A 429 -14.81 -24.82 -11.64
N GLN A 430 -14.66 -24.12 -10.52
CA GLN A 430 -14.01 -22.81 -10.49
C GLN A 430 -12.50 -22.91 -10.72
N LYS A 431 -11.86 -23.87 -10.05
CA LYS A 431 -10.45 -24.13 -10.26
C LYS A 431 -10.13 -24.47 -11.71
N LEU A 432 -11.03 -25.21 -12.37
CA LEU A 432 -10.83 -25.63 -13.76
C LEU A 432 -11.01 -24.47 -14.74
N LYS A 433 -11.97 -23.57 -14.50
CA LYS A 433 -12.12 -22.37 -15.35
C LYS A 433 -10.86 -21.53 -15.28
N ASP A 434 -10.46 -21.17 -14.07
CA ASP A 434 -9.32 -20.29 -13.86
C ASP A 434 -8.06 -20.77 -14.57
N MET A 435 -7.79 -22.06 -14.51
CA MET A 435 -6.49 -22.59 -14.93
C MET A 435 -6.42 -23.25 -16.31
N ARG A 436 -7.56 -23.68 -16.85
CA ARG A 436 -7.58 -24.28 -18.19
C ARG A 436 -6.78 -23.49 -19.20
N ILE A 437 -6.15 -24.20 -20.12
CA ILE A 437 -5.47 -23.56 -21.24
C ILE A 437 -6.43 -23.41 -22.40
N LEU A 438 -7.23 -24.46 -22.65
CA LEU A 438 -8.21 -24.43 -23.73
C LEU A 438 -9.57 -24.14 -23.14
N ASP A 439 -10.08 -22.93 -23.35
CA ASP A 439 -11.38 -22.60 -22.84
C ASP A 439 -12.48 -22.93 -23.87
N ASN A 440 -13.65 -23.32 -23.34
CA ASN A 440 -14.82 -23.71 -24.15
C ASN A 440 -14.55 -24.87 -25.10
N VAL A 441 -14.00 -25.93 -24.54
CA VAL A 441 -13.64 -27.14 -25.26
C VAL A 441 -14.25 -28.33 -24.48
N ASP A 442 -14.54 -29.42 -25.18
CA ASP A 442 -15.02 -30.63 -24.49
C ASP A 442 -13.93 -31.11 -23.54
N LEU A 443 -14.31 -31.35 -22.29
CA LEU A 443 -13.36 -31.90 -21.35
C LEU A 443 -12.90 -33.29 -21.81
N PRO A 444 -11.67 -33.68 -21.43
CA PRO A 444 -11.23 -35.06 -21.63
C PRO A 444 -12.12 -36.01 -20.85
N ALA A 445 -12.29 -37.23 -21.39
CA ALA A 445 -13.19 -38.23 -20.77
C ALA A 445 -12.89 -38.44 -19.28
N SER A 446 -11.61 -38.32 -18.91
CA SER A 446 -11.16 -38.49 -17.52
C SER A 446 -11.86 -37.52 -16.57
N VAL A 447 -11.78 -36.22 -16.89
CA VAL A 447 -12.35 -35.17 -16.05
C VAL A 447 -13.86 -35.07 -16.25
N ALA A 448 -14.30 -35.17 -17.50
CA ALA A 448 -15.71 -35.09 -17.86
C ALA A 448 -16.59 -35.99 -17.01
N LYS A 449 -16.11 -37.19 -16.70
CA LYS A 449 -16.82 -38.14 -15.81
C LYS A 449 -17.48 -37.45 -14.63
N LEU A 450 -16.71 -36.58 -13.97
CA LEU A 450 -17.08 -36.03 -12.67
C LEU A 450 -18.28 -35.07 -12.70
N PHE A 451 -18.85 -34.84 -13.88
CA PHE A 451 -19.91 -33.85 -14.06
C PHE A 451 -21.16 -34.47 -14.72
N ILE A 452 -21.56 -35.66 -14.27
CA ILE A 452 -22.71 -36.35 -14.86
C ILE A 452 -23.98 -36.17 -14.01
N LYS A 453 -25.13 -36.10 -14.67
CA LYS A 453 -26.44 -35.97 -14.01
C LYS A 453 -27.47 -36.94 -14.59
N GLU A 511 -27.16 -36.87 -18.51
CA GLU A 511 -25.75 -36.98 -18.80
C GLU A 511 -25.00 -35.69 -18.44
N LEU A 512 -23.98 -35.36 -19.24
CA LEU A 512 -22.96 -34.39 -18.84
C LEU A 512 -23.45 -32.95 -18.67
N ASP A 513 -22.96 -32.31 -17.61
CA ASP A 513 -23.16 -30.90 -17.32
C ASP A 513 -22.75 -30.04 -18.51
N PRO A 514 -23.59 -29.05 -18.89
CA PRO A 514 -23.24 -28.01 -19.87
C PRO A 514 -21.81 -27.49 -19.82
N PHE A 515 -21.27 -27.32 -18.61
CA PHE A 515 -19.91 -26.82 -18.40
C PHE A 515 -18.83 -27.66 -19.10
N ALA A 516 -19.02 -28.98 -19.16
CA ALA A 516 -18.02 -29.89 -19.71
C ALA A 516 -18.22 -30.18 -21.20
N LYS A 517 -18.79 -29.22 -21.92
CA LYS A 517 -19.07 -29.35 -23.35
C LYS A 517 -18.73 -28.04 -24.05
N TYR A 518 -18.40 -28.13 -25.33
CA TYR A 518 -18.17 -26.96 -26.18
C TYR A 518 -19.52 -26.31 -26.45
N ASP A 519 -19.61 -25.01 -26.17
CA ASP A 519 -20.81 -24.22 -26.44
C ASP A 519 -20.55 -23.32 -27.67
N PRO A 520 -21.18 -23.65 -28.82
CA PRO A 520 -20.89 -22.91 -30.06
C PRO A 520 -21.23 -21.44 -30.02
N GLN A 521 -22.02 -21.03 -29.03
CA GLN A 521 -22.35 -19.62 -28.82
C GLN A 521 -21.11 -18.77 -28.60
N PHE A 522 -20.03 -19.38 -28.11
CA PHE A 522 -18.78 -18.67 -27.84
C PHE A 522 -17.61 -19.31 -28.58
N PRO A 523 -16.51 -18.57 -28.75
CA PRO A 523 -15.36 -19.15 -29.45
C PRO A 523 -14.62 -20.21 -28.62
N ARG A 524 -13.85 -21.04 -29.30
CA ARG A 524 -12.93 -21.97 -28.68
C ARG A 524 -11.58 -21.28 -28.63
N VAL A 525 -11.09 -21.02 -27.42
CA VAL A 525 -9.95 -20.15 -27.22
C VAL A 525 -8.80 -20.86 -26.50
N VAL A 526 -7.57 -20.52 -26.91
CA VAL A 526 -6.36 -20.98 -26.27
C VAL A 526 -5.77 -19.84 -25.45
N ARG A 527 -5.70 -19.99 -24.13
CA ARG A 527 -5.21 -18.95 -23.23
C ARG A 527 -3.70 -19.10 -22.99
N MET A 528 -2.90 -18.21 -23.58
CA MET A 528 -1.44 -18.42 -23.62
C MET A 528 -0.73 -18.16 -22.29
N ALA A 529 -1.29 -17.27 -21.48
CA ALA A 529 -0.71 -16.92 -20.20
C ALA A 529 -0.76 -18.15 -19.29
N ASN A 530 -1.89 -18.84 -19.31
CA ASN A 530 -2.03 -20.03 -18.50
C ASN A 530 -1.03 -21.09 -18.94
N LEU A 531 -0.84 -21.25 -20.25
CA LEU A 531 0.15 -22.22 -20.77
C LEU A 531 1.56 -21.85 -20.35
N CYS A 532 1.86 -20.56 -20.27
CA CYS A 532 3.17 -20.13 -19.81
C CYS A 532 3.37 -20.56 -18.34
N VAL A 533 2.38 -20.30 -17.49
CA VAL A 533 2.48 -20.65 -16.06
C VAL A 533 2.65 -22.16 -15.88
N VAL A 534 1.88 -22.95 -16.61
CA VAL A 534 2.00 -24.40 -16.55
C VAL A 534 3.38 -24.87 -17.02
N GLY A 535 3.94 -24.20 -18.01
CA GLY A 535 5.17 -24.67 -18.66
C GLY A 535 6.49 -24.17 -18.11
N GLY A 536 6.46 -23.08 -17.35
CA GLY A 536 7.69 -22.51 -16.79
C GLY A 536 7.91 -22.93 -15.35
N HIS A 537 9.17 -22.99 -14.94
CA HIS A 537 9.50 -23.26 -13.52
C HIS A 537 9.39 -22.01 -12.65
N SER A 538 9.53 -20.83 -13.27
CA SER A 538 9.40 -19.55 -12.57
C SER A 538 8.50 -18.59 -13.33
N VAL A 539 7.68 -17.85 -12.58
CA VAL A 539 6.87 -16.77 -13.15
C VAL A 539 7.17 -15.49 -12.38
N ASN A 540 7.50 -14.39 -13.07
CA ASN A 540 7.80 -13.15 -12.35
C ASN A 540 7.12 -11.91 -12.89
N GLY A 541 6.85 -10.97 -11.98
CA GLY A 541 6.46 -9.62 -12.35
C GLY A 541 7.69 -8.70 -12.36
N VAL A 542 7.43 -7.41 -12.58
CA VAL A 542 8.47 -6.43 -12.87
C VAL A 542 8.50 -5.24 -11.89
N ALA A 543 7.74 -5.36 -10.80
CA ALA A 543 7.71 -4.39 -9.71
C ALA A 543 7.09 -5.06 -8.50
N GLU A 544 7.45 -4.64 -7.30
CA GLU A 544 6.96 -5.28 -6.07
C GLU A 544 5.44 -5.35 -6.03
N ILE A 545 4.81 -4.22 -6.30
CA ILE A 545 3.34 -4.13 -6.31
C ILE A 545 2.75 -5.01 -7.40
N HIS A 546 3.27 -4.88 -8.62
CA HIS A 546 2.78 -5.69 -9.75
C HIS A 546 2.97 -7.22 -9.52
N SER A 547 4.16 -7.65 -9.13
CA SER A 547 4.38 -9.08 -8.82
C SER A 547 3.39 -9.64 -7.80
N GLU A 548 2.90 -8.78 -6.90
CA GLU A 548 1.87 -9.15 -5.94
C GLU A 548 0.48 -9.25 -6.59
N ILE A 549 0.14 -8.27 -7.43
CA ILE A 549 -1.10 -8.33 -8.20
C ILE A 549 -1.15 -9.63 -9.00
N VAL A 550 -0.04 -9.97 -9.66
CA VAL A 550 0.12 -11.24 -10.39
C VAL A 550 -0.24 -12.44 -9.51
N LYS A 551 0.20 -12.45 -8.25
CA LYS A 551 -0.09 -13.57 -7.33
C LYS A 551 -1.53 -13.57 -6.80
N GLN A 552 -2.09 -12.38 -6.59
CA GLN A 552 -3.37 -12.22 -5.90
C GLN A 552 -4.57 -12.17 -6.84
N ASP A 553 -4.45 -11.42 -7.94
CA ASP A 553 -5.57 -11.20 -8.89
C ASP A 553 -5.48 -12.06 -10.14
N VAL A 554 -4.34 -12.00 -10.81
CA VAL A 554 -4.19 -12.56 -12.14
C VAL A 554 -4.08 -14.08 -12.14
N PHE A 555 -3.17 -14.65 -11.36
CA PHE A 555 -2.95 -16.11 -11.38
C PHE A 555 -3.19 -16.76 -10.03
N ASN A 556 -4.25 -16.35 -9.34
CA ASN A 556 -4.45 -16.76 -7.94
C ASN A 556 -4.46 -18.25 -7.69
N SER A 557 -5.27 -18.99 -8.46
CA SER A 557 -5.40 -20.43 -8.25
C SER A 557 -4.11 -21.17 -8.57
N PHE A 558 -3.31 -20.56 -9.45
CA PHE A 558 -2.00 -21.10 -9.79
C PHE A 558 -1.01 -20.90 -8.64
N TYR A 559 -1.03 -19.70 -8.06
CA TYR A 559 -0.21 -19.38 -6.87
C TYR A 559 -0.54 -20.33 -5.72
N GLU A 560 -1.83 -20.53 -5.46
CA GLU A 560 -2.27 -21.56 -4.51
C GLU A 560 -1.63 -22.91 -4.80
N MET A 561 -1.60 -23.30 -6.08
CA MET A 561 -1.08 -24.62 -6.47
C MET A 561 0.45 -24.71 -6.42
N TRP A 562 1.12 -23.71 -6.99
CA TRP A 562 2.57 -23.69 -7.08
C TRP A 562 3.12 -22.35 -6.61
N PRO A 563 3.15 -22.14 -5.28
CA PRO A 563 3.55 -20.83 -4.79
C PRO A 563 5.01 -20.50 -5.10
N THR A 564 5.87 -21.52 -5.08
CA THR A 564 7.31 -21.35 -5.34
C THR A 564 7.66 -20.91 -6.77
N LYS A 565 6.74 -21.09 -7.71
CA LYS A 565 6.93 -20.54 -9.05
C LYS A 565 7.12 -19.03 -9.01
N PHE A 566 6.30 -18.37 -8.20
CA PHE A 566 6.06 -16.93 -8.38
C PHE A 566 7.10 -16.05 -7.73
N GLN A 567 7.60 -15.08 -8.50
CA GLN A 567 8.72 -14.24 -8.08
C GLN A 567 8.47 -12.78 -8.46
N ASN A 568 9.44 -11.95 -8.08
CA ASN A 568 9.52 -10.55 -8.51
C ASN A 568 10.92 -10.21 -8.98
N LYS A 569 11.02 -9.42 -10.04
CA LYS A 569 12.30 -8.89 -10.52
C LYS A 569 12.09 -7.44 -11.00
N THR A 570 12.18 -6.50 -10.07
CA THR A 570 11.97 -5.10 -10.42
C THR A 570 12.91 -4.68 -11.55
N ASN A 571 12.35 -3.94 -12.51
CA ASN A 571 13.11 -3.57 -13.70
C ASN A 571 14.25 -2.65 -13.37
N GLY A 572 15.08 -2.42 -14.37
CA GLY A 572 16.21 -1.51 -14.26
C GLY A 572 16.62 -1.04 -15.64
N VAL A 573 17.48 -0.05 -15.68
CA VAL A 573 18.01 0.49 -16.92
C VAL A 573 19.52 0.66 -16.81
N THR A 574 20.21 0.52 -17.92
CA THR A 574 21.66 0.59 -17.92
C THR A 574 22.13 2.02 -17.67
N PRO A 575 23.03 2.23 -16.68
CA PRO A 575 23.54 3.57 -16.39
C PRO A 575 24.58 4.07 -17.38
N ARG A 576 25.05 3.19 -18.25
CA ARG A 576 26.02 3.56 -19.25
C ARG A 576 25.36 4.33 -20.39
N ARG A 577 24.23 3.86 -20.87
CA ARG A 577 23.50 4.57 -21.93
C ARG A 577 22.68 5.75 -21.40
N TRP A 578 22.21 5.63 -20.15
CA TRP A 578 21.22 6.57 -19.65
C TRP A 578 21.76 7.59 -18.67
N ILE A 579 23.07 7.53 -18.37
CA ILE A 579 23.73 8.62 -17.65
C ILE A 579 25.04 8.95 -18.35
N ARG A 580 25.94 7.97 -18.37
CA ARG A 580 27.32 8.15 -18.80
C ARG A 580 27.45 8.71 -20.21
N PHE A 581 26.72 8.11 -21.16
CA PHE A 581 26.91 8.46 -22.58
C PHE A 581 25.88 9.45 -23.12
N CYS A 582 24.68 9.47 -22.57
CA CYS A 582 23.68 10.49 -22.93
C CYS A 582 23.86 11.80 -22.13
N ASN A 583 24.54 11.73 -20.99
CA ASN A 583 24.72 12.90 -20.15
C ASN A 583 26.17 13.02 -19.67
N PRO A 584 27.09 13.27 -20.61
CA PRO A 584 28.50 13.40 -20.26
C PRO A 584 28.79 14.55 -19.28
N GLU A 585 28.04 15.65 -19.38
CA GLU A 585 28.27 16.81 -18.52
C GLU A 585 28.00 16.47 -17.06
N LEU A 586 26.86 15.82 -16.80
CA LEU A 586 26.54 15.37 -15.45
C LEU A 586 27.54 14.33 -14.97
N SER A 587 27.93 13.43 -15.88
CA SER A 587 28.84 12.34 -15.54
C SER A 587 30.17 12.81 -15.00
N THR A 588 30.70 13.91 -15.56
CA THR A 588 31.93 14.52 -15.05
C THR A 588 31.73 15.02 -13.62
N ILE A 589 30.59 15.67 -13.38
CA ILE A 589 30.25 16.19 -12.06
C ILE A 589 30.15 15.04 -11.04
N ILE A 590 29.51 13.94 -11.44
CA ILE A 590 29.35 12.80 -10.54
C ILE A 590 30.71 12.23 -10.14
N SER A 591 31.61 12.05 -11.11
CA SER A 591 32.90 11.38 -10.86
C SER A 591 33.84 12.25 -10.04
N LYS A 592 33.69 13.56 -10.17
CA LYS A 592 34.51 14.50 -9.39
C LYS A 592 34.21 14.35 -7.91
N TRP A 593 32.94 14.54 -7.54
CA TRP A 593 32.54 14.61 -6.13
C TRP A 593 32.54 13.26 -5.40
N ILE A 594 32.28 12.17 -6.14
CA ILE A 594 32.39 10.81 -5.60
C ILE A 594 33.84 10.36 -5.56
N GLY A 595 34.69 10.92 -6.42
CA GLY A 595 36.13 10.65 -6.42
C GLY A 595 36.57 9.49 -7.28
N SER A 596 35.72 9.12 -8.24
CA SER A 596 35.99 8.07 -9.23
C SER A 596 34.85 8.03 -10.25
N ASP A 597 35.08 7.39 -11.38
CA ASP A 597 34.03 7.08 -12.38
C ASP A 597 33.55 5.64 -12.27
N ASP A 598 33.90 4.98 -11.16
CA ASP A 598 33.61 3.56 -10.95
C ASP A 598 32.11 3.32 -10.78
N TRP A 599 31.38 4.38 -10.42
CA TRP A 599 29.92 4.35 -10.28
C TRP A 599 29.21 3.88 -11.56
N ILE A 600 29.85 4.12 -12.70
CA ILE A 600 29.28 3.70 -13.97
C ILE A 600 29.00 2.20 -13.90
N LEU A 601 29.96 1.46 -13.36
CA LEU A 601 29.87 0.01 -13.22
C LEU A 601 29.20 -0.36 -11.89
N ASN A 602 29.76 0.16 -10.79
CA ASN A 602 29.24 -0.11 -9.44
C ASN A 602 28.38 1.04 -8.97
N THR A 603 27.18 1.14 -9.53
CA THR A 603 26.29 2.30 -9.34
C THR A 603 25.79 2.55 -7.90
N ASP A 604 26.07 1.64 -6.98
CA ASP A 604 25.77 1.86 -5.56
C ASP A 604 26.49 3.09 -5.00
N LYS A 605 27.65 3.41 -5.58
CA LYS A 605 28.47 4.54 -5.15
C LYS A 605 27.94 5.91 -5.59
N LEU A 606 26.71 5.96 -6.11
CA LEU A 606 26.01 7.22 -6.28
C LEU A 606 25.45 7.71 -4.95
N ALA A 607 25.22 6.80 -4.00
CA ALA A 607 24.67 7.16 -2.68
C ALA A 607 25.57 8.10 -1.90
N GLY A 608 26.87 8.10 -2.23
CA GLY A 608 27.80 9.06 -1.64
C GLY A 608 27.49 10.52 -1.94
N LEU A 609 26.52 10.76 -2.82
CA LEU A 609 26.05 12.12 -3.15
C LEU A 609 25.07 12.69 -2.14
N LYS A 610 24.43 11.85 -1.34
CA LYS A 610 23.44 12.33 -0.36
C LYS A 610 24.02 13.47 0.48
N LYS A 611 25.21 13.25 1.04
CA LYS A 611 25.85 14.25 1.90
C LYS A 611 26.19 15.58 1.21
N PHE A 612 26.45 15.56 -0.10
CA PHE A 612 26.74 16.80 -0.86
C PHE A 612 25.50 17.50 -1.41
N ALA A 613 24.31 17.03 -1.06
CA ALA A 613 23.07 17.56 -1.63
C ALA A 613 22.87 19.07 -1.42
N ASP A 614 23.35 19.58 -0.28
CA ASP A 614 23.18 20.99 0.07
C ASP A 614 24.39 21.87 -0.25
N ASP A 615 25.54 21.25 -0.52
CA ASP A 615 26.75 21.99 -0.89
C ASP A 615 26.50 22.91 -2.10
N GLU A 616 26.86 24.18 -1.92
CA GLU A 616 26.53 25.25 -2.86
C GLU A 616 27.21 25.09 -4.22
N ASP A 617 28.45 24.59 -4.18
CA ASP A 617 29.28 24.48 -5.38
C ASP A 617 28.76 23.39 -6.30
N LEU A 618 28.52 22.21 -5.71
CA LEU A 618 27.90 21.11 -6.43
C LEU A 618 26.64 21.59 -7.11
N GLN A 619 25.76 22.21 -6.32
CA GLN A 619 24.51 22.78 -6.83
C GLN A 619 24.72 23.71 -8.02
N SER A 620 25.83 24.44 -8.04
CA SER A 620 26.10 25.39 -9.13
C SER A 620 26.47 24.66 -10.43
N GLU A 621 27.39 23.70 -10.33
CA GLU A 621 27.77 22.86 -11.47
C GLU A 621 26.57 22.06 -11.98
N TRP A 622 25.80 21.54 -11.04
CA TRP A 622 24.64 20.69 -11.32
C TRP A 622 23.53 21.44 -12.07
N ARG A 623 23.32 22.72 -11.74
CA ARG A 623 22.33 23.53 -12.45
C ARG A 623 22.84 23.98 -13.81
N THR A 624 24.13 24.29 -13.88
CA THR A 624 24.78 24.63 -15.15
C THR A 624 24.63 23.49 -16.14
N ALA A 625 24.93 22.27 -15.71
CA ALA A 625 24.83 21.08 -16.56
C ALA A 625 23.42 20.91 -17.12
N LYS A 626 22.44 20.86 -16.21
CA LYS A 626 21.03 20.74 -16.60
C LYS A 626 20.67 21.79 -17.65
N ARG A 627 21.11 23.02 -17.41
CA ARG A 627 20.84 24.13 -18.33
C ARG A 627 21.52 23.91 -19.69
N ASN A 628 22.76 23.43 -19.66
CA ASN A 628 23.52 23.16 -20.88
C ASN A 628 22.88 22.04 -21.69
N ASN A 629 22.35 21.03 -21.00
CA ASN A 629 21.66 19.91 -21.64
C ASN A 629 20.33 20.33 -22.25
N LYS A 630 19.69 21.34 -21.66
CA LYS A 630 18.44 21.87 -22.21
C LYS A 630 18.62 22.59 -23.54
N MET A 631 19.83 23.10 -23.79
CA MET A 631 20.09 23.83 -25.04
C MET A 631 20.13 22.92 -26.27
N LYS A 632 20.42 21.63 -26.08
CA LYS A 632 20.40 20.65 -27.19
C LYS A 632 18.97 20.29 -27.58
N VAL A 633 18.06 20.40 -26.61
CA VAL A 633 16.63 20.22 -26.82
C VAL A 633 16.05 21.43 -27.58
N VAL A 634 16.54 22.63 -27.27
CA VAL A 634 16.15 23.82 -28.04
C VAL A 634 16.45 23.62 -29.53
N SER A 635 17.62 23.05 -29.83
CA SER A 635 17.96 22.74 -31.21
C SER A 635 16.99 21.72 -31.78
N LEU A 636 16.69 20.69 -30.99
CA LEU A 636 15.78 19.64 -31.43
C LEU A 636 14.41 20.19 -31.77
N ILE A 637 13.86 21.01 -30.88
CA ILE A 637 12.51 21.55 -31.05
C ILE A 637 12.46 22.47 -32.24
N ARG A 638 13.38 23.44 -32.29
CA ARG A 638 13.56 24.33 -33.44
C ARG A 638 13.59 23.51 -34.73
N ASP A 639 14.45 22.50 -34.77
CA ASP A 639 14.66 21.69 -35.96
C ASP A 639 13.46 20.81 -36.36
N LYS A 640 12.82 20.17 -35.38
CA LYS A 640 11.76 19.19 -35.65
C LYS A 640 10.37 19.80 -35.79
N THR A 641 10.06 20.81 -35.00
CA THR A 641 8.73 21.44 -35.02
C THR A 641 8.72 22.84 -35.62
N GLY A 642 9.82 23.58 -35.48
CA GLY A 642 9.89 24.95 -35.96
C GLY A 642 9.75 25.96 -34.84
N TYR A 643 9.17 25.54 -33.72
CA TYR A 643 8.95 26.43 -32.58
C TYR A 643 10.27 26.87 -31.93
N ILE A 644 10.28 28.10 -31.42
CA ILE A 644 11.42 28.71 -30.76
C ILE A 644 11.12 28.79 -29.26
N VAL A 645 11.94 28.13 -28.44
CA VAL A 645 11.71 28.07 -27.00
C VAL A 645 12.94 28.48 -26.20
N SER A 646 12.73 29.10 -25.04
CA SER A 646 13.84 29.53 -24.18
C SER A 646 14.20 28.45 -23.16
N PRO A 647 15.51 28.16 -23.00
CA PRO A 647 15.94 27.15 -22.05
C PRO A 647 15.79 27.58 -20.59
N ASP A 648 15.48 28.87 -20.34
CA ASP A 648 15.30 29.37 -18.97
C ASP A 648 13.87 29.17 -18.45
N ALA A 649 13.21 28.09 -18.86
CA ALA A 649 11.92 27.71 -18.32
C ALA A 649 12.06 26.32 -17.71
N MET A 650 11.02 25.86 -17.01
CA MET A 650 10.99 24.51 -16.48
C MET A 650 10.74 23.57 -17.64
N PHE A 651 11.63 22.59 -17.83
CA PHE A 651 11.42 21.57 -18.86
C PHE A 651 10.60 20.42 -18.29
N ASP A 652 9.30 20.52 -18.58
CA ASP A 652 8.26 19.61 -18.12
C ASP A 652 7.98 18.64 -19.25
N VAL A 653 8.29 17.35 -19.03
CA VAL A 653 8.21 16.36 -20.09
C VAL A 653 7.27 15.22 -19.76
N GLN A 654 6.30 14.96 -20.63
CA GLN A 654 5.62 13.67 -20.65
C GLN A 654 5.93 13.00 -21.98
N VAL A 655 6.61 11.86 -21.91
CA VAL A 655 7.08 11.22 -23.11
C VAL A 655 6.81 9.71 -22.95
N LYS A 656 5.75 9.24 -23.61
CA LYS A 656 5.34 7.82 -23.61
C LYS A 656 4.17 7.56 -24.56
N ARG A 657 3.91 6.28 -24.86
CA ARG A 657 2.90 5.93 -25.85
CA ARG A 657 2.86 5.86 -25.79
C ARG A 657 1.57 6.64 -25.55
N ILE A 658 0.94 7.13 -26.61
CA ILE A 658 -0.29 7.89 -26.49
C ILE A 658 -1.47 6.95 -26.24
N HIS A 659 -2.12 7.12 -25.09
CA HIS A 659 -3.17 6.21 -24.67
C HIS A 659 -4.08 6.92 -23.69
N GLU A 660 -5.37 6.66 -23.75
CA GLU A 660 -6.30 7.23 -22.77
C GLU A 660 -5.85 6.92 -21.33
N TYR A 661 -5.30 5.72 -21.09
CA TYR A 661 -4.94 5.28 -19.74
C TYR A 661 -3.66 5.91 -19.21
N LYS A 662 -2.73 6.26 -20.09
CA LYS A 662 -1.52 6.96 -19.67
C LYS A 662 -1.84 8.40 -19.32
N ARG A 663 -2.96 8.88 -19.88
CA ARG A 663 -3.56 10.18 -19.55
C ARG A 663 -2.70 11.36 -19.94
N GLN A 664 -2.27 11.38 -21.21
CA GLN A 664 -1.77 12.60 -21.83
C GLN A 664 -2.85 13.66 -21.72
N LEU A 665 -4.10 13.22 -21.85
CA LEU A 665 -5.24 14.13 -21.79
C LEU A 665 -5.28 14.88 -20.45
N LEU A 666 -4.97 14.19 -19.35
CA LEU A 666 -4.92 14.82 -18.04
C LEU A 666 -3.86 15.93 -17.97
N ASN A 667 -2.70 15.69 -18.58
CA ASN A 667 -1.63 16.68 -18.57
C ASN A 667 -2.00 17.89 -19.42
N ILE A 668 -2.43 17.66 -20.65
CA ILE A 668 -2.75 18.78 -21.54
C ILE A 668 -3.92 19.61 -20.94
N LEU A 669 -4.93 18.97 -20.36
CA LEU A 669 -6.03 19.72 -19.76
C LEU A 669 -5.55 20.54 -18.56
N GLY A 670 -4.52 20.06 -17.87
CA GLY A 670 -3.92 20.80 -16.77
C GLY A 670 -3.16 22.02 -17.26
N ILE A 671 -2.45 21.87 -18.38
CA ILE A 671 -1.81 23.01 -19.03
C ILE A 671 -2.87 24.02 -19.48
N VAL A 672 -3.93 23.52 -20.13
CA VAL A 672 -5.04 24.37 -20.59
C VAL A 672 -5.67 25.16 -19.43
N TYR A 673 -5.71 24.56 -18.23
CA TYR A 673 -6.24 25.26 -17.06
C TYR A 673 -5.33 26.43 -16.70
N ARG A 674 -4.03 26.20 -16.70
CA ARG A 674 -3.06 27.26 -16.37
C ARG A 674 -3.06 28.38 -17.40
N TYR A 675 -3.17 28.01 -18.68
CA TYR A 675 -3.34 28.98 -19.75
C TYR A 675 -4.54 29.89 -19.53
N LYS A 676 -5.68 29.28 -19.21
CA LYS A 676 -6.91 30.05 -18.99
C LYS A 676 -6.74 31.03 -17.84
N LYS A 677 -6.14 30.56 -16.74
CA LYS A 677 -5.86 31.40 -15.59
C LYS A 677 -4.97 32.58 -15.96
N MET A 678 -3.91 32.31 -16.72
CA MET A 678 -3.02 33.36 -17.22
C MET A 678 -3.78 34.43 -18.00
N LYS A 679 -4.72 33.99 -18.85
CA LYS A 679 -5.47 34.89 -19.72
C LYS A 679 -6.47 35.76 -18.95
N GLU A 680 -6.90 35.31 -17.77
CA GLU A 680 -7.86 36.04 -16.93
C GLU A 680 -7.16 36.64 -15.71
N MET A 681 -6.02 37.28 -15.99
CA MET A 681 -5.09 37.72 -14.96
C MET A 681 -4.19 38.78 -15.59
N SER A 682 -3.75 39.76 -14.78
CA SER A 682 -2.92 40.85 -15.30
C SER A 682 -1.49 40.37 -15.58
N ALA A 683 -0.84 41.01 -16.55
CA ALA A 683 0.53 40.61 -16.97
C ALA A 683 1.56 40.67 -15.83
N LYS A 684 1.30 41.50 -14.82
CA LYS A 684 2.10 41.51 -13.59
C LYS A 684 1.85 40.22 -12.78
N ASP A 685 0.59 39.80 -12.70
CA ASP A 685 0.21 38.63 -11.91
C ASP A 685 0.60 37.29 -12.55
N ARG A 686 0.52 37.18 -13.89
CA ARG A 686 0.98 35.99 -14.60
C ARG A 686 2.35 35.51 -14.12
N ARG A 687 3.26 36.46 -13.94
CA ARG A 687 4.60 36.20 -13.44
C ARG A 687 4.62 35.77 -11.96
N LYS A 688 3.76 36.40 -11.17
CA LYS A 688 3.65 36.10 -9.72
C LYS A 688 3.09 34.70 -9.44
N SER A 689 2.18 34.23 -10.31
CA SER A 689 1.43 33.00 -10.07
C SER A 689 2.06 31.76 -10.67
N PHE A 690 2.71 31.90 -11.83
CA PHE A 690 3.24 30.75 -12.56
C PHE A 690 4.70 30.89 -12.93
N VAL A 691 5.43 29.79 -12.80
CA VAL A 691 6.81 29.70 -13.23
C VAL A 691 6.81 29.42 -14.73
N PRO A 692 7.75 30.01 -15.47
CA PRO A 692 7.82 29.70 -16.91
C PRO A 692 8.10 28.21 -17.22
N ARG A 693 7.36 27.64 -18.18
CA ARG A 693 7.51 26.23 -18.54
C ARG A 693 7.66 26.01 -20.03
N VAL A 694 8.33 24.90 -20.38
CA VAL A 694 8.26 24.32 -21.71
C VAL A 694 7.74 22.89 -21.53
N CYS A 695 6.49 22.68 -21.88
CA CYS A 695 5.83 21.40 -21.68
C CYS A 695 5.94 20.57 -22.95
N ILE A 696 6.66 19.47 -22.85
CA ILE A 696 7.02 18.67 -24.01
C ILE A 696 6.31 17.33 -23.95
N PHE A 697 5.55 17.02 -25.01
CA PHE A 697 4.90 15.73 -25.19
C PHE A 697 5.64 14.95 -26.28
N GLY A 698 5.52 13.63 -26.24
CA GLY A 698 6.12 12.78 -27.28
C GLY A 698 5.51 11.40 -27.20
N GLY A 699 5.64 10.62 -28.27
CA GLY A 699 5.15 9.26 -28.27
C GLY A 699 4.24 8.97 -29.43
N LYS A 700 4.03 7.68 -29.69
CA LYS A 700 3.28 7.21 -30.84
C LYS A 700 1.89 6.72 -30.41
N ALA A 701 0.90 7.05 -31.22
CA ALA A 701 -0.44 6.53 -31.05
C ALA A 701 -0.62 5.34 -31.98
N PHE A 702 -1.20 4.26 -31.45
CA PHE A 702 -1.54 3.11 -32.28
C PHE A 702 -2.42 3.67 -33.41
N ALA A 703 -2.06 3.35 -34.65
CA ALA A 703 -2.67 3.99 -35.82
C ALA A 703 -4.18 3.92 -35.80
N THR A 704 -4.69 2.75 -35.45
CA THR A 704 -6.11 2.45 -35.54
C THR A 704 -6.93 3.05 -34.36
N TYR A 705 -6.21 3.43 -33.30
CA TYR A 705 -6.79 3.99 -32.08
C TYR A 705 -7.26 5.43 -32.35
N VAL A 706 -8.55 5.55 -32.65
CA VAL A 706 -9.10 6.82 -33.10
C VAL A 706 -8.94 7.91 -32.05
N GLN A 707 -9.23 7.58 -30.80
CA GLN A 707 -9.24 8.59 -29.76
C GLN A 707 -7.84 9.04 -29.37
N ALA A 708 -6.88 8.11 -29.35
CA ALA A 708 -5.49 8.48 -29.08
C ALA A 708 -4.95 9.42 -30.16
N LYS A 709 -5.30 9.16 -31.42
CA LYS A 709 -4.89 10.06 -32.50
C LYS A 709 -5.55 11.43 -32.42
N ARG A 710 -6.79 11.50 -31.96
CA ARG A 710 -7.43 12.80 -31.74
CA ARG A 710 -7.43 12.79 -31.75
C ARG A 710 -6.69 13.56 -30.62
N ILE A 711 -6.09 12.84 -29.67
CA ILE A 711 -5.37 13.45 -28.56
C ILE A 711 -4.06 14.09 -29.00
N VAL A 712 -3.31 13.47 -29.91
CA VAL A 712 -2.09 14.12 -30.42
C VAL A 712 -2.44 15.37 -31.26
N LYS A 713 -3.54 15.26 -32.01
CA LYS A 713 -4.09 16.35 -32.77
C LYS A 713 -4.41 17.51 -31.87
N PHE A 714 -5.19 17.23 -30.82
CA PHE A 714 -5.59 18.27 -29.88
C PHE A 714 -4.40 18.99 -29.26
N ILE A 715 -3.39 18.22 -28.83
CA ILE A 715 -2.17 18.77 -28.22
C ILE A 715 -1.47 19.73 -29.18
N THR A 716 -1.33 19.32 -30.44
CA THR A 716 -0.67 20.14 -31.45
C THR A 716 -1.40 21.47 -31.63
N ASP A 717 -2.72 21.41 -31.62
CA ASP A 717 -3.56 22.59 -31.74
C ASP A 717 -3.38 23.55 -30.58
N VAL A 718 -3.26 23.00 -29.37
CA VAL A 718 -3.00 23.83 -28.20
C VAL A 718 -1.67 24.54 -28.39
N ALA A 719 -0.67 23.83 -28.89
CA ALA A 719 0.67 24.39 -29.12
C ALA A 719 0.62 25.55 -30.09
N ALA A 720 -0.08 25.35 -31.22
CA ALA A 720 -0.24 26.41 -32.23
C ALA A 720 -0.84 27.66 -31.62
N THR A 721 -1.88 27.49 -30.80
CA THR A 721 -2.54 28.60 -30.11
C THR A 721 -1.65 29.22 -29.01
N VAL A 722 -1.09 28.40 -28.14
CA VAL A 722 -0.32 28.90 -26.99
C VAL A 722 0.99 29.54 -27.42
N ASN A 723 1.74 28.88 -28.29
CA ASN A 723 3.10 29.32 -28.62
C ASN A 723 3.16 30.68 -29.35
N TYR A 724 2.11 31.03 -30.10
CA TYR A 724 2.09 32.29 -30.86
C TYR A 724 1.18 33.36 -30.20
N ASP A 725 0.94 33.25 -28.90
CA ASP A 725 0.09 34.22 -28.18
C ASP A 725 0.96 35.29 -27.52
N PRO A 726 0.88 36.55 -27.99
CA PRO A 726 1.64 37.68 -27.40
C PRO A 726 1.49 37.85 -25.87
N ASP A 727 0.30 37.61 -25.34
CA ASP A 727 0.06 37.71 -23.90
C ASP A 727 0.89 36.73 -23.08
N ILE A 728 1.21 35.56 -23.65
CA ILE A 728 1.94 34.52 -22.92
C ILE A 728 3.46 34.65 -23.04
N GLY A 729 3.96 34.74 -24.26
CA GLY A 729 5.39 34.85 -24.52
C GLY A 729 6.13 33.58 -24.14
N ASP A 730 7.23 33.74 -23.40
CA ASP A 730 8.05 32.61 -22.97
C ASP A 730 7.63 32.07 -21.59
N LEU A 731 6.50 32.57 -21.07
CA LEU A 731 5.93 32.06 -19.82
C LEU A 731 5.44 30.62 -19.97
N LEU A 732 4.99 30.27 -21.17
CA LEU A 732 4.51 28.92 -21.43
C LEU A 732 4.63 28.55 -22.90
N LYS A 733 5.20 27.37 -23.16
CA LYS A 733 5.22 26.78 -24.50
C LYS A 733 4.77 25.32 -24.40
N VAL A 734 4.04 24.85 -25.41
CA VAL A 734 3.66 23.44 -25.50
C VAL A 734 4.22 22.90 -26.81
N VAL A 735 4.88 21.76 -26.75
CA VAL A 735 5.56 21.21 -27.93
C VAL A 735 5.30 19.71 -28.00
N PHE A 736 4.94 19.22 -29.19
CA PHE A 736 4.88 17.79 -29.42
C PHE A 736 6.05 17.39 -30.31
N VAL A 737 7.05 16.76 -29.72
CA VAL A 737 8.18 16.28 -30.51
C VAL A 737 7.77 15.02 -31.26
N PRO A 738 7.89 15.03 -32.60
CA PRO A 738 7.52 13.87 -33.41
C PRO A 738 8.54 12.74 -33.37
N ASP A 739 8.09 11.54 -33.70
CA ASP A 739 8.96 10.37 -33.89
C ASP A 739 9.81 10.04 -32.67
N TYR A 740 9.19 10.02 -31.49
CA TYR A 740 9.90 9.72 -30.26
C TYR A 740 10.52 8.32 -30.33
N ASN A 741 11.81 8.25 -30.03
CA ASN A 741 12.54 6.99 -30.04
C ASN A 741 13.79 7.10 -29.15
N VAL A 742 14.62 6.06 -29.15
CA VAL A 742 15.77 6.01 -28.25
C VAL A 742 16.64 7.26 -28.40
N SER A 743 16.90 7.67 -29.63
CA SER A 743 17.74 8.86 -29.91
C SER A 743 17.12 10.14 -29.37
N VAL A 744 15.80 10.28 -29.49
CA VAL A 744 15.12 11.44 -28.95
C VAL A 744 15.23 11.43 -27.43
N ALA A 745 14.92 10.30 -26.80
CA ALA A 745 15.02 10.16 -25.35
C ALA A 745 16.42 10.54 -24.85
N GLU A 746 17.45 10.14 -25.57
CA GLU A 746 18.84 10.43 -25.20
C GLU A 746 19.15 11.94 -25.10
N THR A 747 18.52 12.74 -25.96
CA THR A 747 18.67 14.19 -25.88
C THR A 747 17.70 14.79 -24.84
N LEU A 748 16.47 14.32 -24.86
CA LEU A 748 15.42 14.87 -24.01
C LEU A 748 15.67 14.64 -22.51
N ILE A 749 15.99 13.40 -22.14
CA ILE A 749 15.96 12.97 -20.74
C ILE A 749 16.92 13.76 -19.85
N PRO A 750 18.19 13.85 -20.25
CA PRO A 750 19.15 14.63 -19.45
C PRO A 750 18.79 16.12 -19.31
N ALA A 751 17.96 16.64 -20.20
CA ALA A 751 17.53 18.04 -20.16
C ALA A 751 16.27 18.25 -19.30
N SER A 752 15.67 17.16 -18.82
CA SER A 752 14.36 17.25 -18.20
C SER A 752 14.50 17.59 -16.71
N GLU A 753 13.65 18.51 -16.25
CA GLU A 753 13.59 18.90 -14.84
C GLU A 753 12.38 18.26 -14.16
N LEU A 754 11.23 18.28 -14.82
CA LEU A 754 10.06 17.54 -14.37
C LEU A 754 9.67 16.54 -15.44
N SER A 755 9.42 15.29 -15.04
CA SER A 755 8.81 14.29 -15.93
C SER A 755 7.51 13.75 -15.31
N GLN A 756 6.58 13.35 -16.15
CA GLN A 756 5.25 12.98 -15.71
C GLN A 756 5.01 11.51 -15.95
N HIS A 757 4.47 10.86 -14.94
CA HIS A 757 4.14 9.44 -15.01
C HIS A 757 2.83 9.30 -14.27
N ILE A 758 1.75 9.65 -14.96
CA ILE A 758 0.49 9.94 -14.32
C ILE A 758 -0.62 8.97 -14.73
N SER A 759 -0.25 7.73 -15.06
CA SER A 759 -1.22 6.72 -15.50
C SER A 759 -2.24 6.47 -14.40
N THR A 760 -3.43 6.02 -14.77
CA THR A 760 -4.45 5.73 -13.78
C THR A 760 -3.86 4.69 -12.84
N ALA A 761 -4.11 4.87 -11.55
CA ALA A 761 -3.44 4.05 -10.55
C ALA A 761 -3.76 2.56 -10.74
N GLY A 762 -2.70 1.76 -10.74
CA GLY A 762 -2.83 0.30 -10.84
C GLY A 762 -2.92 -0.21 -12.26
N MET A 763 -2.55 0.63 -13.22
CA MET A 763 -2.61 0.29 -14.63
C MET A 763 -1.22 0.05 -15.23
N GLU A 764 -0.20 0.65 -14.65
CA GLU A 764 1.17 0.48 -15.11
C GLU A 764 1.83 -0.62 -14.27
N ALA A 765 2.55 -1.53 -14.90
CA ALA A 765 3.23 -2.61 -14.18
C ALA A 765 4.55 -2.12 -13.61
N SER A 766 5.37 -1.44 -14.43
CA SER A 766 6.63 -0.86 -13.96
C SER A 766 6.86 0.52 -14.55
N GLY A 767 7.48 0.58 -15.73
CA GLY A 767 7.94 1.83 -16.32
C GLY A 767 9.46 1.96 -16.20
N THR A 768 10.16 2.04 -17.33
CA THR A 768 11.60 2.16 -17.30
C THR A 768 12.05 3.60 -17.46
N SER A 769 11.28 4.43 -18.18
CA SER A 769 11.66 5.84 -18.37
C SER A 769 11.69 6.60 -17.03
N ASN A 770 10.79 6.22 -16.11
CA ASN A 770 10.79 6.73 -14.74
C ASN A 770 12.18 6.73 -14.15
N MET A 771 12.83 5.58 -14.30
CA MET A 771 14.12 5.30 -13.69
C MET A 771 15.22 6.12 -14.38
N LYS A 772 15.11 6.25 -15.71
CA LYS A 772 16.04 7.05 -16.53
C LYS A 772 16.04 8.50 -16.10
N PHE A 773 14.85 9.07 -15.97
CA PHE A 773 14.67 10.47 -15.58
C PHE A 773 15.30 10.79 -14.22
N ALA A 774 14.99 9.98 -13.21
CA ALA A 774 15.53 10.21 -11.89
C ALA A 774 17.07 10.16 -11.87
N MET A 775 17.65 9.22 -12.62
CA MET A 775 19.11 9.10 -12.72
C MET A 775 19.75 10.40 -13.21
N ASN A 776 19.06 11.10 -14.11
CA ASN A 776 19.54 12.38 -14.65
C ASN A 776 19.17 13.62 -13.80
N GLY A 777 18.60 13.38 -12.61
CA GLY A 777 18.26 14.47 -11.70
C GLY A 777 16.93 15.14 -12.04
N CYS A 778 16.12 14.48 -12.86
CA CYS A 778 14.79 14.99 -13.20
C CYS A 778 13.82 14.58 -12.11
N LEU A 779 12.94 15.49 -11.73
CA LEU A 779 11.95 15.21 -10.69
C LEU A 779 10.70 14.63 -11.30
N LEU A 780 10.04 13.76 -10.54
CA LEU A 780 8.87 13.03 -10.99
C LEU A 780 7.58 13.57 -10.38
N ILE A 781 6.57 13.79 -11.22
CA ILE A 781 5.20 13.95 -10.77
C ILE A 781 4.43 12.72 -11.25
N GLY A 782 3.74 12.05 -10.33
CA GLY A 782 3.06 10.82 -10.69
C GLY A 782 2.11 10.27 -9.66
N THR A 783 1.38 9.24 -10.08
CA THR A 783 0.47 8.52 -9.21
C THR A 783 1.20 7.37 -8.51
N LEU A 784 0.57 6.82 -7.47
CA LEU A 784 1.11 5.67 -6.76
C LEU A 784 0.86 4.43 -7.62
N ASP A 785 1.79 4.16 -8.53
CA ASP A 785 1.57 3.21 -9.59
C ASP A 785 2.89 2.76 -10.19
N GLY A 786 3.07 1.46 -10.28
CA GLY A 786 4.24 0.89 -10.96
C GLY A 786 5.55 1.23 -10.31
N ALA A 787 6.51 1.63 -11.14
CA ALA A 787 7.87 1.89 -10.67
C ALA A 787 7.94 3.15 -9.80
N ASN A 788 6.94 4.03 -9.92
CA ASN A 788 6.93 5.24 -9.10
C ASN A 788 6.98 4.88 -7.62
N VAL A 789 6.28 3.83 -7.21
CA VAL A 789 6.16 3.46 -5.80
C VAL A 789 7.53 3.17 -5.18
N GLU A 790 8.34 2.40 -5.87
CA GLU A 790 9.70 2.10 -5.39
C GLU A 790 10.65 3.28 -5.58
N ILE A 791 10.51 4.02 -6.67
CA ILE A 791 11.31 5.22 -6.90
C ILE A 791 11.09 6.22 -5.78
N ARG A 792 9.85 6.35 -5.34
CA ARG A 792 9.52 7.25 -4.26
C ARG A 792 10.19 6.82 -2.96
N GLU A 793 10.22 5.52 -2.69
CA GLU A 793 10.90 4.99 -1.50
C GLU A 793 12.39 5.31 -1.53
N GLU A 794 13.02 5.06 -2.66
CA GLU A 794 14.46 5.19 -2.76
C GLU A 794 14.93 6.64 -2.69
N VAL A 795 14.29 7.55 -3.44
CA VAL A 795 14.68 8.96 -3.47
C VAL A 795 14.11 9.78 -2.31
N GLY A 796 13.05 9.28 -1.68
CA GLY A 796 12.45 9.92 -0.51
C GLY A 796 11.17 10.63 -0.87
N GLU A 797 10.15 10.46 -0.02
CA GLU A 797 8.80 10.96 -0.31
C GLU A 797 8.77 12.48 -0.43
N GLU A 798 9.70 13.12 0.28
CA GLU A 798 9.86 14.58 0.26
C GLU A 798 10.32 15.07 -1.13
N ASN A 799 10.97 14.19 -1.88
CA ASN A 799 11.53 14.49 -3.20
C ASN A 799 10.77 13.82 -4.34
N PHE A 800 9.44 13.79 -4.25
CA PHE A 800 8.59 13.20 -5.27
C PHE A 800 7.19 13.78 -5.15
N PHE A 801 6.67 14.30 -6.27
CA PHE A 801 5.37 14.97 -6.31
C PHE A 801 4.24 13.96 -6.55
N LEU A 802 3.61 13.51 -5.45
CA LEU A 802 2.58 12.47 -5.51
C LEU A 802 1.18 13.07 -5.56
N PHE A 803 0.30 12.44 -6.32
CA PHE A 803 -1.10 12.86 -6.40
C PHE A 803 -2.03 11.72 -6.79
N GLY A 804 -3.32 11.96 -6.60
CA GLY A 804 -4.35 11.12 -7.19
C GLY A 804 -4.76 9.91 -6.38
N ALA A 805 -5.82 9.29 -6.86
CA ALA A 805 -6.40 8.09 -6.26
C ALA A 805 -5.41 6.93 -6.26
N HIS A 806 -5.43 6.14 -5.20
CA HIS A 806 -4.58 4.94 -5.11
C HIS A 806 -5.27 3.77 -5.79
N ALA A 807 -4.50 2.74 -6.11
CA ALA A 807 -5.00 1.62 -6.88
C ALA A 807 -6.26 0.97 -6.30
N PRO A 808 -6.30 0.72 -4.97
CA PRO A 808 -7.51 0.10 -4.36
C PRO A 808 -8.82 0.89 -4.52
N GLU A 809 -8.72 2.24 -4.54
CA GLU A 809 -9.88 3.14 -4.60
CA GLU A 809 -9.91 3.08 -4.56
C GLU A 809 -10.60 3.09 -5.94
N ILE A 810 -9.90 2.62 -6.97
CA ILE A 810 -10.36 2.71 -8.37
C ILE A 810 -11.72 2.04 -8.65
N ALA A 811 -11.76 0.72 -8.60
CA ALA A 811 -13.00 -0.01 -8.94
C ALA A 811 -14.24 0.63 -8.35
N GLY A 812 -14.12 1.12 -7.10
CA GLY A 812 -15.22 1.78 -6.40
C GLY A 812 -15.64 3.11 -7.01
N LEU A 813 -14.66 3.92 -7.41
CA LEU A 813 -14.92 5.22 -8.04
C LEU A 813 -15.66 5.10 -9.37
N ARG A 814 -15.38 4.02 -10.08
CA ARG A 814 -16.06 3.72 -11.34
C ARG A 814 -17.49 3.25 -11.10
N GLN A 815 -17.70 2.41 -10.09
CA GLN A 815 -19.05 1.95 -9.75
C GLN A 815 -19.86 3.12 -9.22
N GLU A 816 -19.20 3.98 -8.46
CA GLU A 816 -19.79 5.25 -8.01
C GLU A 816 -20.25 6.10 -9.21
N ARG A 817 -19.42 6.14 -10.25
CA ARG A 817 -19.76 6.86 -11.48
C ARG A 817 -20.99 6.27 -12.18
N ALA A 818 -20.97 4.94 -12.34
CA ALA A 818 -22.08 4.19 -12.94
C ALA A 818 -23.43 4.43 -12.28
N GLU A 819 -23.44 4.65 -10.97
CA GLU A 819 -24.71 4.94 -10.27
C GLU A 819 -24.88 6.45 -10.02
N GLY A 820 -24.30 7.27 -10.90
CA GLY A 820 -24.61 8.69 -10.99
C GLY A 820 -24.19 9.57 -9.82
N LYS A 821 -23.30 9.06 -8.99
CA LYS A 821 -22.93 9.76 -7.75
C LYS A 821 -21.71 10.67 -7.90
N PHE A 822 -21.02 10.64 -9.04
CA PHE A 822 -19.80 11.46 -9.18
C PHE A 822 -20.12 12.85 -9.72
N VAL A 823 -19.72 13.88 -8.96
CA VAL A 823 -19.93 15.27 -9.34
C VAL A 823 -18.56 15.92 -9.46
N PRO A 824 -18.23 16.43 -10.67
CA PRO A 824 -16.86 16.90 -10.86
C PRO A 824 -16.61 18.27 -10.27
N ASP A 825 -15.34 18.59 -10.06
CA ASP A 825 -14.91 19.91 -9.65
C ASP A 825 -15.38 20.95 -10.65
N LEU A 826 -15.78 22.13 -10.17
CA LEU A 826 -16.22 23.23 -11.08
C LEU A 826 -15.12 23.63 -12.07
N ARG A 827 -13.87 23.55 -11.62
CA ARG A 827 -12.72 23.88 -12.48
C ARG A 827 -12.54 22.89 -13.61
N PHE A 828 -13.08 21.68 -13.46
CA PHE A 828 -12.98 20.66 -14.51
C PHE A 828 -14.01 20.91 -15.61
N GLU A 829 -15.22 21.31 -15.20
CA GLU A 829 -16.27 21.68 -16.14
C GLU A 829 -15.91 22.99 -16.87
N GLU A 830 -15.22 23.88 -16.15
CA GLU A 830 -14.71 25.13 -16.70
C GLU A 830 -13.77 24.90 -17.90
N VAL A 831 -12.82 23.97 -17.75
CA VAL A 831 -11.87 23.65 -18.82
C VAL A 831 -12.59 23.00 -19.99
N LYS A 832 -13.41 21.99 -19.72
CA LYS A 832 -14.17 21.32 -20.79
C LYS A 832 -14.95 22.30 -21.64
N GLU A 833 -15.61 23.27 -20.98
CA GLU A 833 -16.36 24.29 -21.71
C GLU A 833 -15.42 25.23 -22.44
N TYR A 834 -14.29 25.54 -21.82
CA TYR A 834 -13.28 26.41 -22.42
C TYR A 834 -12.61 25.76 -23.64
N VAL A 835 -12.56 24.43 -23.69
CA VAL A 835 -12.11 23.68 -24.87
C VAL A 835 -13.19 23.63 -25.95
N ARG A 836 -14.43 23.37 -25.51
CA ARG A 836 -15.62 23.38 -26.38
C ARG A 836 -15.92 24.76 -26.96
N SER A 837 -15.28 25.79 -26.40
CA SER A 837 -15.41 27.17 -26.85
C SER A 837 -14.90 27.43 -28.27
N GLY A 838 -13.98 26.59 -28.75
CA GLY A 838 -13.40 26.76 -30.11
C GLY A 838 -12.11 27.58 -30.13
N VAL A 839 -11.57 27.87 -28.95
CA VAL A 839 -10.38 28.71 -28.82
C VAL A 839 -9.11 28.06 -29.39
N PHE A 840 -9.11 26.75 -29.57
CA PHE A 840 -7.92 26.05 -30.07
C PHE A 840 -8.01 25.65 -31.57
N GLY A 841 -8.84 26.36 -32.33
CA GLY A 841 -8.90 26.15 -33.77
C GLY A 841 -10.30 25.89 -34.28
N THR A 842 -10.38 25.30 -35.47
CA THR A 842 -11.64 25.03 -36.14
C THR A 842 -12.17 23.64 -35.79
N SER A 843 -11.55 22.99 -34.80
CA SER A 843 -11.85 21.60 -34.52
C SER A 843 -12.92 21.40 -33.44
N ASN A 844 -12.91 22.25 -32.41
CA ASN A 844 -13.92 22.30 -31.32
C ASN A 844 -13.90 21.13 -30.28
N TYR A 845 -13.66 19.90 -30.74
CA TYR A 845 -13.40 18.73 -29.87
C TYR A 845 -14.52 18.36 -28.92
N ASP A 846 -15.75 18.67 -29.31
CA ASP A 846 -16.90 18.23 -28.55
C ASP A 846 -16.85 16.71 -28.37
N GLU A 847 -16.27 16.01 -29.34
CA GLU A 847 -16.17 14.56 -29.29
C GLU A 847 -15.20 14.07 -28.21
N LEU A 848 -14.02 14.70 -28.14
CA LEU A 848 -13.00 14.33 -27.15
C LEU A 848 -13.50 14.56 -25.74
N MET A 849 -14.00 15.77 -25.46
CA MET A 849 -14.56 16.08 -24.15
C MET A 849 -15.72 15.15 -23.83
N GLY A 850 -16.45 14.74 -24.87
CA GLY A 850 -17.51 13.74 -24.74
C GLY A 850 -17.06 12.41 -24.15
N SER A 851 -15.76 12.10 -24.25
CA SER A 851 -15.22 10.87 -23.67
C SER A 851 -15.00 10.98 -22.15
N LEU A 852 -15.27 12.16 -21.59
CA LEU A 852 -15.16 12.39 -20.15
C LEU A 852 -16.54 12.59 -19.53
N GLU A 853 -17.59 12.17 -20.24
CA GLU A 853 -18.96 12.44 -19.84
C GLU A 853 -19.85 11.21 -19.89
N GLY A 854 -21.01 11.33 -19.27
CA GLY A 854 -21.95 10.22 -19.13
C GLY A 854 -21.55 9.35 -17.95
N ASN A 855 -22.35 8.32 -17.70
CA ASN A 855 -22.10 7.43 -16.55
C ASN A 855 -21.70 6.00 -16.95
N GLU A 856 -21.96 5.62 -18.21
CA GLU A 856 -21.75 4.25 -18.67
C GLU A 856 -21.55 4.21 -20.18
N GLY A 857 -20.80 3.23 -20.67
CA GLY A 857 -20.62 3.06 -22.11
C GLY A 857 -19.16 3.06 -22.57
N TYR A 858 -18.90 2.30 -23.63
CA TYR A 858 -17.55 2.18 -24.19
C TYR A 858 -17.03 3.54 -24.71
N GLY A 859 -15.86 3.96 -24.23
CA GLY A 859 -15.20 5.19 -24.70
C GLY A 859 -15.74 6.48 -24.10
N ARG A 860 -16.72 6.36 -23.21
CA ARG A 860 -17.32 7.50 -22.52
C ARG A 860 -17.11 7.29 -21.03
N ALA A 861 -17.79 8.09 -20.20
CA ALA A 861 -17.89 7.84 -18.75
C ALA A 861 -16.57 7.99 -17.98
N ASP A 862 -15.59 8.64 -18.60
CA ASP A 862 -14.32 8.96 -17.95
C ASP A 862 -13.72 7.77 -17.20
N TYR A 863 -13.59 6.66 -17.91
CA TYR A 863 -13.12 5.41 -17.33
C TYR A 863 -11.78 5.55 -16.64
N PHE A 864 -10.91 6.40 -17.19
CA PHE A 864 -9.57 6.54 -16.62
C PHE A 864 -9.44 7.72 -15.66
N LEU A 865 -10.57 8.12 -15.08
CA LEU A 865 -10.60 9.02 -13.92
C LEU A 865 -9.82 10.33 -14.10
N VAL A 866 -9.97 10.93 -15.27
CA VAL A 866 -9.33 12.19 -15.55
C VAL A 866 -9.97 13.28 -14.70
N GLY A 867 -11.30 13.29 -14.67
CA GLY A 867 -12.05 14.29 -13.90
C GLY A 867 -11.88 14.16 -12.40
N LYS A 868 -11.86 12.91 -11.93
CA LYS A 868 -11.65 12.61 -10.51
C LYS A 868 -10.30 13.09 -9.98
N ASP A 869 -9.22 12.71 -10.66
CA ASP A 869 -7.86 13.08 -10.22
C ASP A 869 -7.46 14.52 -10.53
N PHE A 870 -8.25 15.20 -11.37
CA PHE A 870 -7.94 16.54 -11.84
C PHE A 870 -7.63 17.54 -10.71
N PRO A 871 -8.54 17.70 -9.74
CA PRO A 871 -8.26 18.74 -8.76
C PRO A 871 -6.99 18.44 -7.96
N SER A 872 -6.88 17.20 -7.50
CA SER A 872 -5.66 16.68 -6.87
C SER A 872 -4.40 17.01 -7.69
N TYR A 873 -4.50 16.84 -9.01
CA TYR A 873 -3.38 17.00 -9.94
C TYR A 873 -2.94 18.47 -10.13
N ILE A 874 -3.85 19.36 -10.51
CA ILE A 874 -3.50 20.78 -10.72
C ILE A 874 -3.01 21.45 -9.44
N GLU A 875 -3.52 21.00 -8.30
CA GLU A 875 -3.02 21.45 -7.01
C GLU A 875 -1.61 20.90 -6.73
N CYS A 876 -1.36 19.65 -7.10
CA CYS A 876 -0.01 19.08 -7.04
C CYS A 876 0.97 19.84 -7.93
N GLN A 877 0.49 20.40 -9.05
CA GLN A 877 1.33 21.24 -9.94
C GLN A 877 1.63 22.62 -9.36
N GLU A 878 0.74 23.13 -8.51
CA GLU A 878 1.02 24.35 -7.78
C GLU A 878 2.21 24.14 -6.83
N LYS A 879 2.28 22.97 -6.19
CA LYS A 879 3.40 22.61 -5.32
C LYS A 879 4.71 22.46 -6.09
N VAL A 880 4.62 22.00 -7.34
CA VAL A 880 5.80 21.91 -8.21
C VAL A 880 6.31 23.30 -8.57
N ASP A 881 5.41 24.21 -8.93
CA ASP A 881 5.77 25.61 -9.18
C ASP A 881 6.53 26.19 -7.98
N GLU A 882 5.93 26.07 -6.79
CA GLU A 882 6.46 26.69 -5.57
CA GLU A 882 6.46 26.68 -5.58
C GLU A 882 7.82 26.12 -5.16
N ALA A 883 8.09 24.87 -5.53
CA ALA A 883 9.38 24.25 -5.24
C ALA A 883 10.43 24.75 -6.22
N TYR A 884 10.02 24.96 -7.46
CA TYR A 884 10.90 25.43 -8.53
C TYR A 884 11.34 26.87 -8.29
N ARG A 885 10.54 27.62 -7.56
CA ARG A 885 10.88 28.97 -7.16
C ARG A 885 12.18 29.00 -6.34
N ASP A 886 12.37 27.98 -5.49
CA ASP A 886 13.60 27.88 -4.70
C ASP A 886 14.55 26.88 -5.35
N GLN A 887 15.36 27.37 -6.29
CA GLN A 887 16.31 26.54 -7.05
C GLN A 887 17.36 25.86 -6.17
N LYS A 888 17.47 26.30 -4.92
CA LYS A 888 18.26 25.60 -3.91
C LYS A 888 17.56 24.29 -3.56
N LEU A 889 16.25 24.37 -3.29
CA LEU A 889 15.44 23.20 -2.96
C LEU A 889 15.31 22.28 -4.14
N TRP A 890 14.96 22.83 -5.31
CA TRP A 890 14.80 22.05 -6.53
C TRP A 890 16.05 21.22 -6.81
N THR A 891 17.21 21.86 -6.78
CA THR A 891 18.47 21.18 -7.10
C THR A 891 18.89 20.22 -5.99
N ARG A 892 18.54 20.53 -4.76
CA ARG A 892 18.73 19.62 -3.63
C ARG A 892 18.00 18.30 -3.93
N MET A 893 16.73 18.43 -4.32
CA MET A 893 15.89 17.26 -4.62
C MET A 893 16.39 16.55 -5.88
N SER A 894 16.80 17.33 -6.90
CA SER A 894 17.41 16.76 -8.10
C SER A 894 18.57 15.83 -7.75
N ILE A 895 19.48 16.30 -6.90
CA ILE A 895 20.66 15.52 -6.51
C ILE A 895 20.28 14.26 -5.71
N LEU A 896 19.27 14.38 -4.85
CA LEU A 896 18.80 13.23 -4.08
C LEU A 896 18.14 12.16 -4.97
N ASN A 897 17.64 12.56 -6.15
CA ASN A 897 17.06 11.60 -7.09
C ASN A 897 18.13 10.77 -7.77
N THR A 898 19.21 11.41 -8.22
CA THR A 898 20.37 10.69 -8.71
C THR A 898 20.96 9.80 -7.62
N ALA A 899 21.07 10.34 -6.40
CA ALA A 899 21.63 9.61 -5.26
C ALA A 899 20.78 8.41 -4.82
N GLY A 900 19.48 8.45 -5.16
CA GLY A 900 18.53 7.38 -4.82
C GLY A 900 18.28 6.38 -5.94
N SER A 901 18.93 6.57 -7.09
CA SER A 901 18.69 5.71 -8.25
C SER A 901 19.43 4.35 -8.29
N PRO A 902 20.46 4.12 -7.44
CA PRO A 902 21.22 2.88 -7.58
C PRO A 902 20.40 1.60 -7.78
N LYS A 903 19.29 1.47 -7.06
CA LYS A 903 18.42 0.28 -7.17
C LYS A 903 17.92 0.02 -8.59
N PHE A 904 17.81 1.07 -9.40
CA PHE A 904 17.20 0.92 -10.71
C PHE A 904 18.17 0.71 -11.85
N SER A 905 19.34 0.14 -11.55
CA SER A 905 20.28 -0.22 -12.58
C SER A 905 20.01 -1.65 -12.98
N SER A 906 19.81 -1.85 -14.27
CA SER A 906 19.62 -3.17 -14.85
C SER A 906 20.68 -4.18 -14.38
N ASP A 907 21.87 -3.71 -13.99
CA ASP A 907 22.91 -4.59 -13.45
C ASP A 907 22.40 -5.48 -12.32
N ARG A 908 21.77 -4.91 -11.30
CA ARG A 908 21.31 -5.72 -10.18
C ARG A 908 20.06 -6.51 -10.54
N THR A 909 19.30 -6.00 -11.51
CA THR A 909 18.17 -6.74 -12.01
C THR A 909 18.65 -8.05 -12.62
N ILE A 910 19.72 -7.96 -13.41
CA ILE A 910 20.32 -9.12 -14.05
C ILE A 910 20.86 -10.12 -13.03
N HIS A 911 21.61 -9.64 -12.05
CA HIS A 911 22.09 -10.52 -10.99
C HIS A 911 20.96 -11.36 -10.42
N GLU A 912 19.85 -10.70 -10.07
CA GLU A 912 18.68 -11.37 -9.52
C GLU A 912 18.14 -12.44 -10.46
N TYR A 913 18.00 -12.09 -11.74
CA TYR A 913 17.58 -13.08 -12.74
C TYR A 913 18.57 -14.23 -12.82
N ALA A 914 19.86 -13.91 -12.85
CA ALA A 914 20.91 -14.92 -13.00
C ALA A 914 20.96 -15.90 -11.83
N LYS A 915 20.74 -15.37 -10.62
CA LYS A 915 20.85 -16.15 -9.39
C LYS A 915 19.56 -16.89 -9.06
N ASP A 916 18.45 -16.16 -9.04
CA ASP A 916 17.17 -16.68 -8.55
C ASP A 916 16.29 -17.39 -9.60
N ILE A 917 16.63 -17.33 -10.89
CA ILE A 917 15.80 -17.96 -11.94
C ILE A 917 16.59 -18.84 -12.90
N TRP A 918 17.50 -18.23 -13.66
CA TRP A 918 18.25 -18.95 -14.69
C TRP A 918 19.29 -19.88 -14.09
N ASP A 919 19.85 -19.46 -12.96
CA ASP A 919 20.91 -20.19 -12.31
C ASP A 919 22.14 -20.29 -13.23
N ILE A 920 22.57 -19.14 -13.76
CA ILE A 920 23.83 -19.01 -14.49
C ILE A 920 24.85 -18.23 -13.66
N SER A 921 26.13 -18.37 -14.02
CA SER A 921 27.24 -17.68 -13.36
C SER A 921 28.00 -16.88 -14.40
N PRO A 922 28.78 -15.87 -13.95
CA PRO A 922 29.59 -15.15 -14.94
C PRO A 922 30.77 -15.98 -15.44
N VAL A 923 31.20 -15.70 -16.66
CA VAL A 923 32.32 -16.37 -17.29
C VAL A 923 33.32 -15.28 -17.72
N ILE A 924 34.46 -15.19 -17.04
CA ILE A 924 35.47 -14.19 -17.38
C ILE A 924 36.58 -14.87 -18.17
N MET A 925 36.88 -14.39 -19.37
CA MET A 925 38.00 -14.91 -20.17
C MET A 925 39.29 -14.37 -19.56
N PRO A 926 40.38 -15.16 -19.56
CA PRO A 926 41.57 -14.79 -18.76
C PRO A 926 42.20 -13.44 -19.15
N THR A 927 42.41 -13.15 -20.33
N ILE B 27 19.14 6.97 47.69
CA ILE B 27 18.41 6.03 48.59
C ILE B 27 18.79 4.57 48.31
N ASP B 28 19.66 4.03 49.15
CA ASP B 28 19.91 2.58 49.21
C ASP B 28 18.58 1.81 49.37
N SER B 29 18.59 0.49 49.14
CA SER B 29 17.39 -0.33 49.39
C SER B 29 17.03 -0.40 50.88
N SER B 30 18.03 -0.22 51.73
CA SER B 30 17.85 -0.16 53.18
C SER B 30 16.90 0.97 53.61
N ALA B 31 16.95 2.11 52.91
CA ALA B 31 16.11 3.27 53.21
C ALA B 31 14.67 3.08 52.74
N ILE B 32 14.51 2.50 51.56
CA ILE B 32 13.19 2.24 51.02
C ILE B 32 12.44 1.25 51.92
N ALA B 33 13.15 0.24 52.41
CA ALA B 33 12.57 -0.71 53.34
C ALA B 33 12.00 -0.02 54.58
N SER B 34 12.67 1.04 55.05
CA SER B 34 12.18 1.85 56.17
C SER B 34 10.91 2.61 55.79
N ASN B 35 10.93 3.23 54.61
CA ASN B 35 9.82 4.07 54.19
C ASN B 35 8.59 3.23 53.89
N ILE B 36 8.80 2.01 53.41
CA ILE B 36 7.69 1.07 53.25
C ILE B 36 7.09 0.76 54.62
N GLN B 37 7.94 0.39 55.56
CA GLN B 37 7.49 0.06 56.92
C GLN B 37 6.78 1.24 57.56
N HIS B 38 7.36 2.42 57.40
CA HIS B 38 6.75 3.65 57.90
C HIS B 38 5.31 3.80 57.41
N HIS B 39 5.11 3.67 56.11
CA HIS B 39 3.76 3.82 55.53
C HIS B 39 2.80 2.72 56.00
N ALA B 40 3.32 1.54 56.28
CA ALA B 40 2.50 0.45 56.79
C ALA B 40 1.95 0.79 58.17
N ASP B 41 2.77 1.46 58.98
CA ASP B 41 2.45 1.76 60.38
C ASP B 41 1.89 3.16 60.62
N PHE B 42 2.31 4.13 59.83
CA PHE B 42 1.95 5.54 60.06
C PHE B 42 1.04 6.20 59.01
N THR B 43 0.74 5.51 57.92
CA THR B 43 -0.44 5.82 57.11
C THR B 43 -1.24 4.51 56.91
N PRO B 44 -1.59 3.83 58.03
CA PRO B 44 -2.16 2.46 57.99
C PRO B 44 -3.61 2.33 57.51
N LEU B 45 -3.94 1.14 56.97
CA LEU B 45 -5.29 0.79 56.52
C LEU B 45 -5.80 -0.51 57.15
N PHE B 46 -5.01 -1.11 58.03
CA PHE B 46 -5.31 -2.40 58.62
C PHE B 46 -4.89 -2.40 60.09
N SER B 47 -5.20 -3.48 60.80
CA SER B 47 -4.71 -3.68 62.16
C SER B 47 -3.19 -3.73 62.13
N PRO B 48 -2.53 -3.43 63.25
CA PRO B 48 -1.07 -3.42 63.25
C PRO B 48 -0.45 -4.82 63.17
N GLU B 49 -1.04 -5.78 63.87
CA GLU B 49 -0.51 -7.15 63.88
C GLU B 49 -0.86 -7.92 62.60
N HIS B 50 -1.75 -7.38 61.79
CA HIS B 50 -2.14 -7.99 60.51
C HIS B 50 -0.99 -8.07 59.53
N SER B 51 -0.92 -9.18 58.78
CA SER B 51 0.17 -9.39 57.82
C SER B 51 -0.36 -9.97 56.51
N SER B 52 -0.29 -9.15 55.45
CA SER B 52 -0.91 -9.47 54.16
C SER B 52 0.02 -9.05 53.04
N PRO B 53 0.03 -9.82 51.93
CA PRO B 53 0.61 -9.29 50.70
C PRO B 53 -0.06 -8.00 50.29
N LEU B 54 -1.37 -7.93 50.50
CA LEU B 54 -2.12 -6.73 50.17
C LEU B 54 -1.65 -5.54 51.01
N LYS B 55 -1.50 -5.75 52.31
CA LYS B 55 -1.03 -4.70 53.21
C LYS B 55 0.34 -4.20 52.78
N ALA B 56 1.20 -5.13 52.38
CA ALA B 56 2.51 -4.79 51.86
C ALA B 56 2.39 -3.95 50.59
N TYR B 57 1.37 -4.23 49.79
CA TYR B 57 1.13 -3.47 48.55
C TYR B 57 0.81 -2.01 48.84
N HIS B 58 -0.21 -1.77 49.66
CA HIS B 58 -0.59 -0.40 49.99
C HIS B 58 0.58 0.42 50.57
N ALA B 59 1.43 -0.24 51.34
CA ALA B 59 2.61 0.41 51.90
C ALA B 59 3.64 0.72 50.82
N THR B 60 3.92 -0.27 49.97
CA THR B 60 4.88 -0.12 48.88
C THR B 60 4.40 0.94 47.88
N ALA B 61 3.09 0.91 47.59
CA ALA B 61 2.48 1.89 46.69
C ALA B 61 2.72 3.29 47.22
N LYS B 62 2.47 3.49 48.50
CA LYS B 62 2.60 4.81 49.13
C LYS B 62 4.06 5.28 49.18
N SER B 63 5.00 4.35 49.26
CA SER B 63 6.42 4.69 49.33
C SER B 63 6.90 5.22 48.00
N VAL B 64 6.48 4.56 46.92
CA VAL B 64 6.79 5.03 45.58
C VAL B 64 6.16 6.39 45.37
N PHE B 65 4.92 6.51 45.83
CA PHE B 65 4.11 7.70 45.63
C PHE B 65 4.79 8.97 46.17
N ASP B 66 5.52 8.85 47.28
CA ASP B 66 6.29 9.97 47.83
C ASP B 66 7.18 10.61 46.76
N SER B 67 7.82 9.77 45.94
CA SER B 67 8.67 10.24 44.85
C SER B 67 7.86 10.99 43.80
N LEU B 68 6.68 10.47 43.47
CA LEU B 68 5.83 11.09 42.46
C LEU B 68 5.29 12.45 42.92
N ILE B 69 5.01 12.57 44.21
CA ILE B 69 4.56 13.85 44.76
C ILE B 69 5.66 14.90 44.58
N MET B 70 6.87 14.62 45.07
CA MET B 70 8.01 15.52 44.91
C MET B 70 8.12 15.99 43.45
N ASN B 71 8.10 15.03 42.55
CA ASN B 71 8.25 15.29 41.12
C ASN B 71 7.02 15.97 40.49
N TRP B 72 5.82 15.62 40.97
CA TRP B 72 4.59 16.25 40.52
C TRP B 72 4.54 17.71 40.93
N ASN B 73 4.95 18.00 42.15
CA ASN B 73 4.93 19.38 42.64
C ASN B 73 5.97 20.24 41.94
N ALA B 74 7.10 19.63 41.60
CA ALA B 74 8.16 20.29 40.85
C ALA B 74 7.73 20.61 39.42
N THR B 75 7.08 19.64 38.78
CA THR B 75 6.57 19.82 37.43
C THR B 75 5.47 20.88 37.43
N TYR B 76 4.59 20.85 38.42
CA TYR B 76 3.49 21.81 38.54
C TYR B 76 4.01 23.23 38.68
N ASP B 77 4.96 23.41 39.60
CA ASP B 77 5.55 24.69 39.91
C ASP B 77 6.28 25.29 38.72
N TYR B 78 7.01 24.46 37.98
CA TYR B 78 7.83 24.95 36.88
C TYR B 78 6.99 25.33 35.66
N TYR B 79 5.91 24.61 35.44
CA TYR B 79 4.99 24.93 34.35
C TYR B 79 4.31 26.29 34.59
N ASN B 80 4.02 26.61 35.85
CA ASN B 80 3.50 27.95 36.18
C ASN B 80 4.50 29.05 35.89
N LYS B 81 5.77 28.81 36.23
CA LYS B 81 6.81 29.81 35.95
C LYS B 81 6.94 30.08 34.46
N VAL B 82 7.03 29.01 33.67
CA VAL B 82 7.32 29.15 32.24
C VAL B 82 6.07 29.52 31.44
N ASN B 83 4.91 29.14 31.93
CA ASN B 83 3.64 29.44 31.27
C ASN B 83 3.65 29.09 29.78
N ALA B 84 4.25 27.94 29.46
CA ALA B 84 4.26 27.44 28.08
C ALA B 84 2.90 26.88 27.75
N LYS B 85 2.64 26.74 26.45
CA LYS B 85 1.39 26.16 25.97
C LYS B 85 1.30 24.74 26.52
N GLN B 86 0.12 24.41 27.04
CA GLN B 86 -0.16 23.13 27.69
C GLN B 86 -1.25 22.43 26.88
N ALA B 87 -1.13 21.11 26.74
CA ALA B 87 -2.14 20.30 26.05
C ALA B 87 -3.05 19.63 27.07
N TYR B 88 -4.28 19.38 26.66
CA TYR B 88 -5.26 18.80 27.54
C TYR B 88 -6.08 17.75 26.80
N TYR B 89 -5.93 16.49 27.20
CA TYR B 89 -6.49 15.34 26.48
C TYR B 89 -7.72 14.81 27.22
N LEU B 90 -8.90 15.04 26.64
CA LEU B 90 -10.15 14.67 27.28
C LEU B 90 -10.64 13.35 26.72
N SER B 91 -10.95 12.41 27.60
CA SER B 91 -11.44 11.11 27.17
C SER B 91 -12.39 10.57 28.21
N MET B 92 -13.36 9.78 27.76
CA MET B 92 -14.27 9.08 28.65
C MET B 92 -13.64 7.83 29.24
N GLU B 93 -12.53 7.38 28.67
CA GLU B 93 -11.82 6.23 29.19
C GLU B 93 -10.37 6.56 29.47
N PHE B 94 -9.85 5.97 30.55
CA PHE B 94 -8.41 5.84 30.74
C PHE B 94 -8.12 4.44 31.30
N LEU B 95 -7.67 3.53 30.44
CA LEU B 95 -7.26 2.19 30.86
C LEU B 95 -5.87 2.23 31.47
N GLN B 96 -5.78 2.79 32.67
CA GLN B 96 -4.50 3.03 33.32
C GLN B 96 -3.65 1.77 33.56
N GLY B 97 -4.31 0.69 33.98
CA GLY B 97 -3.63 -0.53 34.37
C GLY B 97 -3.03 -0.36 35.76
N ARG B 98 -2.37 -1.41 36.25
CA ARG B 98 -1.65 -1.34 37.51
C ARG B 98 -0.51 -0.34 37.42
N ALA B 99 -0.36 0.48 38.46
CA ALA B 99 0.67 1.52 38.47
C ALA B 99 2.02 1.08 39.03
N LEU B 100 2.04 0.09 39.92
CA LEU B 100 3.21 -0.19 40.74
C LEU B 100 4.46 -0.55 39.93
N THR B 101 4.40 -1.63 39.18
CA THR B 101 5.55 -2.07 38.37
C THR B 101 6.08 -0.99 37.42
N ASN B 102 5.18 -0.20 36.82
CA ASN B 102 5.61 0.83 35.87
CA ASN B 102 5.52 0.88 35.86
C ASN B 102 6.12 2.12 36.53
N ALA B 103 5.63 2.44 37.73
CA ALA B 103 6.12 3.59 38.45
C ALA B 103 7.56 3.34 38.89
N ILE B 104 7.75 2.22 39.57
CA ILE B 104 9.06 1.81 40.06
C ILE B 104 10.07 1.68 38.92
N GLY B 105 9.60 1.18 37.78
CA GLY B 105 10.40 1.06 36.59
C GLY B 105 10.83 2.41 36.05
N ASN B 106 9.89 3.31 35.88
CA ASN B 106 10.21 4.65 35.37
C ASN B 106 11.17 5.44 36.26
N LEU B 107 11.11 5.18 37.57
CA LEU B 107 12.07 5.77 38.53
C LEU B 107 13.42 5.07 38.55
N GLU B 108 13.52 3.92 37.88
CA GLU B 108 14.72 3.07 37.92
C GLU B 108 15.09 2.65 39.35
N LEU B 109 14.10 2.34 40.17
CA LEU B 109 14.34 1.84 41.52
C LEU B 109 13.82 0.40 41.61
N THR B 110 13.72 -0.24 40.44
CA THR B 110 13.09 -1.53 40.31
C THR B 110 13.90 -2.63 40.98
N GLY B 111 15.22 -2.53 40.89
CA GLY B 111 16.10 -3.46 41.58
C GLY B 111 16.08 -3.29 43.09
N GLN B 112 16.15 -2.05 43.56
CA GLN B 112 16.25 -1.79 45.00
C GLN B 112 14.94 -2.00 45.74
N TYR B 113 13.82 -1.70 45.10
CA TYR B 113 12.50 -2.01 45.69
C TYR B 113 12.32 -3.52 45.88
N ALA B 114 12.84 -4.30 44.94
CA ALA B 114 12.74 -5.76 45.01
C ALA B 114 13.48 -6.26 46.24
N GLU B 115 14.69 -5.76 46.45
CA GLU B 115 15.48 -6.16 47.61
C GLU B 115 14.89 -5.63 48.90
N ALA B 116 14.46 -4.36 48.89
CA ALA B 116 13.77 -3.77 50.04
C ALA B 116 12.60 -4.63 50.50
N LEU B 117 11.93 -5.27 49.55
CA LEU B 117 10.82 -6.17 49.84
C LEU B 117 11.27 -7.54 50.36
N LYS B 118 12.44 -8.01 49.95
CA LYS B 118 12.98 -9.26 50.51
C LYS B 118 13.28 -9.12 52.01
N GLN B 119 13.84 -7.97 52.39
CA GLN B 119 14.11 -7.65 53.80
C GLN B 119 12.85 -7.78 54.66
N LEU B 120 11.72 -7.33 54.11
CA LEU B 120 10.44 -7.35 54.82
C LEU B 120 9.68 -8.67 54.67
N GLY B 121 10.28 -9.64 53.98
CA GLY B 121 9.70 -10.97 53.83
C GLY B 121 8.65 -11.05 52.73
N HIS B 122 8.83 -10.23 51.69
CA HIS B 122 7.88 -10.15 50.59
C HIS B 122 8.58 -10.21 49.22
N ASN B 123 7.76 -10.33 48.18
CA ASN B 123 8.22 -10.62 46.83
C ASN B 123 7.53 -9.68 45.85
N LEU B 124 8.31 -8.80 45.22
CA LEU B 124 7.77 -7.76 44.35
C LEU B 124 6.68 -8.28 43.43
N GLU B 125 6.99 -9.31 42.67
CA GLU B 125 6.04 -9.90 41.72
C GLU B 125 4.71 -10.24 42.42
N ASP B 126 4.83 -10.94 43.56
CA ASP B 126 3.69 -11.35 44.40
C ASP B 126 2.90 -10.15 44.98
N VAL B 127 3.61 -9.10 45.36
CA VAL B 127 2.99 -7.90 45.91
C VAL B 127 2.28 -7.09 44.82
N ALA B 128 2.95 -6.94 43.68
CA ALA B 128 2.37 -6.21 42.53
C ALA B 128 1.04 -6.81 42.08
N SER B 129 0.90 -8.13 42.19
CA SER B 129 -0.31 -8.82 41.73
C SER B 129 -1.51 -8.64 42.68
N GLN B 130 -1.30 -7.92 43.78
CA GLN B 130 -2.38 -7.58 44.71
C GLN B 130 -3.08 -6.29 44.34
N GLU B 131 -2.46 -5.53 43.44
CA GLU B 131 -3.02 -4.29 42.98
C GLU B 131 -4.22 -4.53 42.07
N PRO B 132 -5.32 -3.83 42.34
CA PRO B 132 -6.47 -3.98 41.46
C PRO B 132 -6.31 -3.09 40.24
N ASP B 133 -6.86 -3.52 39.11
CA ASP B 133 -6.86 -2.69 37.92
C ASP B 133 -7.85 -1.56 38.09
N PRO B 134 -7.40 -0.30 37.96
CA PRO B 134 -8.37 0.78 38.07
C PRO B 134 -9.39 0.63 36.99
N ALA B 135 -10.67 0.71 37.34
CA ALA B 135 -11.75 0.51 36.40
C ALA B 135 -12.16 1.84 35.76
N LEU B 136 -11.18 2.53 35.19
CA LEU B 136 -11.33 3.88 34.64
C LEU B 136 -11.48 3.89 33.12
N GLY B 137 -11.54 2.70 32.53
CA GLY B 137 -11.66 2.54 31.07
C GLY B 137 -12.15 1.16 30.71
N ASN B 138 -11.98 0.81 29.44
CA ASN B 138 -12.53 -0.43 28.90
C ASN B 138 -11.66 -0.97 27.75
N GLY B 139 -11.64 -0.25 26.62
CA GLY B 139 -11.00 -0.73 25.40
C GLY B 139 -9.89 0.17 24.90
N GLY B 140 -9.57 0.02 23.62
CA GLY B 140 -8.48 0.73 22.98
C GLY B 140 -8.46 2.24 23.18
N LEU B 141 -9.63 2.86 23.07
CA LEU B 141 -9.80 4.32 23.23
C LEU B 141 -9.10 4.80 24.48
N GLY B 142 -9.28 4.05 25.57
CA GLY B 142 -8.76 4.40 26.88
C GLY B 142 -7.31 4.02 27.07
N ARG B 143 -6.92 2.89 26.50
CA ARG B 143 -5.55 2.40 26.62
C ARG B 143 -4.62 3.26 25.81
N LEU B 144 -5.07 3.68 24.63
CA LEU B 144 -4.34 4.66 23.83
C LEU B 144 -4.07 5.91 24.68
N ALA B 145 -5.13 6.43 25.29
CA ALA B 145 -5.04 7.64 26.08
C ALA B 145 -3.99 7.48 27.17
N SER B 146 -4.02 6.34 27.86
CA SER B 146 -3.08 6.08 28.95
C SER B 146 -1.63 5.96 28.45
N CYS B 147 -1.42 5.19 27.39
CA CYS B 147 -0.13 5.13 26.69
C CYS B 147 0.30 6.55 26.30
N PHE B 148 -0.62 7.34 25.75
CA PHE B 148 -0.32 8.73 25.37
C PHE B 148 0.17 9.58 26.54
N LEU B 149 -0.32 9.30 27.75
CA LEU B 149 0.10 10.08 28.92
C LEU B 149 1.50 9.66 29.36
N ASP B 150 1.86 8.39 29.15
CA ASP B 150 3.23 7.91 29.43
C ASP B 150 4.24 8.60 28.51
N SER B 151 3.91 8.66 27.24
CA SER B 151 4.81 9.23 26.24
C SER B 151 4.92 10.75 26.37
N LEU B 152 3.82 11.42 26.71
CA LEU B 152 3.84 12.85 26.98
C LEU B 152 4.74 13.21 28.16
N ALA B 153 4.71 12.41 29.22
CA ALA B 153 5.55 12.62 30.41
C ALA B 153 6.99 12.30 30.09
N THR B 154 7.21 11.13 29.51
CA THR B 154 8.56 10.66 29.17
C THR B 154 9.28 11.67 28.29
N LEU B 155 8.56 12.27 27.33
CA LEU B 155 9.16 13.27 26.42
C LEU B 155 9.05 14.74 26.91
N ASN B 156 8.69 14.94 28.18
CA ASN B 156 8.68 16.26 28.83
C ASN B 156 7.69 17.27 28.23
N TYR B 157 6.61 16.79 27.63
CA TYR B 157 5.58 17.68 27.10
C TYR B 157 4.65 18.09 28.22
N PRO B 158 4.25 19.37 28.25
CA PRO B 158 3.26 19.79 29.22
C PRO B 158 1.86 19.39 28.75
N ALA B 159 1.30 18.36 29.36
CA ALA B 159 0.02 17.80 28.94
C ALA B 159 -0.71 17.06 30.07
N TRP B 160 -1.94 17.44 30.32
CA TRP B 160 -2.74 16.77 31.32
C TRP B 160 -3.84 15.97 30.65
N GLY B 161 -4.35 14.98 31.39
CA GLY B 161 -5.52 14.24 30.99
C GLY B 161 -6.68 14.62 31.91
N TYR B 162 -7.86 14.81 31.33
CA TYR B 162 -9.07 15.05 32.08
C TYR B 162 -10.02 13.87 31.86
N GLY B 163 -10.46 13.27 32.97
CA GLY B 163 -11.38 12.13 32.92
C GLY B 163 -12.34 12.13 34.09
N LEU B 164 -13.10 11.04 34.19
CA LEU B 164 -14.07 10.85 35.27
C LEU B 164 -13.58 9.70 36.14
N ARG B 165 -13.88 9.79 37.44
CA ARG B 165 -13.42 8.79 38.42
C ARG B 165 -14.47 7.70 38.64
N TYR B 166 -14.51 6.71 37.75
CA TYR B 166 -15.58 5.73 37.80
C TYR B 166 -15.40 4.80 39.00
N ARG B 167 -16.49 4.53 39.70
CA ARG B 167 -16.46 3.68 40.89
C ARG B 167 -16.44 2.22 40.45
N TYR B 168 -17.49 1.79 39.77
CA TYR B 168 -17.71 0.38 39.46
C TYR B 168 -17.19 -0.03 38.07
N GLY B 169 -16.85 0.96 37.25
CA GLY B 169 -16.25 0.71 35.95
C GLY B 169 -17.25 0.13 34.99
N LEU B 170 -16.80 -0.69 34.05
CA LEU B 170 -17.71 -1.32 33.12
C LEU B 170 -18.36 -2.53 33.80
N PHE B 171 -17.59 -3.61 33.94
CA PHE B 171 -17.94 -4.76 34.80
C PHE B 171 -16.78 -5.75 34.91
N LYS B 172 -16.71 -6.44 36.05
CA LYS B 172 -15.78 -7.54 36.26
C LYS B 172 -16.44 -8.77 35.64
N GLN B 173 -15.78 -9.39 34.67
CA GLN B 173 -16.37 -10.51 33.94
C GLN B 173 -16.10 -11.80 34.68
N ILE B 174 -17.15 -12.57 34.98
CA ILE B 174 -16.94 -13.92 35.51
C ILE B 174 -17.53 -14.93 34.51
N ILE B 175 -16.85 -16.07 34.36
CA ILE B 175 -17.31 -17.13 33.49
C ILE B 175 -17.83 -18.26 34.37
N THR B 176 -19.11 -18.59 34.17
CA THR B 176 -19.77 -19.70 34.84
C THR B 176 -19.97 -20.80 33.81
N LYS B 177 -20.84 -21.76 34.12
CA LYS B 177 -21.21 -22.75 33.11
C LYS B 177 -22.30 -22.19 32.17
N ASP B 178 -22.77 -20.98 32.44
CA ASP B 178 -23.78 -20.31 31.61
C ASP B 178 -23.20 -19.27 30.64
N GLY B 179 -21.88 -19.08 30.65
CA GLY B 179 -21.25 -18.09 29.80
C GLY B 179 -20.78 -16.95 30.66
N GLN B 180 -20.88 -15.73 30.16
CA GLN B 180 -20.39 -14.59 30.93
C GLN B 180 -21.48 -14.03 31.81
N GLU B 181 -21.10 -13.64 33.02
CA GLU B 181 -21.96 -12.83 33.88
C GLU B 181 -21.18 -11.60 34.30
N GLU B 182 -21.91 -10.54 34.64
CA GLU B 182 -21.31 -9.25 34.96
C GLU B 182 -21.44 -8.88 36.44
N VAL B 183 -20.33 -8.43 37.01
CA VAL B 183 -20.23 -8.04 38.41
C VAL B 183 -19.60 -6.65 38.48
N ALA B 184 -20.13 -5.76 39.31
CA ALA B 184 -19.53 -4.43 39.47
C ALA B 184 -18.16 -4.53 40.16
N GLU B 185 -17.24 -3.65 39.75
CA GLU B 185 -15.86 -3.69 40.23
C GLU B 185 -15.71 -3.11 41.64
N ASN B 186 -14.71 -3.59 42.37
CA ASN B 186 -14.46 -3.13 43.73
C ASN B 186 -13.11 -2.43 43.93
N TRP B 187 -12.56 -1.86 42.85
CA TRP B 187 -11.21 -1.31 42.87
C TRP B 187 -10.98 -0.13 43.84
N LEU B 188 -12.06 0.56 44.23
CA LEU B 188 -11.98 1.69 45.16
C LEU B 188 -12.30 1.35 46.60
N GLU B 189 -12.67 0.10 46.89
CA GLU B 189 -13.17 -0.28 48.23
C GLU B 189 -12.29 0.14 49.41
N MET B 190 -10.97 0.04 49.24
CA MET B 190 -10.01 0.46 50.28
C MET B 190 -9.31 1.76 49.92
N GLY B 191 -9.75 2.40 48.85
CA GLY B 191 -9.16 3.66 48.41
C GLY B 191 -8.05 3.42 47.41
N ASN B 192 -7.82 4.41 46.58
CA ASN B 192 -6.77 4.36 45.57
C ASN B 192 -5.51 5.05 46.11
N PRO B 193 -4.43 4.28 46.36
CA PRO B 193 -3.24 4.94 46.89
C PRO B 193 -2.52 5.84 45.87
N TRP B 194 -2.93 5.76 44.60
CA TRP B 194 -2.26 6.46 43.50
C TRP B 194 -2.87 7.83 43.14
N GLU B 195 -3.69 8.38 44.03
CA GLU B 195 -4.39 9.64 43.77
C GLU B 195 -4.32 10.58 44.97
N ILE B 196 -4.58 11.85 44.69
CA ILE B 196 -4.60 12.90 45.70
C ILE B 196 -5.85 13.73 45.49
N VAL B 197 -6.68 13.81 46.52
CA VAL B 197 -7.91 14.60 46.44
C VAL B 197 -7.50 16.06 46.55
N ARG B 198 -8.03 16.94 45.70
CA ARG B 198 -7.76 18.37 45.82
C ARG B 198 -9.03 19.07 46.23
N ASN B 199 -9.20 19.21 47.55
CA ASN B 199 -10.42 19.79 48.11
C ASN B 199 -10.65 21.26 47.75
N ASP B 200 -9.59 22.01 47.48
CA ASP B 200 -9.77 23.39 46.99
C ASP B 200 -10.23 23.42 45.54
N VAL B 201 -10.05 22.31 44.83
CA VAL B 201 -10.45 22.23 43.43
C VAL B 201 -11.83 21.59 43.31
N SER B 202 -12.83 22.45 43.31
CA SER B 202 -14.22 22.06 43.19
C SER B 202 -14.87 22.99 42.16
N TYR B 203 -15.55 22.46 41.15
CA TYR B 203 -16.28 23.30 40.17
C TYR B 203 -17.79 22.95 40.08
N PRO B 204 -18.66 23.98 40.09
CA PRO B 204 -20.10 23.77 39.92
C PRO B 204 -20.49 23.40 38.51
N VAL B 205 -21.39 22.46 38.39
CA VAL B 205 -21.91 22.06 37.10
C VAL B 205 -23.42 22.09 37.20
N LYS B 206 -24.07 22.51 36.12
CA LYS B 206 -25.49 22.80 36.14
C LYS B 206 -26.24 21.93 35.12
N PHE B 207 -27.38 21.39 35.52
CA PHE B 207 -28.24 20.61 34.62
C PHE B 207 -29.62 21.22 34.54
N TYR B 208 -30.27 21.04 33.39
CA TYR B 208 -31.60 21.58 33.08
C TYR B 208 -31.59 23.11 33.14
N GLY B 209 -32.55 23.71 33.85
CA GLY B 209 -32.61 25.16 34.02
C GLY B 209 -33.28 25.83 32.83
N LYS B 210 -33.16 27.15 32.77
CA LYS B 210 -33.62 27.89 31.60
C LYS B 210 -32.74 29.12 31.37
N VAL B 211 -32.83 29.67 30.17
CA VAL B 211 -32.05 30.85 29.81
C VAL B 211 -32.95 32.08 29.84
N VAL B 212 -32.43 33.20 30.33
CA VAL B 212 -33.11 34.48 30.29
C VAL B 212 -32.11 35.58 29.93
N GLU B 213 -32.61 36.62 29.28
CA GLU B 213 -31.77 37.74 28.87
C GLU B 213 -31.92 38.86 29.89
N GLY B 214 -30.89 39.05 30.72
CA GLY B 214 -30.93 40.01 31.81
C GLY B 214 -30.64 41.36 31.23
N THR B 215 -31.63 42.27 31.29
CA THR B 215 -31.62 43.52 30.51
C THR B 215 -30.24 44.20 30.46
N ASP B 216 -29.55 43.97 29.34
CA ASP B 216 -28.09 44.04 29.26
C ASP B 216 -27.59 43.22 28.06
N GLY B 217 -28.48 42.86 27.13
CA GLY B 217 -28.16 41.89 26.08
C GLY B 217 -27.62 40.53 26.54
N ARG B 218 -27.25 40.43 27.81
CA ARG B 218 -26.40 39.34 28.28
C ARG B 218 -27.21 38.11 28.68
N LYS B 219 -26.82 36.94 28.20
CA LYS B 219 -27.53 35.70 28.49
C LYS B 219 -27.15 35.20 29.88
N HIS B 220 -28.11 34.60 30.57
CA HIS B 220 -27.88 34.05 31.91
C HIS B 220 -28.56 32.70 32.02
N TRP B 221 -27.80 31.67 32.37
CA TRP B 221 -28.36 30.33 32.55
C TRP B 221 -28.65 30.10 34.02
N ILE B 222 -29.94 30.07 34.36
CA ILE B 222 -30.37 29.97 35.75
C ILE B 222 -31.10 28.67 36.05
N GLY B 223 -31.30 28.43 37.33
CA GLY B 223 -32.20 27.37 37.79
C GLY B 223 -31.58 26.00 37.62
N GLY B 224 -32.44 25.02 37.39
CA GLY B 224 -32.03 23.65 37.18
C GLY B 224 -31.46 22.97 38.41
N GLU B 225 -30.60 21.98 38.15
CA GLU B 225 -30.00 21.13 39.15
C GLU B 225 -28.51 21.50 39.23
N ASN B 226 -27.92 21.51 40.42
CA ASN B 226 -26.50 21.85 40.57
C ASN B 226 -25.66 20.80 41.34
N ILE B 227 -24.55 20.38 40.76
CA ILE B 227 -23.67 19.41 41.40
C ILE B 227 -22.28 20.01 41.53
N LYS B 228 -21.36 19.26 42.14
CA LYS B 228 -19.97 19.66 42.21
C LYS B 228 -19.10 18.58 41.62
N ALA B 229 -18.11 19.01 40.83
CA ALA B 229 -17.03 18.14 40.39
C ALA B 229 -15.82 18.45 41.26
N VAL B 230 -15.32 17.43 41.96
CA VAL B 230 -14.11 17.59 42.78
C VAL B 230 -12.95 16.86 42.07
N ALA B 231 -11.75 17.40 42.20
CA ALA B 231 -10.59 16.84 41.53
C ALA B 231 -9.88 15.77 42.35
N HIS B 232 -9.56 14.66 41.69
CA HIS B 232 -8.73 13.61 42.24
C HIS B 232 -7.58 13.41 41.25
N ASP B 233 -6.38 13.86 41.61
CA ASP B 233 -5.23 13.82 40.71
C ASP B 233 -4.47 12.51 40.75
N VAL B 234 -4.14 12.00 39.57
CA VAL B 234 -3.31 10.81 39.40
C VAL B 234 -2.03 11.22 38.64
N PRO B 235 -0.88 11.35 39.34
CA PRO B 235 0.39 11.67 38.71
C PRO B 235 0.78 10.67 37.65
N ILE B 236 1.35 11.15 36.55
CA ILE B 236 1.88 10.28 35.49
C ILE B 236 3.38 10.49 35.36
N PRO B 237 4.17 9.62 36.02
CA PRO B 237 5.61 9.80 35.95
C PRO B 237 6.15 9.36 34.60
N GLY B 238 7.09 10.12 34.05
CA GLY B 238 7.80 9.74 32.82
C GLY B 238 8.98 8.84 33.11
N TYR B 239 9.47 8.17 32.07
CA TYR B 239 10.65 7.29 32.16
C TYR B 239 11.95 8.08 32.02
N LYS B 240 12.87 7.89 32.97
CA LYS B 240 14.14 8.62 33.02
C LYS B 240 13.96 10.13 32.85
N THR B 241 13.08 10.67 33.70
CA THR B 241 12.86 12.10 33.78
C THR B 241 12.15 12.42 35.10
N LYS B 242 12.35 13.63 35.60
CA LYS B 242 11.59 14.15 36.73
C LYS B 242 10.18 14.51 36.31
N THR B 243 9.98 14.86 35.04
CA THR B 243 8.67 15.30 34.56
C THR B 243 7.59 14.32 35.04
N THR B 244 6.68 14.81 35.87
CA THR B 244 5.49 14.05 36.25
C THR B 244 4.23 14.86 35.92
N ASN B 245 3.57 14.50 34.83
CA ASN B 245 2.34 15.16 34.38
C ASN B 245 1.17 14.67 35.24
N ASN B 246 -0.08 14.89 34.80
CA ASN B 246 -1.23 14.64 35.65
C ASN B 246 -2.45 14.11 34.91
N LEU B 247 -3.21 13.26 35.59
CA LEU B 247 -4.54 12.86 35.14
C LEU B 247 -5.53 13.32 36.20
N ARG B 248 -6.25 14.41 35.90
CA ARG B 248 -7.25 15.00 36.79
C ARG B 248 -8.60 14.32 36.62
N LEU B 249 -9.08 13.66 37.68
CA LEU B 249 -10.30 12.84 37.61
C LEU B 249 -11.40 13.44 38.45
N TRP B 250 -12.54 13.71 37.81
CA TRP B 250 -13.67 14.35 38.44
C TRP B 250 -14.53 13.33 39.14
N SER B 251 -14.82 13.60 40.41
CA SER B 251 -15.76 12.82 41.19
C SER B 251 -16.93 13.73 41.56
N THR B 252 -18.12 13.34 41.12
CA THR B 252 -19.33 14.13 41.33
C THR B 252 -19.97 13.90 42.71
N THR B 253 -20.51 14.97 43.30
CA THR B 253 -21.14 14.91 44.61
C THR B 253 -21.93 16.20 44.84
N VAL B 254 -22.57 16.32 46.00
CA VAL B 254 -23.27 17.54 46.42
C VAL B 254 -22.99 17.75 47.91
N PRO B 255 -23.15 18.98 48.42
CA PRO B 255 -22.81 19.23 49.82
C PRO B 255 -23.79 18.56 50.80
N SER B 256 -23.27 18.06 51.92
CA SER B 256 -24.08 17.39 52.93
C SER B 256 -25.44 18.04 53.16
N GLN B 257 -25.49 19.37 53.11
CA GLN B 257 -26.73 20.09 53.39
C GLN B 257 -27.88 19.77 52.44
N ASN B 258 -27.58 19.25 51.25
CA ASN B 258 -28.61 18.80 50.32
C ASN B 258 -29.33 17.52 50.75
N PHE B 259 -28.80 16.88 51.79
CA PHE B 259 -29.45 15.72 52.41
C PHE B 259 -30.70 16.17 53.16
N ASP B 260 -31.85 15.57 52.86
CA ASP B 260 -33.14 15.99 53.42
C ASP B 260 -33.46 15.22 54.70
N LEU B 261 -33.19 15.82 55.85
CA LEU B 261 -33.46 15.19 57.14
C LEU B 261 -34.95 14.99 57.42
N GLY B 262 -35.78 15.91 56.95
CA GLY B 262 -37.21 15.77 57.10
C GLY B 262 -37.72 14.52 56.42
N ALA B 263 -37.23 14.28 55.20
CA ALA B 263 -37.53 13.06 54.47
C ALA B 263 -37.03 11.85 55.24
N PHE B 264 -35.78 11.93 55.72
CA PHE B 264 -35.17 10.82 56.47
C PHE B 264 -35.92 10.49 57.76
N ASN B 265 -36.24 11.49 58.56
CA ASN B 265 -36.87 11.23 59.86
C ASN B 265 -38.33 10.80 59.74
N ALA B 266 -38.97 11.21 58.65
CA ALA B 266 -40.31 10.73 58.29
C ALA B 266 -40.32 9.27 57.83
N GLY B 267 -39.16 8.75 57.45
CA GLY B 267 -38.99 7.33 57.14
C GLY B 267 -38.50 7.09 55.73
N ASP B 268 -38.72 8.07 54.85
CA ASP B 268 -38.38 7.94 53.45
C ASP B 268 -36.88 8.20 53.28
N HIS B 269 -36.09 7.17 53.51
CA HIS B 269 -34.64 7.31 53.57
C HIS B 269 -34.05 7.43 52.19
N ALA B 270 -34.72 6.87 51.18
CA ALA B 270 -34.24 6.98 49.79
C ALA B 270 -34.43 8.40 49.27
N LYS B 271 -35.57 9.00 49.62
CA LYS B 271 -35.84 10.36 49.21
C LYS B 271 -34.81 11.28 49.84
N ALA B 272 -34.55 11.07 51.13
CA ALA B 272 -33.55 11.86 51.84
C ALA B 272 -32.22 11.84 51.12
N ASN B 273 -31.96 10.75 50.43
CA ASN B 273 -30.67 10.48 49.80
C ASN B 273 -30.62 10.79 48.30
N GLU B 274 -31.78 11.09 47.74
CA GLU B 274 -31.97 11.33 46.31
C GLU B 274 -30.98 12.32 45.69
N ALA B 275 -30.73 13.43 46.37
CA ALA B 275 -29.89 14.49 45.80
C ALA B 275 -28.47 14.01 45.61
N HIS B 276 -27.99 13.28 46.60
CA HIS B 276 -26.66 12.69 46.56
C HIS B 276 -26.56 11.60 45.52
N LEU B 277 -27.61 10.79 45.39
CA LEU B 277 -27.61 9.70 44.40
C LEU B 277 -27.47 10.27 42.99
N ASN B 278 -28.26 11.31 42.69
CA ASN B 278 -28.26 11.89 41.35
C ASN B 278 -26.90 12.46 40.93
N ALA B 279 -26.20 13.07 41.88
CA ALA B 279 -24.87 13.59 41.60
C ALA B 279 -23.88 12.44 41.51
N GLU B 280 -23.93 11.54 42.47
CA GLU B 280 -22.92 10.48 42.60
C GLU B 280 -22.99 9.45 41.48
N LYS B 281 -24.19 9.16 40.99
CA LYS B 281 -24.38 8.15 39.95
C LYS B 281 -23.69 8.47 38.62
N ILE B 282 -23.44 9.77 38.37
CA ILE B 282 -22.67 10.22 37.21
C ILE B 282 -21.30 9.51 37.12
N CYS B 283 -20.77 9.10 38.27
CA CYS B 283 -19.50 8.41 38.35
C CYS B 283 -19.61 6.92 38.69
N HIS B 284 -20.78 6.31 38.58
CA HIS B 284 -20.87 4.88 38.95
C HIS B 284 -20.38 3.93 37.88
N VAL B 285 -20.97 4.01 36.70
CA VAL B 285 -20.71 3.06 35.64
C VAL B 285 -20.17 3.74 34.39
N LEU B 286 -19.16 3.14 33.77
CA LEU B 286 -18.64 3.59 32.47
C LEU B 286 -19.60 3.16 31.37
N TYR B 287 -19.94 4.09 30.48
CA TYR B 287 -20.90 3.83 29.40
C TYR B 287 -22.16 3.13 29.89
N PRO B 288 -22.95 3.82 30.72
CA PRO B 288 -24.16 3.22 31.23
C PRO B 288 -25.15 2.93 30.11
N GLY B 289 -25.89 1.84 30.21
CA GLY B 289 -26.88 1.49 29.20
C GLY B 289 -27.84 2.64 28.94
N ASP B 290 -28.03 2.96 27.66
CA ASP B 290 -28.78 4.15 27.22
C ASP B 290 -29.99 3.83 26.34
N GLU B 291 -30.56 2.64 26.51
CA GLU B 291 -31.80 2.27 25.83
C GLU B 291 -33.03 2.82 26.57
N SER B 292 -32.80 3.71 27.53
CA SER B 292 -33.84 4.29 28.37
C SER B 292 -33.59 5.79 28.41
N SER B 293 -34.65 6.59 28.43
CA SER B 293 -34.46 8.04 28.43
C SER B 293 -33.66 8.50 29.66
N GLU B 294 -33.80 7.76 30.76
CA GLU B 294 -33.04 8.04 31.98
CA GLU B 294 -33.06 8.00 31.99
C GLU B 294 -31.55 7.72 31.81
N GLY B 295 -31.26 6.71 30.99
CA GLY B 295 -29.87 6.30 30.72
C GLY B 295 -29.18 7.21 29.74
N LYS B 296 -29.94 7.75 28.79
CA LYS B 296 -29.42 8.73 27.85
C LYS B 296 -29.10 10.02 28.55
N ILE B 297 -30.00 10.46 29.43
CA ILE B 297 -29.78 11.66 30.23
C ILE B 297 -28.51 11.52 31.07
N LEU B 298 -28.26 10.33 31.62
CA LEU B 298 -27.10 10.10 32.49
C LEU B 298 -25.83 10.11 31.65
N ARG B 299 -25.90 9.38 30.55
CA ARG B 299 -24.84 9.32 29.54
C ARG B 299 -24.44 10.74 29.08
N LEU B 300 -25.44 11.59 28.91
CA LEU B 300 -25.24 12.98 28.48
C LEU B 300 -24.66 13.88 29.58
N LYS B 301 -25.13 13.69 30.81
CA LYS B 301 -24.62 14.41 31.99
C LYS B 301 -23.15 14.06 32.29
N GLN B 302 -22.80 12.80 32.11
CA GLN B 302 -21.40 12.38 32.22
C GLN B 302 -20.52 13.22 31.32
N GLN B 303 -20.98 13.44 30.08
CA GLN B 303 -20.20 14.14 29.07
C GLN B 303 -20.07 15.62 29.43
N TYR B 304 -21.21 16.26 29.69
CA TYR B 304 -21.19 17.68 30.04
C TYR B 304 -20.36 17.96 31.31
N THR B 305 -20.47 17.10 32.32
CA THR B 305 -19.67 17.17 33.52
C THR B 305 -18.20 17.23 33.18
N LEU B 306 -17.75 16.28 32.38
CA LEU B 306 -16.33 16.17 32.00
C LEU B 306 -15.88 17.45 31.31
N CYS B 307 -16.71 17.93 30.38
CA CYS B 307 -16.36 19.08 29.56
C CYS B 307 -16.36 20.36 30.38
N SER B 308 -17.43 20.55 31.13
CA SER B 308 -17.61 21.79 31.89
C SER B 308 -16.59 21.93 33.01
N ALA B 309 -16.47 20.90 33.85
CA ALA B 309 -15.52 20.91 34.96
C ALA B 309 -14.11 21.17 34.42
N SER B 310 -13.71 20.36 33.44
CA SER B 310 -12.40 20.50 32.85
C SER B 310 -12.14 21.90 32.22
N LEU B 311 -13.07 22.42 31.43
CA LEU B 311 -12.85 23.75 30.84
C LEU B 311 -12.79 24.82 31.92
N GLN B 312 -13.63 24.71 32.95
CA GLN B 312 -13.62 25.70 34.03
C GLN B 312 -12.27 25.73 34.73
N ASP B 313 -11.67 24.54 34.88
CA ASP B 313 -10.33 24.38 35.46
C ASP B 313 -9.24 25.00 34.56
N ILE B 314 -9.31 24.69 33.27
CA ILE B 314 -8.37 25.23 32.27
C ILE B 314 -8.46 26.77 32.22
N ILE B 315 -9.68 27.27 32.19
CA ILE B 315 -9.95 28.70 32.22
C ILE B 315 -9.28 29.33 33.45
N SER B 316 -9.46 28.71 34.60
CA SER B 316 -8.90 29.20 35.86
C SER B 316 -7.37 29.28 35.82
N ARG B 317 -6.74 28.27 35.23
CA ARG B 317 -5.27 28.22 35.17
C ARG B 317 -4.70 29.28 34.24
N PHE B 318 -5.34 29.48 33.09
CA PHE B 318 -4.94 30.52 32.14
C PHE B 318 -4.97 31.90 32.82
N GLU B 319 -6.04 32.17 33.56
CA GLU B 319 -6.22 33.46 34.22
C GLU B 319 -5.17 33.74 35.30
N SER B 320 -4.97 32.78 36.19
CA SER B 320 -4.03 32.96 37.30
C SER B 320 -2.59 33.12 36.79
N ARG B 321 -2.27 32.41 35.72
CA ARG B 321 -0.94 32.50 35.10
C ARG B 321 -0.71 33.84 34.40
N ALA B 322 -1.69 34.26 33.61
CA ALA B 322 -1.62 35.52 32.88
C ALA B 322 -1.52 36.72 33.82
N GLY B 323 -2.27 36.65 34.92
CA GLY B 323 -2.26 37.70 35.92
C GLY B 323 -2.78 38.99 35.34
N ASP B 324 -1.99 40.07 35.48
CA ASP B 324 -2.40 41.40 35.04
C ASP B 324 -2.55 41.49 33.53
N SER B 325 -1.53 41.06 32.80
CA SER B 325 -1.55 41.07 31.33
C SER B 325 -2.35 39.90 30.81
N LEU B 326 -3.67 40.05 30.83
CA LEU B 326 -4.58 38.97 30.45
C LEU B 326 -5.27 39.34 29.14
N ASN B 327 -4.99 38.60 28.08
CA ASN B 327 -5.55 38.86 26.77
C ASN B 327 -6.10 37.56 26.22
N TRP B 328 -7.41 37.48 26.01
CA TRP B 328 -8.04 36.21 25.62
C TRP B 328 -7.65 35.77 24.21
N GLU B 329 -7.15 36.71 23.40
CA GLU B 329 -6.61 36.36 22.08
C GLU B 329 -5.44 35.37 22.23
N ASP B 330 -4.74 35.42 23.37
CA ASP B 330 -3.65 34.49 23.64
C ASP B 330 -4.09 33.09 24.01
N PHE B 331 -5.39 32.89 24.27
CA PHE B 331 -5.87 31.61 24.81
C PHE B 331 -5.43 30.41 23.97
N PRO B 332 -5.68 30.44 22.64
CA PRO B 332 -5.28 29.28 21.85
C PRO B 332 -3.75 29.15 21.62
N SER B 333 -2.96 30.15 21.98
CA SER B 333 -1.51 30.01 21.94
C SER B 333 -0.96 29.56 23.30
N LYS B 334 -1.85 29.45 24.29
CA LYS B 334 -1.50 28.92 25.62
C LYS B 334 -2.24 27.63 26.00
N VAL B 335 -3.29 27.28 25.25
CA VAL B 335 -4.16 26.13 25.55
C VAL B 335 -4.46 25.33 24.29
N ALA B 336 -4.40 24.01 24.39
CA ALA B 336 -4.87 23.09 23.36
C ALA B 336 -5.73 22.01 24.01
N VAL B 337 -7.01 21.95 23.64
CA VAL B 337 -7.90 20.90 24.13
C VAL B 337 -8.15 19.89 23.02
N GLN B 338 -8.06 18.60 23.37
CA GLN B 338 -8.22 17.53 22.39
C GLN B 338 -9.39 16.63 22.75
N MET B 339 -10.39 16.59 21.87
CA MET B 339 -11.55 15.75 22.06
C MET B 339 -11.26 14.39 21.48
N ASN B 340 -11.10 13.41 22.35
CA ASN B 340 -10.93 12.02 21.96
C ASN B 340 -12.31 11.43 21.65
N ASP B 341 -12.56 11.14 20.37
CA ASP B 341 -13.89 10.74 19.87
C ASP B 341 -14.95 11.82 20.15
N THR B 342 -16.23 11.53 19.91
CA THR B 342 -17.28 12.57 20.02
C THR B 342 -17.86 12.77 21.42
N HIS B 343 -17.43 11.94 22.37
CA HIS B 343 -17.99 12.03 23.74
C HIS B 343 -17.81 13.43 24.36
N PRO B 344 -16.64 14.06 24.17
CA PRO B 344 -16.45 15.41 24.70
C PRO B 344 -16.79 16.61 23.75
N THR B 345 -17.66 16.39 22.75
CA THR B 345 -18.07 17.43 21.77
C THR B 345 -18.54 18.74 22.41
N LEU B 346 -19.28 18.61 23.51
CA LEU B 346 -19.81 19.74 24.25
C LEU B 346 -18.75 20.76 24.68
N CYS B 347 -17.48 20.37 24.70
CA CYS B 347 -16.39 21.34 24.90
C CYS B 347 -16.58 22.57 24.02
N ILE B 348 -16.95 22.34 22.77
CA ILE B 348 -17.10 23.42 21.79
C ILE B 348 -18.09 24.47 22.29
N PRO B 349 -19.39 24.13 22.37
CA PRO B 349 -20.36 25.13 22.83
C PRO B 349 -20.16 25.60 24.28
N GLU B 350 -19.67 24.69 25.13
CA GLU B 350 -19.35 25.04 26.52
C GLU B 350 -18.24 26.10 26.60
N LEU B 351 -17.23 25.98 25.76
CA LEU B 351 -16.20 27.00 25.73
C LEU B 351 -16.81 28.33 25.28
N MET B 352 -17.64 28.28 24.25
CA MET B 352 -18.35 29.47 23.77
C MET B 352 -19.19 30.06 24.90
N ARG B 353 -19.84 29.20 25.66
CA ARG B 353 -20.70 29.66 26.76
C ARG B 353 -19.92 30.51 27.74
N ILE B 354 -18.80 29.96 28.22
CA ILE B 354 -18.00 30.62 29.24
C ILE B 354 -17.42 31.95 28.72
N LEU B 355 -16.84 31.92 27.52
CA LEU B 355 -16.22 33.13 26.97
C LEU B 355 -17.22 34.27 26.80
N MET B 356 -18.38 33.97 26.24
CA MET B 356 -19.39 34.98 26.02
C MET B 356 -20.10 35.36 27.33
N ASP B 357 -20.77 34.40 27.96
CA ASP B 357 -21.62 34.72 29.10
C ASP B 357 -20.83 35.12 30.35
N ILE B 358 -19.69 34.48 30.59
CA ILE B 358 -18.92 34.75 31.81
C ILE B 358 -17.83 35.81 31.62
N LYS B 359 -17.07 35.71 30.54
CA LYS B 359 -15.96 36.64 30.30
C LYS B 359 -16.37 37.86 29.47
N GLY B 360 -17.53 37.80 28.84
CA GLY B 360 -18.06 38.95 28.09
C GLY B 360 -17.51 39.18 26.70
N LEU B 361 -17.01 38.12 26.06
CA LEU B 361 -16.51 38.22 24.69
C LEU B 361 -17.68 38.20 23.69
N SER B 362 -17.42 38.76 22.50
CA SER B 362 -18.38 38.71 21.39
C SER B 362 -18.36 37.32 20.76
N TRP B 363 -19.31 37.06 19.86
CA TRP B 363 -19.40 35.74 19.23
C TRP B 363 -18.16 35.43 18.40
N ASN B 364 -17.78 36.33 17.50
CA ASN B 364 -16.65 36.09 16.60
C ASN B 364 -15.33 35.96 17.35
N GLU B 365 -15.19 36.76 18.41
CA GLU B 365 -14.01 36.72 19.29
C GLU B 365 -13.96 35.39 20.03
N ALA B 366 -15.11 34.93 20.50
CA ALA B 366 -15.19 33.67 21.20
C ALA B 366 -14.98 32.47 20.26
N TRP B 367 -15.63 32.52 19.10
CA TRP B 367 -15.59 31.41 18.14
C TRP B 367 -14.18 31.21 17.57
N SER B 368 -13.52 32.31 17.24
CA SER B 368 -12.15 32.28 16.74
C SER B 368 -11.21 31.57 17.72
N ILE B 369 -11.38 31.88 19.00
CA ILE B 369 -10.59 31.25 20.07
C ILE B 369 -10.94 29.77 20.21
N THR B 370 -12.23 29.46 20.12
CA THR B 370 -12.72 28.10 20.21
C THR B 370 -12.18 27.24 19.08
N GLU B 371 -12.37 27.70 17.85
CA GLU B 371 -11.94 26.95 16.67
C GLU B 371 -10.44 26.65 16.72
N ARG B 372 -9.64 27.55 17.30
CA ARG B 372 -8.19 27.38 17.38
C ARG B 372 -7.73 26.65 18.65
N THR B 373 -8.62 26.47 19.62
CA THR B 373 -8.27 25.74 20.85
C THR B 373 -8.52 24.24 20.73
N VAL B 374 -9.63 23.91 20.07
CA VAL B 374 -10.17 22.56 20.08
C VAL B 374 -9.73 21.76 18.85
N ALA B 375 -9.59 20.45 19.02
CA ALA B 375 -9.36 19.55 17.88
C ALA B 375 -10.01 18.18 18.15
N TYR B 376 -10.21 17.42 17.08
CA TYR B 376 -10.99 16.18 17.15
C TYR B 376 -10.22 14.98 16.59
N THR B 377 -10.22 13.90 17.34
CA THR B 377 -9.69 12.64 16.88
C THR B 377 -10.84 11.64 16.74
N ASN B 378 -10.92 10.98 15.60
CA ASN B 378 -11.98 10.06 15.26
C ASN B 378 -11.39 8.65 15.23
N HIS B 379 -12.10 7.69 15.83
CA HIS B 379 -11.64 6.29 15.87
C HIS B 379 -12.53 5.28 15.12
N THR B 380 -13.56 5.72 14.43
CA THR B 380 -14.47 4.80 13.73
C THR B 380 -14.43 4.97 12.21
N VAL B 381 -14.61 3.85 11.52
CA VAL B 381 -14.64 3.80 10.05
C VAL B 381 -16.07 3.90 9.50
N LEU B 382 -17.05 3.46 10.30
CA LEU B 382 -18.49 3.49 9.91
C LEU B 382 -19.09 4.89 10.16
N PRO B 383 -19.76 5.47 9.14
CA PRO B 383 -20.33 6.83 9.28
C PRO B 383 -21.63 6.95 10.09
N GLU B 384 -22.30 5.83 10.38
CA GLU B 384 -23.49 5.86 11.28
C GLU B 384 -23.21 5.16 12.62
N ALA B 385 -21.94 5.13 13.03
CA ALA B 385 -21.54 4.74 14.38
C ALA B 385 -21.11 5.98 15.20
N LEU B 386 -21.34 7.15 14.59
CA LEU B 386 -20.98 8.43 15.14
C LEU B 386 -22.14 8.99 15.94
N GLU B 387 -21.83 9.58 17.08
CA GLU B 387 -22.82 9.91 18.10
C GLU B 387 -23.89 10.91 17.64
N LYS B 388 -25.16 10.53 17.81
CA LYS B 388 -26.29 11.42 17.57
C LYS B 388 -27.13 11.47 18.85
N TRP B 389 -27.68 12.66 19.14
CA TRP B 389 -28.57 12.84 20.28
C TRP B 389 -29.87 13.46 19.82
N SER B 390 -30.94 13.09 20.49
CA SER B 390 -32.23 13.74 20.34
C SER B 390 -32.10 15.20 20.75
N LEU B 391 -32.57 16.10 19.89
CA LEU B 391 -32.55 17.52 20.18
C LEU B 391 -33.42 17.81 21.39
N ASP B 392 -34.59 17.18 21.46
CA ASP B 392 -35.51 17.37 22.57
C ASP B 392 -34.82 17.13 23.91
N ILE B 393 -34.11 16.01 24.02
CA ILE B 393 -33.42 15.67 25.25
C ILE B 393 -32.32 16.69 25.57
N MET B 394 -31.52 17.08 24.57
CA MET B 394 -30.48 18.09 24.80
C MET B 394 -31.07 19.47 25.13
N GLN B 395 -32.14 19.83 24.44
CA GLN B 395 -32.87 21.10 24.63
C GLN B 395 -33.37 21.23 26.09
N LYS B 396 -33.77 20.10 26.65
CA LYS B 396 -34.24 19.98 28.03
C LYS B 396 -33.09 20.11 29.04
N LEU B 397 -32.01 19.37 28.83
CA LEU B 397 -30.92 19.28 29.79
C LEU B 397 -29.94 20.45 29.72
N LEU B 398 -29.55 20.85 28.51
CA LEU B 398 -28.61 21.93 28.31
C LEU B 398 -29.20 22.91 27.30
N PRO B 399 -30.19 23.71 27.71
CA PRO B 399 -30.84 24.61 26.76
C PRO B 399 -29.94 25.73 26.25
N ARG B 400 -28.99 26.17 27.08
CA ARG B 400 -28.11 27.26 26.68
C ARG B 400 -27.15 26.79 25.60
N HIS B 401 -26.75 25.53 25.68
CA HIS B 401 -25.84 24.97 24.70
C HIS B 401 -26.53 24.73 23.38
N VAL B 402 -27.84 24.47 23.41
CA VAL B 402 -28.60 24.32 22.17
C VAL B 402 -28.74 25.67 21.47
N GLU B 403 -29.00 26.72 22.22
CA GLU B 403 -29.02 28.05 21.62
C GLU B 403 -27.71 28.27 20.88
N ILE B 404 -26.59 27.97 21.53
CA ILE B 404 -25.27 28.18 20.91
C ILE B 404 -25.07 27.29 19.68
N ILE B 405 -25.40 26.01 19.79
CA ILE B 405 -25.32 25.07 18.65
C ILE B 405 -26.19 25.55 17.49
N GLU B 406 -27.40 26.01 17.78
CA GLU B 406 -28.28 26.58 16.75
C GLU B 406 -27.58 27.68 15.98
N THR B 407 -26.92 28.58 16.70
CA THR B 407 -26.20 29.70 16.11
C THR B 407 -25.06 29.19 15.23
N ILE B 408 -24.29 28.22 15.75
CA ILE B 408 -23.18 27.62 15.00
C ILE B 408 -23.68 26.99 13.71
N ASP B 409 -24.81 26.30 13.77
CA ASP B 409 -25.36 25.62 12.60
C ASP B 409 -25.84 26.63 11.57
N GLU B 410 -26.33 27.79 12.02
CA GLU B 410 -26.79 28.84 11.09
C GLU B 410 -25.58 29.42 10.35
N GLU B 411 -24.53 29.73 11.09
CA GLU B 411 -23.26 30.16 10.49
C GLU B 411 -22.78 29.14 9.47
N LEU B 412 -22.64 27.90 9.92
CA LEU B 412 -22.16 26.81 9.07
C LEU B 412 -22.88 26.78 7.72
N MET B 413 -24.18 27.00 7.75
CA MET B 413 -25.00 26.90 6.54
C MET B 413 -24.88 28.13 5.64
N ASN B 414 -24.69 29.30 6.23
CA ASN B 414 -24.35 30.50 5.48
C ASN B 414 -22.97 30.41 4.81
N ASN B 415 -22.06 29.65 5.42
CA ASN B 415 -20.74 29.38 4.84
C ASN B 415 -20.80 28.36 3.68
N ILE B 416 -21.72 27.41 3.78
CA ILE B 416 -21.99 26.47 2.69
C ILE B 416 -22.64 27.21 1.52
N VAL B 417 -23.55 28.12 1.85
CA VAL B 417 -24.21 28.98 0.85
C VAL B 417 -23.20 29.78 0.04
N SER B 418 -22.25 30.38 0.74
CA SER B 418 -21.15 31.13 0.11
C SER B 418 -20.36 30.26 -0.85
N LYS B 419 -20.05 29.04 -0.41
CA LYS B 419 -19.09 28.19 -1.14
C LYS B 419 -19.67 27.28 -2.23
N TYR B 420 -20.95 27.41 -2.57
CA TYR B 420 -21.55 26.46 -3.51
C TYR B 420 -22.66 27.00 -4.43
N GLY B 421 -23.74 27.48 -3.85
CA GLY B 421 -25.02 27.47 -4.57
C GLY B 421 -25.83 28.75 -4.65
N THR B 422 -27.16 28.54 -4.61
CA THR B 422 -28.21 29.40 -5.19
C THR B 422 -28.40 29.00 -6.65
N ALA B 423 -27.32 29.10 -7.45
CA ALA B 423 -27.35 28.69 -8.86
C ALA B 423 -27.74 27.22 -9.01
N ASP B 424 -26.89 26.31 -8.55
CA ASP B 424 -27.26 24.92 -8.40
C ASP B 424 -27.91 24.81 -7.03
N ILE B 425 -29.10 24.21 -6.95
CA ILE B 425 -29.82 24.07 -5.67
C ILE B 425 -29.85 22.63 -5.16
N SER B 426 -30.17 21.67 -6.01
CA SER B 426 -30.18 20.27 -5.60
C SER B 426 -28.80 19.87 -5.11
N LEU B 427 -27.75 20.47 -5.68
CA LEU B 427 -26.41 20.33 -5.16
C LEU B 427 -26.35 20.85 -3.72
N LEU B 428 -26.80 22.09 -3.54
CA LEU B 428 -26.79 22.74 -2.22
C LEU B 428 -27.57 21.93 -1.18
N LYS B 429 -28.70 21.39 -1.61
CA LYS B 429 -29.52 20.47 -0.83
C LYS B 429 -28.68 19.33 -0.22
N GLN B 430 -27.82 18.75 -1.07
CA GLN B 430 -26.95 17.64 -0.68
C GLN B 430 -25.86 18.07 0.28
N LYS B 431 -25.22 19.20 0.00
CA LYS B 431 -24.20 19.76 0.87
C LYS B 431 -24.76 20.08 2.26
N LEU B 432 -25.99 20.58 2.31
CA LEU B 432 -26.62 20.93 3.58
C LEU B 432 -27.01 19.71 4.41
N LYS B 433 -27.47 18.64 3.77
CA LYS B 433 -27.76 17.39 4.49
C LYS B 433 -26.50 16.83 5.14
N ASP B 434 -25.47 16.64 4.34
CA ASP B 434 -24.24 16.00 4.81
C ASP B 434 -23.65 16.71 6.02
N MET B 435 -23.66 18.04 6.01
CA MET B 435 -22.89 18.81 6.99
C MET B 435 -23.69 19.39 8.18
N ARG B 436 -25.01 19.54 8.03
CA ARG B 436 -25.86 20.06 9.10
C ARG B 436 -25.57 19.41 10.44
N ILE B 437 -25.64 20.20 11.52
CA ILE B 437 -25.48 19.68 12.87
C ILE B 437 -26.84 19.25 13.40
N LEU B 438 -27.86 20.06 13.15
CA LEU B 438 -29.23 19.77 13.55
C LEU B 438 -30.00 19.23 12.37
N ASP B 439 -30.24 17.92 12.36
CA ASP B 439 -31.02 17.29 11.29
C ASP B 439 -32.51 17.36 11.58
N ASN B 440 -33.29 17.49 10.51
CA ASN B 440 -34.76 17.55 10.57
C ASN B 440 -35.26 18.69 11.44
N VAL B 441 -34.75 19.89 11.16
CA VAL B 441 -35.10 21.12 11.86
C VAL B 441 -35.48 22.17 10.80
N ASP B 442 -36.36 23.09 11.16
CA ASP B 442 -36.69 24.20 10.26
C ASP B 442 -35.42 25.00 10.00
N LEU B 443 -35.11 25.23 8.73
CA LEU B 443 -33.97 26.07 8.38
C LEU B 443 -34.16 27.50 8.93
N PRO B 444 -33.05 28.20 9.22
CA PRO B 444 -33.09 29.64 9.47
C PRO B 444 -33.67 30.37 8.27
N ALA B 445 -34.37 31.48 8.52
CA ALA B 445 -35.04 32.24 7.46
C ALA B 445 -34.09 32.60 6.31
N SER B 446 -32.81 32.82 6.65
CA SER B 446 -31.79 33.17 5.66
C SER B 446 -31.63 32.07 4.61
N VAL B 447 -31.44 30.83 5.06
CA VAL B 447 -31.24 29.69 4.15
C VAL B 447 -32.57 29.25 3.53
N ALA B 448 -33.61 29.18 4.36
CA ALA B 448 -34.93 28.73 3.93
C ALA B 448 -35.41 29.43 2.67
N LYS B 449 -35.12 30.73 2.58
CA LYS B 449 -35.51 31.54 1.43
C LYS B 449 -35.20 30.86 0.08
N LEU B 450 -34.03 30.21 0.00
CA LEU B 450 -33.52 29.69 -1.28
C LEU B 450 -34.30 28.51 -1.85
N PHE B 451 -35.32 28.04 -1.12
CA PHE B 451 -36.08 26.83 -1.48
C PHE B 451 -37.57 27.10 -1.63
N ILE B 452 -37.90 28.22 -2.28
CA ILE B 452 -39.29 28.57 -2.58
C ILE B 452 -39.65 28.13 -4.01
N LYS B 453 -40.90 27.68 -4.20
CA LYS B 453 -41.38 27.12 -5.47
C LYS B 453 -42.15 28.15 -6.30
N GLU B 511 -44.68 27.91 -2.15
CA GLU B 511 -44.55 27.30 -0.83
C GLU B 511 -43.17 26.71 -0.65
N LEU B 512 -42.66 26.74 0.59
CA LEU B 512 -41.35 26.15 0.93
C LEU B 512 -41.23 24.67 0.58
N ASP B 513 -40.07 24.29 0.03
CA ASP B 513 -39.78 22.89 -0.24
C ASP B 513 -39.82 22.09 1.10
N PRO B 514 -40.48 20.90 1.11
CA PRO B 514 -40.45 19.96 2.22
C PRO B 514 -39.12 19.81 2.95
N PHE B 515 -38.02 19.83 2.19
CA PHE B 515 -36.67 19.69 2.76
C PHE B 515 -36.35 20.71 3.85
N ALA B 516 -36.86 21.93 3.70
CA ALA B 516 -36.55 23.05 4.60
C ALA B 516 -37.50 23.15 5.79
N LYS B 517 -38.13 22.04 6.16
CA LYS B 517 -39.13 22.01 7.22
C LYS B 517 -38.91 20.79 8.10
N TYR B 518 -39.30 20.90 9.37
CA TYR B 518 -39.27 19.78 10.30
C TYR B 518 -40.40 18.81 9.90
N ASP B 519 -40.03 17.54 9.72
CA ASP B 519 -40.97 16.47 9.39
C ASP B 519 -41.17 15.60 10.62
N PRO B 520 -42.36 15.70 11.26
CA PRO B 520 -42.60 14.99 12.51
C PRO B 520 -42.53 13.47 12.39
N GLN B 521 -42.56 12.96 11.17
CA GLN B 521 -42.41 11.52 10.93
C GLN B 521 -41.09 10.98 11.46
N PHE B 522 -40.08 11.84 11.57
CA PHE B 522 -38.74 11.44 12.06
C PHE B 522 -38.32 12.31 13.25
N PRO B 523 -37.33 11.83 14.01
CA PRO B 523 -36.84 12.63 15.14
C PRO B 523 -36.03 13.84 14.70
N ARG B 524 -35.88 14.79 15.61
CA ARG B 524 -35.00 15.94 15.41
C ARG B 524 -33.67 15.63 16.09
N VAL B 525 -32.63 15.47 15.30
CA VAL B 525 -31.40 14.89 15.80
C VAL B 525 -30.23 15.87 15.75
N VAL B 526 -29.33 15.77 16.73
CA VAL B 526 -28.10 16.54 16.74
C VAL B 526 -26.94 15.61 16.41
N ARG B 527 -26.26 15.86 15.30
CA ARG B 527 -25.13 15.04 14.87
C ARG B 527 -23.83 15.60 15.45
N MET B 528 -23.26 14.90 16.43
CA MET B 528 -22.15 15.44 17.23
C MET B 528 -20.82 15.48 16.49
N ALA B 529 -20.63 14.53 15.58
CA ALA B 529 -19.39 14.44 14.81
C ALA B 529 -19.27 15.68 13.91
N ASN B 530 -20.39 16.04 13.30
CA ASN B 530 -20.43 17.18 12.44
C ASN B 530 -20.05 18.44 13.22
N LEU B 531 -20.60 18.59 14.42
CA LEU B 531 -20.27 19.74 15.25
C LEU B 531 -18.79 19.76 15.63
N CYS B 532 -18.20 18.59 15.83
CA CYS B 532 -16.77 18.53 16.13
C CYS B 532 -15.96 19.08 14.94
N VAL B 533 -16.28 18.64 13.73
CA VAL B 533 -15.57 19.10 12.53
C VAL B 533 -15.69 20.61 12.35
N VAL B 534 -16.90 21.13 12.54
CA VAL B 534 -17.11 22.58 12.43
C VAL B 534 -16.33 23.34 13.49
N GLY B 535 -16.19 22.76 14.68
CA GLY B 535 -15.60 23.46 15.83
C GLY B 535 -14.11 23.28 16.07
N GLY B 536 -13.49 22.28 15.44
CA GLY B 536 -12.07 22.02 15.63
C GLY B 536 -11.22 22.56 14.49
N HIS B 537 -9.97 22.92 14.79
CA HIS B 537 -9.03 23.36 13.74
C HIS B 537 -8.39 22.18 13.03
N SER B 538 -8.32 21.04 13.70
CA SER B 538 -7.70 19.85 13.12
C SER B 538 -8.53 18.60 13.42
N VAL B 539 -8.70 17.73 12.42
CA VAL B 539 -9.42 16.45 12.58
C VAL B 539 -8.54 15.33 12.09
N ASN B 540 -8.38 14.29 12.89
CA ASN B 540 -7.49 13.20 12.49
C ASN B 540 -8.05 11.81 12.68
N GLY B 541 -7.60 10.89 11.82
CA GLY B 541 -7.78 9.47 12.03
C GLY B 541 -6.55 8.87 12.69
N VAL B 542 -6.56 7.53 12.82
CA VAL B 542 -5.61 6.77 13.65
C VAL B 542 -4.81 5.71 12.87
N ALA B 543 -4.91 5.77 11.54
CA ALA B 543 -4.18 4.89 10.64
C ALA B 543 -4.25 5.49 9.25
N GLU B 544 -3.24 5.26 8.42
CA GLU B 544 -3.19 5.87 7.10
C GLU B 544 -4.45 5.58 6.28
N ILE B 545 -4.83 4.29 6.26
CA ILE B 545 -6.03 3.79 5.58
C ILE B 545 -7.27 4.50 6.12
N HIS B 546 -7.44 4.43 7.44
CA HIS B 546 -8.59 5.02 8.09
C HIS B 546 -8.69 6.55 7.89
N SER B 547 -7.61 7.28 8.13
CA SER B 547 -7.62 8.73 7.92
C SER B 547 -8.04 9.13 6.50
N GLU B 548 -7.78 8.24 5.54
CA GLU B 548 -8.21 8.43 4.14
C GLU B 548 -9.71 8.15 3.98
N ILE B 549 -10.20 7.07 4.59
CA ILE B 549 -11.65 6.78 4.61
C ILE B 549 -12.41 7.95 5.20
N VAL B 550 -11.90 8.50 6.31
CA VAL B 550 -12.45 9.70 6.92
C VAL B 550 -12.58 10.87 5.92
N LYS B 551 -11.56 11.06 5.08
CA LYS B 551 -11.59 12.11 4.06
C LYS B 551 -12.51 11.83 2.88
N GLN B 552 -12.62 10.56 2.48
CA GLN B 552 -13.34 10.17 1.26
C GLN B 552 -14.81 9.81 1.50
N ASP B 553 -15.08 9.04 2.55
CA ASP B 553 -16.43 8.50 2.80
C ASP B 553 -17.17 9.25 3.91
N VAL B 554 -16.53 9.40 5.06
CA VAL B 554 -17.19 9.87 6.28
C VAL B 554 -17.47 11.37 6.27
N PHE B 555 -16.46 12.18 6.04
CA PHE B 555 -16.65 13.64 6.04
C PHE B 555 -16.26 14.26 4.70
N ASN B 556 -16.69 13.65 3.60
CA ASN B 556 -16.25 14.08 2.27
C ASN B 556 -16.51 15.57 1.96
N SER B 557 -17.74 16.04 2.19
CA SER B 557 -18.10 17.42 1.88
C SER B 557 -17.32 18.40 2.74
N PHE B 558 -16.95 17.95 3.93
CA PHE B 558 -16.16 18.76 4.85
C PHE B 558 -14.73 18.86 4.37
N TYR B 559 -14.17 17.72 3.95
CA TYR B 559 -12.82 17.65 3.36
C TYR B 559 -12.71 18.57 2.16
N GLU B 560 -13.69 18.49 1.26
CA GLU B 560 -13.80 19.42 0.14
C GLU B 560 -13.71 20.86 0.62
N MET B 561 -14.44 21.20 1.68
CA MET B 561 -14.53 22.57 2.15
C MET B 561 -13.30 23.04 2.92
N TRP B 562 -12.81 22.21 3.83
CA TRP B 562 -11.65 22.56 4.65
C TRP B 562 -10.64 21.42 4.62
N PRO B 563 -9.88 21.30 3.52
CA PRO B 563 -9.00 20.14 3.39
C PRO B 563 -7.89 20.13 4.44
N THR B 564 -7.39 21.31 4.78
CA THR B 564 -6.28 21.45 5.73
C THR B 564 -6.62 21.03 7.16
N LYS B 565 -7.90 20.95 7.51
CA LYS B 565 -8.28 20.40 8.80
C LYS B 565 -7.76 18.97 8.93
N PHE B 566 -7.89 18.19 7.87
CA PHE B 566 -7.84 16.73 7.98
C PHE B 566 -6.43 16.16 8.00
N GLN B 567 -6.20 15.29 8.98
CA GLN B 567 -4.86 14.77 9.24
C GLN B 567 -4.90 13.27 9.51
N ASN B 568 -3.70 12.72 9.68
CA ASN B 568 -3.50 11.37 10.15
C ASN B 568 -2.49 11.34 11.30
N LYS B 569 -2.78 10.53 12.31
CA LYS B 569 -1.85 10.26 13.41
C LYS B 569 -1.91 8.78 13.79
N THR B 570 -1.18 7.95 13.08
CA THR B 570 -1.19 6.53 13.35
C THR B 570 -0.87 6.27 14.82
N ASN B 571 -1.61 5.34 15.41
CA ASN B 571 -1.49 5.05 16.83
C ASN B 571 -0.16 4.43 17.17
N GLY B 572 0.08 4.31 18.46
CA GLY B 572 1.23 3.60 18.98
C GLY B 572 0.96 3.16 20.40
N VAL B 573 1.92 2.45 20.97
CA VAL B 573 1.84 1.98 22.35
C VAL B 573 3.20 2.19 23.02
N THR B 574 3.18 2.42 24.33
CA THR B 574 4.43 2.69 25.05
C THR B 574 5.28 1.43 25.16
N PRO B 575 6.56 1.51 24.75
CA PRO B 575 7.45 0.33 24.83
C PRO B 575 7.93 0.02 26.26
N ARG B 576 7.71 0.94 27.19
CA ARG B 576 8.06 0.76 28.59
C ARG B 576 7.15 -0.27 29.23
N ARG B 577 5.84 -0.13 29.03
CA ARG B 577 4.89 -1.07 29.61
C ARG B 577 4.75 -2.36 28.81
N TRP B 578 4.95 -2.28 27.51
CA TRP B 578 4.58 -3.38 26.64
C TRP B 578 5.76 -4.21 26.13
N ILE B 579 6.98 -3.81 26.51
CA ILE B 579 8.17 -4.63 26.28
C ILE B 579 8.97 -4.69 27.58
N ARG B 580 9.46 -3.52 27.99
CA ARG B 580 10.42 -3.38 29.09
C ARG B 580 9.93 -3.98 30.39
N PHE B 581 8.69 -3.67 30.79
CA PHE B 581 8.21 -4.05 32.12
C PHE B 581 7.33 -5.29 32.16
N CYS B 582 6.62 -5.57 31.08
CA CYS B 582 5.85 -6.82 30.96
C CYS B 582 6.71 -7.98 30.47
N ASN B 583 7.83 -7.68 29.82
CA ASN B 583 8.72 -8.70 29.28
C ASN B 583 10.19 -8.41 29.60
N PRO B 584 10.54 -8.48 30.90
CA PRO B 584 11.93 -8.24 31.29
C PRO B 584 12.93 -9.24 30.67
N GLU B 585 12.51 -10.48 30.46
CA GLU B 585 13.40 -11.50 29.88
C GLU B 585 13.82 -11.13 28.50
N LEU B 586 12.87 -10.78 27.66
CA LEU B 586 13.17 -10.34 26.30
C LEU B 586 13.99 -9.05 26.32
N SER B 587 13.67 -8.15 27.24
CA SER B 587 14.33 -6.85 27.35
C SER B 587 15.83 -6.96 27.59
N THR B 588 16.25 -7.94 28.39
CA THR B 588 17.69 -8.18 28.59
C THR B 588 18.33 -8.66 27.28
N ILE B 589 17.64 -9.53 26.56
CA ILE B 589 18.11 -10.03 25.26
C ILE B 589 18.24 -8.86 24.27
N ILE B 590 17.26 -7.97 24.22
CA ILE B 590 17.30 -6.82 23.30
C ILE B 590 18.55 -5.96 23.59
N SER B 591 18.74 -5.63 24.86
CA SER B 591 19.80 -4.71 25.29
C SER B 591 21.19 -5.29 25.11
N LYS B 592 21.30 -6.62 25.20
CA LYS B 592 22.59 -7.31 25.01
C LYS B 592 23.06 -7.12 23.57
N TRP B 593 22.23 -7.55 22.63
CA TRP B 593 22.62 -7.61 21.21
C TRP B 593 22.69 -6.24 20.51
N ILE B 594 21.89 -5.28 20.95
CA ILE B 594 21.97 -3.91 20.43
C ILE B 594 23.11 -3.13 21.13
N GLY B 595 23.44 -3.53 22.35
CA GLY B 595 24.48 -2.86 23.13
C GLY B 595 23.91 -2.20 24.38
N SER B 596 22.98 -1.27 24.15
CA SER B 596 22.43 -0.45 25.23
C SER B 596 20.99 -0.87 25.53
N ASP B 597 20.44 -0.31 26.61
CA ASP B 597 18.98 -0.38 26.89
C ASP B 597 18.31 0.96 26.52
N ASP B 598 19.02 1.76 25.72
CA ASP B 598 18.59 3.08 25.30
C ASP B 598 17.35 3.01 24.40
N TRP B 599 17.14 1.85 23.78
CA TRP B 599 15.99 1.57 22.93
C TRP B 599 14.66 1.78 23.63
N ILE B 600 14.67 1.62 24.95
CA ILE B 600 13.47 1.84 25.73
C ILE B 600 12.94 3.25 25.44
N LEU B 601 13.84 4.22 25.42
CA LEU B 601 13.49 5.61 25.13
C LEU B 601 13.56 5.89 23.64
N ASN B 602 14.69 5.57 23.01
CA ASN B 602 14.92 5.78 21.58
C ASN B 602 14.71 4.47 20.81
N THR B 603 13.46 4.07 20.69
CA THR B 603 13.05 2.74 20.19
C THR B 603 13.41 2.44 18.73
N ASP B 604 13.90 3.43 17.99
CA ASP B 604 14.37 3.20 16.61
C ASP B 604 15.51 2.18 16.57
N LYS B 605 16.27 2.11 17.65
CA LYS B 605 17.43 1.22 17.74
C LYS B 605 17.05 -0.27 17.92
N LEU B 606 15.78 -0.60 17.75
CA LEU B 606 15.40 -2.01 17.63
C LEU B 606 15.69 -2.55 16.22
N ALA B 607 15.75 -1.66 15.23
CA ALA B 607 16.03 -2.04 13.84
C ALA B 607 17.39 -2.70 13.69
N GLY B 608 18.32 -2.43 14.61
CA GLY B 608 19.62 -3.07 14.61
C GLY B 608 19.59 -4.58 14.81
N LEU B 609 18.41 -5.13 15.10
CA LEU B 609 18.22 -6.58 15.23
C LEU B 609 18.02 -7.31 13.90
N LYS B 610 17.70 -6.58 12.82
CA LYS B 610 17.50 -7.22 11.50
C LYS B 610 18.67 -8.14 11.16
N LYS B 611 19.90 -7.63 11.29
CA LYS B 611 21.10 -8.40 10.95
C LYS B 611 21.31 -9.69 11.77
N PHE B 612 20.85 -9.70 13.02
CA PHE B 612 20.97 -10.90 13.88
C PHE B 612 19.79 -11.90 13.75
N ALA B 613 18.89 -11.66 12.80
CA ALA B 613 17.67 -12.47 12.64
C ALA B 613 17.90 -13.98 12.48
N ASP B 614 19.00 -14.34 11.82
CA ASP B 614 19.33 -15.75 11.53
C ASP B 614 20.38 -16.34 12.48
N ASP B 615 21.06 -15.48 13.23
CA ASP B 615 22.07 -15.92 14.18
C ASP B 615 21.51 -16.95 15.17
N GLU B 616 22.21 -18.05 15.30
CA GLU B 616 21.73 -19.22 16.04
C GLU B 616 21.63 -18.99 17.55
N ASP B 617 22.56 -18.19 18.09
CA ASP B 617 22.60 -17.92 19.52
C ASP B 617 21.43 -17.06 19.94
N LEU B 618 21.24 -15.95 19.23
CA LEU B 618 20.10 -15.07 19.45
C LEU B 618 18.82 -15.90 19.43
N GLN B 619 18.66 -16.68 18.36
CA GLN B 619 17.50 -17.56 18.19
C GLN B 619 17.27 -18.47 19.39
N SER B 620 18.34 -18.92 20.01
CA SER B 620 18.23 -19.86 21.13
C SER B 620 17.73 -19.16 22.41
N GLU B 621 18.33 -18.01 22.73
CA GLU B 621 17.91 -17.17 23.86
C GLU B 621 16.48 -16.71 23.67
N TRP B 622 16.18 -16.30 22.44
CA TRP B 622 14.89 -15.73 22.08
C TRP B 622 13.74 -16.73 22.22
N ARG B 623 14.01 -18.00 21.89
CA ARG B 623 13.02 -19.06 22.04
C ARG B 623 12.87 -19.49 23.50
N THR B 624 13.99 -19.50 24.22
CA THR B 624 13.99 -19.79 25.64
C THR B 624 13.13 -18.78 26.41
N ALA B 625 13.31 -17.49 26.12
CA ALA B 625 12.52 -16.40 26.73
C ALA B 625 11.04 -16.62 26.52
N LYS B 626 10.65 -16.73 25.25
CA LYS B 626 9.25 -16.97 24.88
C LYS B 626 8.68 -18.14 25.67
N ARG B 627 9.46 -19.23 25.76
CA ARG B 627 9.00 -20.41 26.49
C ARG B 627 8.88 -20.13 28.00
N ASN B 628 9.82 -19.37 28.56
CA ASN B 628 9.75 -18.99 29.97
C ASN B 628 8.53 -18.10 30.26
N ASN B 629 8.22 -17.21 29.33
CA ASN B 629 7.05 -16.33 29.46
C ASN B 629 5.72 -17.09 29.35
N LYS B 630 5.72 -18.19 28.59
CA LYS B 630 4.53 -19.03 28.48
C LYS B 630 4.21 -19.79 29.77
N MET B 631 5.20 -20.01 30.63
CA MET B 631 4.99 -20.69 31.91
C MET B 631 4.15 -19.89 32.91
N LYS B 632 4.18 -18.57 32.78
CA LYS B 632 3.36 -17.71 33.64
C LYS B 632 1.89 -17.71 33.22
N VAL B 633 1.66 -17.98 31.94
CA VAL B 633 0.31 -18.16 31.41
C VAL B 633 -0.26 -19.52 31.83
N VAL B 634 0.59 -20.55 31.91
CA VAL B 634 0.16 -21.84 32.46
C VAL B 634 -0.38 -21.66 33.89
N SER B 635 0.31 -20.85 34.70
CA SER B 635 -0.18 -20.53 36.04
C SER B 635 -1.53 -19.83 35.95
N LEU B 636 -1.62 -18.86 35.05
CA LEU B 636 -2.84 -18.08 34.88
C LEU B 636 -4.03 -18.95 34.52
N ILE B 637 -3.85 -19.82 33.54
CA ILE B 637 -4.93 -20.69 33.05
C ILE B 637 -5.37 -21.64 34.14
N ARG B 638 -4.40 -22.38 34.68
CA ARG B 638 -4.64 -23.28 35.81
C ARG B 638 -5.43 -22.56 36.90
N ASP B 639 -4.94 -21.39 37.30
CA ASP B 639 -5.51 -20.64 38.41
C ASP B 639 -6.92 -20.07 38.11
N LYS B 640 -7.12 -19.50 36.92
CA LYS B 640 -8.37 -18.80 36.59
C LYS B 640 -9.47 -19.71 36.08
N THR B 641 -9.11 -20.71 35.28
CA THR B 641 -10.08 -21.62 34.66
C THR B 641 -10.07 -23.05 35.22
N GLY B 642 -8.92 -23.52 35.67
CA GLY B 642 -8.79 -24.90 36.15
C GLY B 642 -8.18 -25.83 35.12
N TYR B 643 -8.19 -25.41 33.86
CA TYR B 643 -7.61 -26.23 32.80
C TYR B 643 -6.08 -26.34 32.91
N ILE B 644 -5.55 -27.48 32.51
CA ILE B 644 -4.12 -27.80 32.60
C ILE B 644 -3.56 -27.84 31.19
N VAL B 645 -2.63 -26.95 30.86
CA VAL B 645 -2.07 -26.90 29.50
C VAL B 645 -0.54 -26.95 29.50
N SER B 646 0.03 -27.55 28.46
CA SER B 646 1.48 -27.65 28.34
C SER B 646 2.04 -26.50 27.53
N PRO B 647 3.14 -25.88 28.03
CA PRO B 647 3.78 -24.78 27.31
C PRO B 647 4.47 -25.21 26.01
N ASP B 648 4.57 -26.52 25.76
CA ASP B 648 5.14 -27.07 24.53
C ASP B 648 4.14 -27.16 23.39
N ALA B 649 3.30 -26.13 23.28
CA ALA B 649 2.39 -25.99 22.16
C ALA B 649 2.48 -24.55 21.63
N MET B 650 1.88 -24.31 20.48
CA MET B 650 1.81 -22.96 19.90
C MET B 650 0.80 -22.18 20.72
N PHE B 651 1.20 -21.05 21.29
CA PHE B 651 0.28 -20.21 22.05
C PHE B 651 -0.38 -19.24 21.05
N ASP B 652 -1.59 -19.65 20.65
CA ASP B 652 -2.43 -18.97 19.67
C ASP B 652 -3.47 -18.14 20.42
N VAL B 653 -3.37 -16.81 20.32
CA VAL B 653 -4.17 -15.92 21.14
C VAL B 653 -5.03 -14.95 20.34
N GLN B 654 -6.33 -14.95 20.62
CA GLN B 654 -7.20 -13.85 20.21
C GLN B 654 -7.77 -13.21 21.46
N VAL B 655 -7.45 -11.93 21.64
CA VAL B 655 -7.81 -11.21 22.83
C VAL B 655 -8.30 -9.82 22.41
N LYS B 656 -9.61 -9.64 22.52
CA LYS B 656 -10.30 -8.38 22.22
C LYS B 656 -11.82 -8.47 22.46
N ARG B 657 -12.46 -7.31 22.54
CA ARG B 657 -13.91 -7.17 22.71
CA ARG B 657 -13.91 -7.16 22.70
C ARG B 657 -14.65 -8.22 21.90
N ILE B 658 -15.61 -8.91 22.54
CA ILE B 658 -16.37 -9.96 21.85
C ILE B 658 -17.45 -9.32 20.98
N HIS B 659 -17.35 -9.51 19.67
CA HIS B 659 -18.26 -8.87 18.73
C HIS B 659 -18.36 -9.72 17.48
N GLU B 660 -19.53 -9.77 16.88
CA GLU B 660 -19.70 -10.50 15.62
C GLU B 660 -18.71 -10.06 14.55
N TYR B 661 -18.42 -8.76 14.50
CA TYR B 661 -17.55 -8.19 13.46
C TYR B 661 -16.08 -8.46 13.71
N LYS B 662 -15.68 -8.61 14.97
CA LYS B 662 -14.30 -8.98 15.30
C LYS B 662 -14.03 -10.43 14.92
N ARG B 663 -15.11 -11.19 14.84
CA ARG B 663 -15.11 -12.56 14.36
C ARG B 663 -14.31 -13.51 15.23
N GLN B 664 -14.60 -13.49 16.53
CA GLN B 664 -14.21 -14.60 17.39
C GLN B 664 -14.84 -15.86 16.81
N LEU B 665 -16.04 -15.71 16.26
CA LEU B 665 -16.78 -16.83 15.68
C LEU B 665 -15.98 -17.50 14.57
N LEU B 666 -15.30 -16.70 13.74
CA LEU B 666 -14.46 -17.25 12.66
C LEU B 666 -13.30 -18.08 13.19
N ASN B 667 -12.70 -17.62 14.29
CA ASN B 667 -11.58 -18.35 14.91
C ASN B 667 -12.05 -19.69 15.47
N ILE B 668 -13.08 -19.64 16.32
CA ILE B 668 -13.56 -20.83 16.97
C ILE B 668 -14.04 -21.86 15.96
N LEU B 669 -14.76 -21.42 14.93
CA LEU B 669 -15.26 -22.36 13.94
C LEU B 669 -14.11 -23.01 13.16
N GLY B 670 -13.00 -22.27 13.01
CA GLY B 670 -11.79 -22.81 12.39
C GLY B 670 -11.13 -23.84 13.28
N ILE B 671 -11.10 -23.58 14.58
CA ILE B 671 -10.64 -24.57 15.55
C ILE B 671 -11.51 -25.83 15.47
N VAL B 672 -12.83 -25.64 15.49
CA VAL B 672 -13.76 -26.77 15.43
C VAL B 672 -13.55 -27.62 14.17
N TYR B 673 -13.15 -26.98 13.06
CA TYR B 673 -12.84 -27.71 11.84
C TYR B 673 -11.64 -28.61 12.05
N ARG B 674 -10.59 -28.07 12.66
CA ARG B 674 -9.36 -28.82 12.90
C ARG B 674 -9.59 -29.97 13.89
N TYR B 675 -10.40 -29.71 14.92
CA TYR B 675 -10.80 -30.73 15.88
C TYR B 675 -11.48 -31.92 15.16
N LYS B 676 -12.44 -31.61 14.28
CA LYS B 676 -13.18 -32.64 13.57
C LYS B 676 -12.25 -33.49 12.73
N LYS B 677 -11.34 -32.84 12.01
CA LYS B 677 -10.34 -33.53 11.19
C LYS B 677 -9.48 -34.45 12.05
N MET B 678 -9.01 -33.96 13.19
CA MET B 678 -8.26 -34.79 14.14
C MET B 678 -9.02 -36.06 14.54
N LYS B 679 -10.31 -35.91 14.81
CA LYS B 679 -11.15 -37.02 15.26
C LYS B 679 -11.38 -38.08 14.18
N GLU B 680 -11.29 -37.68 12.92
CA GLU B 680 -11.50 -38.60 11.78
C GLU B 680 -10.16 -38.95 11.12
N MET B 681 -9.18 -39.26 11.96
CA MET B 681 -7.78 -39.38 11.53
C MET B 681 -7.07 -40.22 12.59
N SER B 682 -6.08 -41.02 12.18
CA SER B 682 -5.41 -41.94 13.11
C SER B 682 -4.44 -41.19 14.02
N ALA B 683 -4.22 -41.72 15.22
CA ALA B 683 -3.35 -41.11 16.24
C ALA B 683 -1.92 -40.82 15.75
N LYS B 684 -1.44 -41.60 14.78
CA LYS B 684 -0.17 -41.33 14.10
C LYS B 684 -0.29 -40.09 13.21
N ASP B 685 -1.41 -39.98 12.49
CA ASP B 685 -1.64 -38.88 11.55
C ASP B 685 -1.94 -37.53 12.21
N ARG B 686 -2.68 -37.53 13.32
CA ARG B 686 -2.95 -36.30 14.07
C ARG B 686 -1.68 -35.49 14.32
N ARG B 687 -0.60 -36.16 14.67
CA ARG B 687 0.70 -35.50 14.87
C ARG B 687 1.33 -35.03 13.56
N LYS B 688 1.15 -35.80 12.49
CA LYS B 688 1.68 -35.47 11.15
C LYS B 688 1.00 -34.24 10.52
N SER B 689 -0.29 -34.04 10.82
CA SER B 689 -1.10 -33.02 10.15
C SER B 689 -1.18 -31.71 10.92
N PHE B 690 -1.15 -31.77 12.25
CA PHE B 690 -1.34 -30.59 13.09
C PHE B 690 -0.26 -30.40 14.14
N VAL B 691 0.16 -29.15 14.29
CA VAL B 691 1.09 -28.74 15.32
C VAL B 691 0.28 -28.55 16.60
N PRO B 692 0.82 -28.96 17.76
CA PRO B 692 0.11 -28.75 19.03
C PRO B 692 -0.15 -27.27 19.34
N ARG B 693 -1.37 -26.95 19.76
CA ARG B 693 -1.78 -25.55 20.04
C ARG B 693 -2.43 -25.38 21.41
N VAL B 694 -2.28 -24.19 21.98
CA VAL B 694 -3.14 -23.72 23.06
C VAL B 694 -3.81 -22.46 22.54
N CYS B 695 -5.09 -22.57 22.21
CA CYS B 695 -5.84 -21.47 21.63
C CYS B 695 -6.59 -20.70 22.73
N ILE B 696 -6.17 -19.46 22.94
CA ILE B 696 -6.62 -18.66 24.07
C ILE B 696 -7.51 -17.53 23.59
N PHE B 697 -8.71 -17.45 24.16
CA PHE B 697 -9.66 -16.38 23.90
C PHE B 697 -9.76 -15.51 25.14
N GLY B 698 -10.23 -14.28 24.95
CA GLY B 698 -10.45 -13.37 26.07
C GLY B 698 -11.19 -12.14 25.59
N GLY B 699 -11.86 -11.45 26.50
CA GLY B 699 -12.58 -10.26 26.14
C GLY B 699 -13.98 -10.23 26.68
N LYS B 700 -14.57 -9.05 26.67
CA LYS B 700 -15.85 -8.79 27.28
C LYS B 700 -16.91 -8.61 26.23
N ALA B 701 -18.08 -9.20 26.49
CA ALA B 701 -19.25 -9.02 25.65
C ALA B 701 -20.14 -7.97 26.26
N PHE B 702 -20.62 -7.03 25.45
CA PHE B 702 -21.59 -6.06 25.92
C PHE B 702 -22.77 -6.86 26.46
N ALA B 703 -23.20 -6.51 27.67
CA ALA B 703 -24.18 -7.30 28.42
C ALA B 703 -25.43 -7.61 27.61
N THR B 704 -25.94 -6.60 26.92
CA THR B 704 -27.23 -6.70 26.24
C THR B 704 -27.10 -7.39 24.87
N TYR B 705 -25.88 -7.51 24.36
CA TYR B 705 -25.57 -8.09 23.06
C TYR B 705 -25.75 -9.62 23.12
N VAL B 706 -26.94 -10.10 22.76
CA VAL B 706 -27.30 -11.50 22.95
C VAL B 706 -26.38 -12.44 22.17
N GLN B 707 -26.06 -12.07 20.93
CA GLN B 707 -25.30 -12.99 20.09
C GLN B 707 -23.82 -13.06 20.51
N ALA B 708 -23.25 -11.94 20.92
CA ALA B 708 -21.88 -11.94 21.44
C ALA B 708 -21.78 -12.84 22.67
N LYS B 709 -22.77 -12.74 23.56
CA LYS B 709 -22.80 -13.56 24.77
C LYS B 709 -22.94 -15.03 24.46
N ARG B 710 -23.71 -15.35 23.44
CA ARG B 710 -23.82 -16.72 22.97
C ARG B 710 -22.45 -17.24 22.47
N ILE B 711 -21.63 -16.35 21.92
CA ILE B 711 -20.32 -16.72 21.39
C ILE B 711 -19.33 -17.05 22.49
N VAL B 712 -19.34 -16.32 23.61
CA VAL B 712 -18.43 -16.69 24.72
C VAL B 712 -18.89 -18.02 25.34
N LYS B 713 -20.20 -18.24 25.39
CA LYS B 713 -20.80 -19.48 25.84
C LYS B 713 -20.32 -20.62 24.97
N PHE B 714 -20.48 -20.47 23.67
CA PHE B 714 -20.09 -21.50 22.70
C PHE B 714 -18.60 -21.86 22.84
N ILE B 715 -17.74 -20.85 22.98
CA ILE B 715 -16.30 -21.05 23.10
C ILE B 715 -15.96 -21.87 24.33
N THR B 716 -16.59 -21.54 25.46
CA THR B 716 -16.36 -22.25 26.71
C THR B 716 -16.76 -23.72 26.58
N ASP B 717 -17.87 -23.97 25.89
CA ASP B 717 -18.36 -25.33 25.67
C ASP B 717 -17.41 -26.15 24.81
N VAL B 718 -16.85 -25.52 23.79
CA VAL B 718 -15.89 -26.20 22.94
C VAL B 718 -14.69 -26.61 23.80
N ALA B 719 -14.27 -25.72 24.68
CA ALA B 719 -13.15 -25.98 25.59
C ALA B 719 -13.42 -27.18 26.49
N ALA B 720 -14.61 -27.20 27.10
CA ALA B 720 -15.03 -28.29 27.97
C ALA B 720 -14.94 -29.62 27.24
N THR B 721 -15.43 -29.65 26.01
CA THR B 721 -15.38 -30.85 25.18
C THR B 721 -13.95 -31.18 24.71
N VAL B 722 -13.25 -30.21 24.17
CA VAL B 722 -11.92 -30.45 23.60
C VAL B 722 -10.88 -30.80 24.67
N ASN B 723 -10.84 -30.02 25.73
CA ASN B 723 -9.77 -30.17 26.72
C ASN B 723 -9.76 -31.50 27.48
N TYR B 724 -10.92 -32.12 27.64
CA TYR B 724 -11.01 -33.38 28.38
C TYR B 724 -11.17 -34.61 27.46
N ASP B 725 -10.79 -34.49 26.18
CA ASP B 725 -10.92 -35.59 25.22
C ASP B 725 -9.59 -36.36 25.13
N PRO B 726 -9.58 -37.65 25.58
CA PRO B 726 -8.38 -38.51 25.55
C PRO B 726 -7.65 -38.59 24.21
N ASP B 727 -8.42 -38.64 23.11
CA ASP B 727 -7.83 -38.71 21.76
C ASP B 727 -6.96 -37.50 21.42
N ILE B 728 -7.30 -36.34 21.97
CA ILE B 728 -6.62 -35.08 21.64
C ILE B 728 -5.39 -34.83 22.50
N GLY B 729 -5.56 -34.86 23.82
CA GLY B 729 -4.44 -34.66 24.75
C GLY B 729 -3.89 -33.24 24.69
N ASP B 730 -2.57 -33.11 24.57
CA ASP B 730 -1.93 -31.80 24.49
C ASP B 730 -1.79 -31.26 23.06
N LEU B 731 -2.36 -31.98 22.10
CA LEU B 731 -2.36 -31.55 20.70
C LEU B 731 -3.23 -30.31 20.49
N LEU B 732 -4.30 -30.18 21.29
CA LEU B 732 -5.15 -29.00 21.23
C LEU B 732 -5.84 -28.72 22.55
N LYS B 733 -5.77 -27.46 22.96
CA LYS B 733 -6.52 -26.94 24.09
C LYS B 733 -7.21 -25.64 23.68
N VAL B 734 -8.42 -25.42 24.17
CA VAL B 734 -9.11 -24.13 24.02
C VAL B 734 -9.37 -23.58 25.41
N VAL B 735 -9.06 -22.30 25.62
CA VAL B 735 -9.24 -21.69 26.93
C VAL B 735 -9.86 -20.31 26.75
N PHE B 736 -10.90 -19.99 27.52
CA PHE B 736 -11.41 -18.63 27.61
C PHE B 736 -10.96 -18.02 28.92
N VAL B 737 -9.98 -17.14 28.86
CA VAL B 737 -9.50 -16.45 30.05
C VAL B 737 -10.51 -15.37 30.45
N PRO B 738 -11.06 -15.44 31.67
CA PRO B 738 -12.06 -14.48 32.11
C PRO B 738 -11.46 -13.14 32.54
N ASP B 739 -12.28 -12.11 32.53
CA ASP B 739 -11.94 -10.77 33.01
C ASP B 739 -10.66 -10.18 32.40
N TYR B 740 -10.55 -10.27 31.07
CA TYR B 740 -9.40 -9.71 30.37
C TYR B 740 -9.31 -8.21 30.63
N ASN B 741 -8.12 -7.78 31.01
CA ASN B 741 -7.82 -6.40 31.28
C ASN B 741 -6.30 -6.17 31.14
N VAL B 742 -5.84 -4.97 31.49
CA VAL B 742 -4.43 -4.61 31.27
C VAL B 742 -3.52 -5.64 31.92
N SER B 743 -3.83 -6.04 33.16
CA SER B 743 -2.98 -7.00 33.87
C SER B 743 -2.92 -8.36 33.20
N VAL B 744 -4.05 -8.81 32.68
CA VAL B 744 -4.09 -10.06 31.96
C VAL B 744 -3.25 -9.95 30.69
N ALA B 745 -3.47 -8.88 29.92
CA ALA B 745 -2.67 -8.64 28.73
C ALA B 745 -1.17 -8.67 29.00
N GLU B 746 -0.75 -8.08 30.12
CA GLU B 746 0.67 -8.02 30.49
C GLU B 746 1.32 -9.39 30.66
N THR B 747 0.57 -10.37 31.16
CA THR B 747 1.05 -11.75 31.29
C THR B 747 0.92 -12.48 29.93
N LEU B 748 -0.24 -12.32 29.29
CA LEU B 748 -0.56 -13.04 28.08
C LEU B 748 0.36 -12.69 26.90
N ILE B 749 0.54 -11.39 26.65
CA ILE B 749 1.11 -10.90 25.39
C ILE B 749 2.54 -11.38 25.16
N PRO B 750 3.44 -11.21 26.14
CA PRO B 750 4.82 -11.72 26.03
C PRO B 750 4.93 -13.23 25.80
N ALA B 751 3.90 -13.97 26.17
CA ALA B 751 3.87 -15.43 26.00
C ALA B 751 3.36 -15.87 24.63
N SER B 752 2.82 -14.93 23.86
CA SER B 752 2.07 -15.26 22.66
C SER B 752 2.98 -15.44 21.46
N GLU B 753 2.73 -16.50 20.69
CA GLU B 753 3.50 -16.77 19.48
C GLU B 753 2.67 -16.42 18.23
N LEU B 754 1.40 -16.79 18.24
CA LEU B 754 0.48 -16.32 17.22
C LEU B 754 -0.63 -15.52 17.86
N SER B 755 -0.93 -14.34 17.29
CA SER B 755 -2.10 -13.54 17.70
C SER B 755 -2.99 -13.23 16.50
N GLN B 756 -4.28 -13.07 16.77
CA GLN B 756 -5.27 -13.03 15.71
C GLN B 756 -5.96 -11.69 15.66
N HIS B 757 -6.03 -11.12 14.46
CA HIS B 757 -6.61 -9.82 14.26
C HIS B 757 -7.38 -9.92 12.96
N ILE B 758 -8.55 -10.52 13.06
CA ILE B 758 -9.24 -11.08 11.89
C ILE B 758 -10.58 -10.40 11.61
N SER B 759 -10.71 -9.14 12.00
CA SER B 759 -11.98 -8.44 11.80
C SER B 759 -12.33 -8.37 10.34
N THR B 760 -13.60 -8.18 10.03
CA THR B 760 -14.02 -8.08 8.64
C THR B 760 -13.26 -6.91 8.04
N ALA B 761 -12.75 -7.08 6.82
CA ALA B 761 -11.90 -6.07 6.20
C ALA B 761 -12.62 -4.74 6.07
N GLY B 762 -11.96 -3.67 6.52
CA GLY B 762 -12.48 -2.31 6.43
C GLY B 762 -13.43 -1.93 7.56
N MET B 763 -13.36 -2.68 8.66
CA MET B 763 -14.19 -2.45 9.86
C MET B 763 -13.39 -1.92 11.04
N GLU B 764 -12.10 -2.21 11.08
CA GLU B 764 -11.24 -1.73 12.14
C GLU B 764 -10.53 -0.47 11.66
N ALA B 765 -10.45 0.55 12.52
CA ALA B 765 -9.75 1.78 12.19
C ALA B 765 -8.24 1.61 12.42
N SER B 766 -7.86 1.06 13.58
CA SER B 766 -6.44 0.81 13.89
C SER B 766 -6.24 -0.52 14.59
N GLY B 767 -6.31 -0.50 15.92
CA GLY B 767 -5.94 -1.66 16.75
C GLY B 767 -4.59 -1.41 17.42
N THR B 768 -4.57 -1.38 18.74
CA THR B 768 -3.32 -1.16 19.46
C THR B 768 -2.70 -2.45 19.94
N SER B 769 -3.50 -3.47 20.23
CA SER B 769 -2.95 -4.75 20.67
C SER B 769 -2.08 -5.39 19.59
N ASN B 770 -2.41 -5.16 18.32
CA ASN B 770 -1.58 -5.62 17.19
C ASN B 770 -0.14 -5.21 17.37
N MET B 771 0.04 -3.96 17.76
CA MET B 771 1.35 -3.34 17.91
C MET B 771 2.10 -3.91 19.11
N LYS B 772 1.36 -4.19 20.18
CA LYS B 772 1.93 -4.77 21.40
C LYS B 772 2.45 -6.18 21.14
N PHE B 773 1.65 -6.99 20.45
CA PHE B 773 2.02 -8.36 20.11
C PHE B 773 3.32 -8.42 19.30
N ALA B 774 3.37 -7.65 18.23
CA ALA B 774 4.55 -7.64 17.36
C ALA B 774 5.81 -7.28 18.13
N MET B 775 5.71 -6.28 19.00
CA MET B 775 6.85 -5.85 19.80
C MET B 775 7.43 -7.01 20.62
N ASN B 776 6.57 -7.92 21.08
CA ASN B 776 7.03 -9.09 21.86
C ASN B 776 7.43 -10.31 21.03
N GLY B 777 7.47 -10.13 19.71
CA GLY B 777 7.87 -11.19 18.82
C GLY B 777 6.76 -12.18 18.50
N CYS B 778 5.53 -11.77 18.78
CA CYS B 778 4.38 -12.60 18.43
C CYS B 778 4.01 -12.34 16.98
N LEU B 779 3.70 -13.41 16.24
CA LEU B 779 3.35 -13.29 14.83
C LEU B 779 1.85 -13.07 14.69
N LEU B 780 1.47 -12.28 13.68
CA LEU B 780 0.06 -11.95 13.48
C LEU B 780 -0.53 -12.69 12.28
N ILE B 781 -1.73 -13.21 12.50
CA ILE B 781 -2.62 -13.65 11.43
C ILE B 781 -3.77 -12.63 11.39
N GLY B 782 -4.08 -12.10 10.21
CA GLY B 782 -5.14 -11.12 10.10
C GLY B 782 -5.50 -10.71 8.69
N THR B 783 -6.53 -9.88 8.60
CA THR B 783 -6.99 -9.33 7.34
C THR B 783 -6.24 -8.03 7.01
N LEU B 784 -6.38 -7.57 5.77
CA LEU B 784 -5.80 -6.29 5.33
C LEU B 784 -6.70 -5.18 5.86
N ASP B 785 -6.51 -4.80 7.12
CA ASP B 785 -7.47 -3.98 7.84
C ASP B 785 -6.80 -3.27 9.01
N GLY B 786 -6.98 -1.95 9.06
CA GLY B 786 -6.48 -1.15 10.18
C GLY B 786 -4.97 -1.13 10.31
N ALA B 787 -4.49 -1.33 11.54
CA ALA B 787 -3.07 -1.26 11.85
C ALA B 787 -2.31 -2.42 11.23
N ASN B 788 -3.00 -3.51 10.91
CA ASN B 788 -2.37 -4.65 10.26
C ASN B 788 -1.62 -4.22 9.01
N VAL B 789 -2.23 -3.32 8.23
CA VAL B 789 -1.68 -2.92 6.92
C VAL B 789 -0.30 -2.30 7.06
N GLU B 790 -0.15 -1.39 8.02
CA GLU B 790 1.13 -0.74 8.29
C GLU B 790 2.13 -1.68 8.98
N ILE B 791 1.65 -2.50 9.90
CA ILE B 791 2.50 -3.48 10.57
C ILE B 791 3.09 -4.44 9.57
N ARG B 792 2.29 -4.84 8.59
CA ARG B 792 2.75 -5.76 7.56
C ARG B 792 3.85 -5.11 6.72
N GLU B 793 3.70 -3.82 6.40
CA GLU B 793 4.74 -3.09 5.67
C GLU B 793 6.05 -3.08 6.44
N GLU B 794 5.98 -2.71 7.72
CA GLU B 794 7.18 -2.51 8.52
C GLU B 794 7.95 -3.81 8.79
N VAL B 795 7.24 -4.87 9.18
CA VAL B 795 7.89 -6.16 9.52
C VAL B 795 8.13 -7.04 8.30
N GLY B 796 7.43 -6.78 7.21
CA GLY B 796 7.63 -7.50 5.96
C GLY B 796 6.52 -8.51 5.70
N GLU B 797 6.04 -8.55 4.46
CA GLU B 797 4.88 -9.39 4.09
C GLU B 797 5.17 -10.87 4.26
N GLU B 798 6.46 -11.22 4.18
CA GLU B 798 6.93 -12.60 4.36
C GLU B 798 6.73 -13.05 5.80
N ASN B 799 6.67 -12.09 6.73
CA ASN B 799 6.55 -12.35 8.16
C ASN B 799 5.18 -11.93 8.72
N PHE B 800 4.13 -12.22 7.96
CA PHE B 800 2.78 -11.89 8.38
C PHE B 800 1.80 -12.76 7.62
N PHE B 801 0.91 -13.44 8.37
CA PHE B 801 -0.06 -14.37 7.79
C PHE B 801 -1.35 -13.65 7.39
N LEU B 802 -1.42 -13.25 6.12
CA LEU B 802 -2.56 -12.51 5.59
C LEU B 802 -3.57 -13.46 4.95
N PHE B 803 -4.85 -13.12 5.10
CA PHE B 803 -5.92 -13.87 4.47
C PHE B 803 -7.15 -13.00 4.20
N GLY B 804 -8.04 -13.49 3.35
CA GLY B 804 -9.40 -12.99 3.24
C GLY B 804 -9.60 -11.83 2.29
N ALA B 805 -10.87 -11.45 2.14
CA ALA B 805 -11.27 -10.35 1.27
C ALA B 805 -10.69 -9.03 1.75
N HIS B 806 -10.30 -8.17 0.80
CA HIS B 806 -9.81 -6.82 1.11
C HIS B 806 -10.99 -5.85 1.19
N ALA B 807 -10.74 -4.67 1.75
CA ALA B 807 -11.78 -3.72 2.12
C ALA B 807 -12.73 -3.39 0.96
N PRO B 808 -12.19 -3.06 -0.23
CA PRO B 808 -13.03 -2.73 -1.39
C PRO B 808 -14.02 -3.82 -1.84
N GLU B 809 -13.62 -5.09 -1.71
CA GLU B 809 -14.40 -6.26 -2.17
CA GLU B 809 -14.42 -6.19 -2.23
C GLU B 809 -15.67 -6.47 -1.38
N ILE B 810 -15.71 -5.93 -0.16
CA ILE B 810 -16.78 -6.19 0.81
C ILE B 810 -18.19 -5.88 0.32
N ALA B 811 -18.52 -4.60 0.12
CA ALA B 811 -19.88 -4.22 -0.28
C ALA B 811 -20.45 -5.12 -1.37
N GLY B 812 -19.60 -5.50 -2.33
CA GLY B 812 -19.98 -6.38 -3.44
C GLY B 812 -20.33 -7.81 -3.03
N LEU B 813 -19.55 -8.38 -2.11
CA LEU B 813 -19.79 -9.75 -1.60
C LEU B 813 -21.10 -9.87 -0.85
N ARG B 814 -21.49 -8.80 -0.17
CA ARG B 814 -22.75 -8.75 0.57
C ARG B 814 -23.93 -8.61 -0.36
N GLN B 815 -23.78 -7.76 -1.38
CA GLN B 815 -24.82 -7.55 -2.38
C GLN B 815 -25.00 -8.83 -3.20
N GLU B 816 -23.88 -9.48 -3.49
CA GLU B 816 -23.87 -10.81 -4.12
C GLU B 816 -24.65 -11.84 -3.28
N ARG B 817 -24.47 -11.78 -1.96
CA ARG B 817 -25.18 -12.67 -1.02
C ARG B 817 -26.69 -12.41 -1.05
N ALA B 818 -27.06 -11.12 -0.97
CA ALA B 818 -28.46 -10.67 -1.03
C ALA B 818 -29.20 -11.15 -2.27
N GLU B 819 -28.49 -11.25 -3.38
CA GLU B 819 -29.04 -11.72 -4.66
C GLU B 819 -28.87 -13.23 -4.87
N GLY B 820 -28.62 -13.97 -3.79
CA GLY B 820 -28.63 -15.44 -3.82
C GLY B 820 -27.52 -16.11 -4.61
N LYS B 821 -26.46 -15.36 -4.94
CA LYS B 821 -25.38 -15.91 -5.76
C LYS B 821 -24.27 -16.57 -4.94
N PHE B 822 -24.27 -16.41 -3.62
CA PHE B 822 -23.20 -16.98 -2.79
C PHE B 822 -23.48 -18.42 -2.37
N VAL B 823 -22.55 -19.32 -2.69
CA VAL B 823 -22.64 -20.71 -2.24
C VAL B 823 -21.37 -21.03 -1.44
N PRO B 824 -21.53 -21.42 -0.17
CA PRO B 824 -20.34 -21.59 0.67
C PRO B 824 -19.58 -22.88 0.40
N ASP B 825 -18.30 -22.88 0.80
CA ASP B 825 -17.43 -24.05 0.72
C ASP B 825 -18.07 -25.21 1.47
N LEU B 826 -17.92 -26.43 0.95
CA LEU B 826 -18.49 -27.59 1.61
C LEU B 826 -17.94 -27.82 3.01
N ARG B 827 -16.68 -27.43 3.24
CA ARG B 827 -16.08 -27.54 4.56
C ARG B 827 -16.72 -26.60 5.59
N PHE B 828 -17.39 -25.54 5.12
CA PHE B 828 -18.07 -24.61 6.00
C PHE B 828 -19.43 -25.17 6.44
N GLU B 829 -20.11 -25.82 5.50
CA GLU B 829 -21.37 -26.51 5.78
C GLU B 829 -21.13 -27.71 6.69
N GLU B 830 -19.98 -28.36 6.50
CA GLU B 830 -19.52 -29.48 7.32
C GLU B 830 -19.41 -29.11 8.81
N VAL B 831 -18.80 -27.95 9.08
CA VAL B 831 -18.66 -27.46 10.46
C VAL B 831 -20.01 -27.14 11.06
N LYS B 832 -20.80 -26.35 10.35
CA LYS B 832 -22.15 -25.97 10.81
C LYS B 832 -22.98 -27.18 11.21
N GLU B 833 -22.93 -28.23 10.39
CA GLU B 833 -23.68 -29.44 10.69
C GLU B 833 -23.05 -30.19 11.88
N TYR B 834 -21.72 -30.17 11.94
CA TYR B 834 -20.98 -30.80 13.04
C TYR B 834 -21.23 -30.12 14.38
N VAL B 835 -21.53 -28.81 14.35
CA VAL B 835 -21.92 -28.06 15.55
C VAL B 835 -23.39 -28.31 15.90
N ARG B 836 -24.24 -28.35 14.88
CA ARG B 836 -25.66 -28.68 15.06
C ARG B 836 -25.88 -30.14 15.48
N SER B 837 -24.83 -30.97 15.41
CA SER B 837 -24.95 -32.36 15.86
C SER B 837 -25.09 -32.52 17.39
N GLY B 838 -24.69 -31.51 18.16
CA GLY B 838 -24.82 -31.54 19.63
C GLY B 838 -23.57 -32.05 20.36
N VAL B 839 -22.46 -32.16 19.66
CA VAL B 839 -21.22 -32.71 20.22
C VAL B 839 -20.62 -31.84 21.34
N PHE B 840 -20.99 -30.56 21.40
CA PHE B 840 -20.43 -29.65 22.42
C PHE B 840 -21.34 -29.39 23.63
N GLY B 841 -22.26 -30.32 23.90
CA GLY B 841 -23.13 -30.21 25.07
C GLY B 841 -24.61 -30.26 24.74
N THR B 842 -25.41 -29.75 25.65
CA THR B 842 -26.86 -29.82 25.51
C THR B 842 -27.43 -28.58 24.85
N SER B 843 -26.57 -27.73 24.30
CA SER B 843 -26.97 -26.41 23.80
C SER B 843 -27.34 -26.40 22.32
N ASN B 844 -26.63 -27.16 21.50
CA ASN B 844 -26.96 -27.40 20.07
C ASN B 844 -26.70 -26.25 19.07
N TYR B 845 -26.92 -25.00 19.50
CA TYR B 845 -26.46 -23.81 18.77
C TYR B 845 -27.08 -23.61 17.39
N ASP B 846 -28.26 -24.16 17.17
CA ASP B 846 -29.00 -23.96 15.93
C ASP B 846 -29.20 -22.46 15.68
N GLU B 847 -29.37 -21.71 16.77
CA GLU B 847 -29.58 -20.27 16.71
C GLU B 847 -28.34 -19.54 16.18
N LEU B 848 -27.19 -19.87 16.75
CA LEU B 848 -25.93 -19.23 16.42
C LEU B 848 -25.57 -19.49 14.96
N MET B 849 -25.56 -20.76 14.56
CA MET B 849 -25.27 -21.14 13.17
C MET B 849 -26.29 -20.47 12.24
N GLY B 850 -27.52 -20.31 12.73
CA GLY B 850 -28.56 -19.60 12.00
C GLY B 850 -28.21 -18.16 11.62
N SER B 851 -27.27 -17.55 12.35
CA SER B 851 -26.82 -16.19 12.03
C SER B 851 -25.86 -16.15 10.85
N LEU B 852 -25.51 -17.32 10.32
CA LEU B 852 -24.64 -17.43 9.15
C LEU B 852 -25.42 -17.92 7.93
N GLU B 853 -26.75 -17.84 7.99
CA GLU B 853 -27.61 -18.39 6.93
C GLU B 853 -28.67 -17.42 6.47
N GLY B 854 -29.28 -17.74 5.34
CA GLY B 854 -30.24 -16.84 4.69
C GLY B 854 -29.51 -15.85 3.80
N ASN B 855 -30.27 -15.07 3.05
CA ASN B 855 -29.69 -14.08 2.15
C ASN B 855 -29.93 -12.62 2.57
N GLU B 856 -30.90 -12.38 3.45
CA GLU B 856 -31.27 -11.03 3.86
CA GLU B 856 -31.17 -11.02 3.93
C GLU B 856 -31.87 -11.03 5.27
N GLY B 857 -31.72 -9.91 5.99
CA GLY B 857 -32.33 -9.76 7.32
C GLY B 857 -31.34 -9.46 8.43
N TYR B 858 -31.81 -8.70 9.42
CA TYR B 858 -31.01 -8.35 10.59
C TYR B 858 -30.57 -9.58 11.37
N GLY B 859 -29.26 -9.69 11.59
CA GLY B 859 -28.70 -10.74 12.43
C GLY B 859 -28.56 -12.10 11.76
N ARG B 860 -28.94 -12.18 10.48
CA ARG B 860 -28.78 -13.38 9.70
C ARG B 860 -27.89 -13.04 8.51
N ALA B 861 -27.83 -13.93 7.53
CA ALA B 861 -27.23 -13.62 6.23
C ALA B 861 -25.71 -13.39 6.26
N ASP B 862 -25.06 -13.83 7.34
CA ASP B 862 -23.60 -13.81 7.47
C ASP B 862 -23.01 -12.46 7.05
N TYR B 863 -23.51 -11.40 7.67
CA TYR B 863 -23.11 -10.04 7.32
C TYR B 863 -21.62 -9.82 7.37
N PHE B 864 -20.95 -10.46 8.31
CA PHE B 864 -19.52 -10.23 8.50
C PHE B 864 -18.63 -11.26 7.79
N LEU B 865 -19.19 -11.91 6.77
CA LEU B 865 -18.42 -12.75 5.84
C LEU B 865 -17.55 -13.82 6.50
N VAL B 866 -18.14 -14.49 7.49
CA VAL B 866 -17.45 -15.60 8.14
C VAL B 866 -17.34 -16.74 7.15
N GLY B 867 -18.43 -17.04 6.45
CA GLY B 867 -18.45 -18.13 5.47
C GLY B 867 -17.57 -17.86 4.26
N LYS B 868 -17.58 -16.63 3.77
CA LYS B 868 -16.78 -16.26 2.61
C LYS B 868 -15.26 -16.36 2.88
N ASP B 869 -14.82 -15.77 4.00
CA ASP B 869 -13.39 -15.76 4.35
C ASP B 869 -12.89 -17.10 4.92
N PHE B 870 -13.82 -18.00 5.25
CA PHE B 870 -13.51 -19.27 5.92
C PHE B 870 -12.43 -20.09 5.20
N PRO B 871 -12.65 -20.41 3.90
CA PRO B 871 -11.67 -21.30 3.27
C PRO B 871 -10.28 -20.67 3.24
N SER B 872 -10.25 -19.41 2.83
CA SER B 872 -9.04 -18.59 2.88
C SER B 872 -8.33 -18.69 4.24
N TYR B 873 -9.12 -18.61 5.31
CA TYR B 873 -8.62 -18.57 6.68
C TYR B 873 -8.03 -19.91 7.18
N ILE B 874 -8.78 -21.01 7.09
CA ILE B 874 -8.26 -22.32 7.54
C ILE B 874 -7.05 -22.78 6.72
N GLU B 875 -7.01 -22.37 5.44
CA GLU B 875 -5.84 -22.65 4.59
C GLU B 875 -4.65 -21.77 5.00
N CYS B 876 -4.91 -20.52 5.36
CA CYS B 876 -3.84 -19.66 5.88
C CYS B 876 -3.29 -20.22 7.22
N GLN B 877 -4.14 -20.91 7.99
CA GLN B 877 -3.73 -21.61 9.22
C GLN B 877 -2.86 -22.86 8.94
N GLU B 878 -3.05 -23.51 7.79
CA GLU B 878 -2.16 -24.60 7.37
C GLU B 878 -0.74 -24.08 7.16
N LYS B 879 -0.62 -22.90 6.55
CA LYS B 879 0.68 -22.27 6.34
C LYS B 879 1.34 -21.82 7.65
N VAL B 880 0.53 -21.47 8.65
CA VAL B 880 1.02 -21.17 10.00
C VAL B 880 1.59 -22.42 10.65
N ASP B 881 0.88 -23.55 10.57
CA ASP B 881 1.39 -24.85 11.03
C ASP B 881 2.78 -25.12 10.43
N GLU B 882 2.86 -25.07 9.11
CA GLU B 882 4.08 -25.47 8.39
CA GLU B 882 4.09 -25.49 8.41
C GLU B 882 5.29 -24.57 8.68
N ALA B 883 5.02 -23.32 9.05
CA ALA B 883 6.10 -22.41 9.42
C ALA B 883 6.57 -22.69 10.84
N TYR B 884 5.63 -23.07 11.71
CA TYR B 884 5.95 -23.37 13.11
C TYR B 884 6.75 -24.65 13.23
N ARG B 885 6.62 -25.53 12.25
CA ARG B 885 7.43 -26.75 12.20
C ARG B 885 8.92 -26.41 12.16
N ASP B 886 9.27 -25.35 11.44
CA ASP B 886 10.65 -24.91 11.34
C ASP B 886 10.92 -23.76 12.29
N GLN B 887 11.23 -24.08 13.55
CA GLN B 887 11.47 -23.05 14.58
C GLN B 887 12.65 -22.13 14.27
N LYS B 888 13.45 -22.48 13.26
CA LYS B 888 14.45 -21.57 12.71
C LYS B 888 13.72 -20.44 11.98
N LEU B 889 12.77 -20.81 11.12
CA LEU B 889 11.97 -19.85 10.36
C LEU B 889 11.06 -19.04 11.28
N TRP B 890 10.34 -19.72 12.17
CA TRP B 890 9.43 -19.07 13.09
C TRP B 890 10.14 -17.98 13.89
N THR B 891 11.28 -18.34 14.48
CA THR B 891 12.03 -17.40 15.32
C THR B 891 12.67 -16.29 14.51
N ARG B 892 13.05 -16.61 13.28
CA ARG B 892 13.53 -15.58 12.35
C ARG B 892 12.46 -14.51 12.19
N MET B 893 11.24 -14.95 11.90
CA MET B 893 10.10 -14.04 11.70
C MET B 893 9.75 -13.30 12.99
N SER B 894 9.77 -14.01 14.11
CA SER B 894 9.54 -13.40 15.43
C SER B 894 10.47 -12.21 15.66
N ILE B 895 11.76 -12.41 15.42
CA ILE B 895 12.74 -11.36 15.64
C ILE B 895 12.56 -10.17 14.69
N LEU B 896 12.19 -10.46 13.44
CA LEU B 896 11.91 -9.38 12.48
C LEU B 896 10.67 -8.55 12.86
N ASN B 897 9.75 -9.15 13.63
CA ASN B 897 8.55 -8.42 14.09
C ASN B 897 8.91 -7.39 15.16
N THR B 898 9.73 -7.79 16.13
CA THR B 898 10.28 -6.82 17.09
C THR B 898 11.11 -5.75 16.36
N ALA B 899 11.95 -6.18 15.40
CA ALA B 899 12.81 -5.25 14.66
C ALA B 899 12.05 -4.25 13.76
N GLY B 900 10.81 -4.61 13.40
CA GLY B 900 9.96 -3.76 12.57
C GLY B 900 8.96 -2.92 13.35
N SER B 901 8.95 -3.06 14.68
CA SER B 901 7.97 -2.37 15.51
C SER B 901 8.26 -0.89 15.86
N PRO B 902 9.51 -0.40 15.67
CA PRO B 902 9.78 0.97 16.15
C PRO B 902 8.72 2.02 15.80
N LYS B 903 8.17 1.95 14.59
CA LYS B 903 7.14 2.90 14.13
C LYS B 903 5.92 2.97 15.04
N PHE B 904 5.63 1.89 15.76
CA PHE B 904 4.39 1.79 16.57
C PHE B 904 4.59 2.15 18.03
N SER B 905 5.54 3.04 18.30
CA SER B 905 5.77 3.55 19.64
C SER B 905 4.98 4.82 19.79
N SER B 906 4.14 4.87 20.81
CA SER B 906 3.36 6.06 21.12
C SER B 906 4.23 7.32 21.21
N ASP B 907 5.53 7.16 21.50
CA ASP B 907 6.46 8.28 21.51
C ASP B 907 6.38 9.14 20.25
N ARG B 908 6.52 8.52 19.07
CA ARG B 908 6.52 9.31 17.84
C ARG B 908 5.10 9.75 17.48
N THR B 909 4.10 9.01 17.97
CA THR B 909 2.72 9.44 17.80
C THR B 909 2.50 10.77 18.52
N ILE B 910 3.01 10.87 19.74
CA ILE B 910 2.93 12.11 20.53
C ILE B 910 3.66 13.26 19.86
N HIS B 911 4.89 13.03 19.43
CA HIS B 911 5.64 14.04 18.70
C HIS B 911 4.79 14.64 17.59
N GLU B 912 4.20 13.79 16.76
CA GLU B 912 3.38 14.22 15.64
C GLU B 912 2.19 15.06 16.12
N TYR B 913 1.49 14.59 17.14
CA TYR B 913 0.40 15.36 17.76
C TYR B 913 0.90 16.71 18.26
N ALA B 914 2.03 16.69 18.94
CA ALA B 914 2.56 17.89 19.58
C ALA B 914 3.03 18.94 18.55
N LYS B 915 3.56 18.49 17.42
CA LYS B 915 4.11 19.37 16.40
C LYS B 915 3.04 19.84 15.42
N ASP B 916 2.31 18.88 14.86
CA ASP B 916 1.39 19.14 13.75
C ASP B 916 -0.05 19.53 14.17
N ILE B 917 -0.39 19.46 15.46
CA ILE B 917 -1.76 19.76 15.91
C ILE B 917 -1.81 20.73 17.10
N TRP B 918 -1.25 20.30 18.22
CA TRP B 918 -1.30 21.11 19.46
C TRP B 918 -0.35 22.31 19.39
N ASP B 919 0.78 22.10 18.72
CA ASP B 919 1.83 23.10 18.64
C ASP B 919 2.39 23.43 20.03
N ILE B 920 2.74 22.39 20.79
CA ILE B 920 3.44 22.54 22.07
C ILE B 920 4.89 22.07 21.92
N SER B 921 5.76 22.54 22.81
CA SER B 921 7.16 22.09 22.87
C SER B 921 7.41 21.41 24.19
N PRO B 922 8.54 20.68 24.31
CA PRO B 922 8.85 20.13 25.62
C PRO B 922 9.32 21.21 26.60
N VAL B 923 9.12 20.96 27.90
CA VAL B 923 9.62 21.82 28.96
C VAL B 923 10.49 20.96 29.87
N ILE B 924 11.79 21.20 29.87
CA ILE B 924 12.70 20.45 30.75
C ILE B 924 13.08 21.33 31.93
N MET B 925 12.84 20.81 33.13
CA MET B 925 13.22 21.48 34.37
C MET B 925 14.73 21.38 34.51
N PRO B 926 15.38 22.41 35.09
CA PRO B 926 16.85 22.41 35.11
C PRO B 926 17.47 21.21 35.85
N THR B 927 17.04 20.82 36.93
#